data_1MOH
# 
_entry.id   1MOH 
# 
_audit_conform.dict_name       mmcif_pdbx.dic 
_audit_conform.dict_version    5.386 
_audit_conform.dict_location   http://mmcif.pdb.org/dictionaries/ascii/mmcif_pdbx.dic 
# 
loop_
_database_2.database_id 
_database_2.database_code 
_database_2.pdbx_database_accession 
_database_2.pdbx_DOI 
PDB   1MOH         pdb_00001moh 10.2210/pdb1moh/pdb 
WWPDB D_1000175100 ?            ?                   
# 
loop_
_pdbx_audit_revision_history.ordinal 
_pdbx_audit_revision_history.data_content_type 
_pdbx_audit_revision_history.major_revision 
_pdbx_audit_revision_history.minor_revision 
_pdbx_audit_revision_history.revision_date 
1 'Structure model' 1 0 1996-08-01 
2 'Structure model' 1 1 2008-03-24 
3 'Structure model' 1 2 2011-07-13 
4 'Structure model' 1 3 2024-02-14 
# 
_pdbx_audit_revision_details.ordinal             1 
_pdbx_audit_revision_details.revision_ordinal    1 
_pdbx_audit_revision_details.data_content_type   'Structure model' 
_pdbx_audit_revision_details.provider            repository 
_pdbx_audit_revision_details.type                'Initial release' 
_pdbx_audit_revision_details.description         ? 
_pdbx_audit_revision_details.details             ? 
# 
loop_
_pdbx_audit_revision_group.ordinal 
_pdbx_audit_revision_group.revision_ordinal 
_pdbx_audit_revision_group.data_content_type 
_pdbx_audit_revision_group.group 
1 2 'Structure model' 'Version format compliance' 
2 3 'Structure model' 'Version format compliance' 
3 4 'Structure model' 'Data collection'           
4 4 'Structure model' 'Database references'       
5 4 'Structure model' 'Derived calculations'      
6 4 'Structure model' Other                       
# 
loop_
_pdbx_audit_revision_category.ordinal 
_pdbx_audit_revision_category.revision_ordinal 
_pdbx_audit_revision_category.data_content_type 
_pdbx_audit_revision_category.category 
1 4 'Structure model' chem_comp_atom       
2 4 'Structure model' chem_comp_bond       
3 4 'Structure model' database_2           
4 4 'Structure model' pdbx_database_status 
5 4 'Structure model' struct_conn          
6 4 'Structure model' struct_site          
# 
loop_
_pdbx_audit_revision_item.ordinal 
_pdbx_audit_revision_item.revision_ordinal 
_pdbx_audit_revision_item.data_content_type 
_pdbx_audit_revision_item.item 
1  4 'Structure model' '_database_2.pdbx_DOI'                
2  4 'Structure model' '_database_2.pdbx_database_accession' 
3  4 'Structure model' '_pdbx_database_status.process_site'  
4  4 'Structure model' '_struct_conn.ptnr1_auth_comp_id'     
5  4 'Structure model' '_struct_conn.ptnr1_auth_seq_id'      
6  4 'Structure model' '_struct_conn.ptnr1_label_asym_id'    
7  4 'Structure model' '_struct_conn.ptnr1_label_atom_id'    
8  4 'Structure model' '_struct_conn.ptnr1_label_comp_id'    
9  4 'Structure model' '_struct_conn.ptnr1_label_seq_id'     
10 4 'Structure model' '_struct_conn.ptnr2_auth_comp_id'     
11 4 'Structure model' '_struct_conn.ptnr2_auth_seq_id'      
12 4 'Structure model' '_struct_conn.ptnr2_label_asym_id'    
13 4 'Structure model' '_struct_conn.ptnr2_label_atom_id'    
14 4 'Structure model' '_struct_conn.ptnr2_label_comp_id'    
15 4 'Structure model' '_struct_conn.ptnr2_label_seq_id'     
16 4 'Structure model' '_struct_site.pdbx_auth_asym_id'      
17 4 'Structure model' '_struct_site.pdbx_auth_comp_id'      
18 4 'Structure model' '_struct_site.pdbx_auth_seq_id'       
# 
_pdbx_database_status.status_code                     REL 
_pdbx_database_status.entry_id                        1MOH 
_pdbx_database_status.recvd_initial_deposition_date   1996-02-27 
_pdbx_database_status.deposit_site                    ? 
_pdbx_database_status.process_site                    BNL 
_pdbx_database_status.SG_entry                        . 
_pdbx_database_status.pdb_format_compatible           Y 
_pdbx_database_status.status_code_mr                  ? 
_pdbx_database_status.status_code_sf                  ? 
_pdbx_database_status.status_code_cs                  ? 
_pdbx_database_status.status_code_nmr_data            ? 
_pdbx_database_status.methods_development_category    ? 
# 
loop_
_audit_author.name 
_audit_author.pdbx_ordinal 
'Rizzi, M.'        1 
'Wittenberg, J.B.' 2 
'Ascenzi, P.'      3 
'Bolognesi, M.'    4 
# 
loop_
_citation.id 
_citation.title 
_citation.journal_abbrev 
_citation.journal_volume 
_citation.page_first 
_citation.page_last 
_citation.year 
_citation.journal_id_ASTM 
_citation.country 
_citation.journal_id_ISSN 
_citation.journal_id_CSD 
_citation.book_publisher 
_citation.pdbx_database_id_PubMed 
_citation.pdbx_database_id_DOI 
primary 'Structural bases for sulfide recognition in Lucina pectinata hemoglobin I.' J.Mol.Biol. 258 1  5 1996 JMOBAK UK 0022-2836 
0070 ? 8613980 10.1006/jmbi.1996.0228 
1       
'Structure of the Sulfide-Reactive Hemoglobin from the Clam Lucina Pectinata. Crystallographic Analysis at 1.5 A Resolution' 
J.Mol.Biol. 244 86 ? 1994 JMOBAK UK 0022-2836 0070 ? ?       ?                      
# 
loop_
_citation_author.citation_id 
_citation_author.name 
_citation_author.ordinal 
_citation_author.identifier_ORCID 
primary 'Rizzi, M.'        1  ? 
primary 'Wittenberg, J.B.' 2  ? 
primary 'Coda, A.'         3  ? 
primary 'Ascenzi, P.'      4  ? 
primary 'Bolognesi, M.'    5  ? 
1       'Rizzi, M.'        6  ? 
1       'Wittenberg, J.B.' 7  ? 
1       'Coda, A.'         8  ? 
1       'Fasano, M.'       9  ? 
1       'Ascenzi, P.'      10 ? 
1       'Bolognesi, M.'    11 ? 
# 
loop_
_entity.id 
_entity.type 
_entity.src_method 
_entity.pdbx_description 
_entity.formula_weight 
_entity.pdbx_number_of_molecules 
_entity.pdbx_ec 
_entity.pdbx_mutation 
_entity.pdbx_fragment 
_entity.details 
1 polymer     nat 'MONOMERIC HEMOGLOBIN I'          14759.440 1  ? ? ? 'SULFIDE ADDUCT' 
2 non-polymer syn 'PROTOPORPHYRIN IX CONTAINING FE' 616.487   1  ? ? ? ?                
3 non-polymer syn 'HYDROSULFURIC ACID'              34.081    1  ? ? ? ?                
4 water       nat water                             18.015    97 ? ? ? ?                
# 
_entity_poly.entity_id                      1 
_entity_poly.type                           'polypeptide(L)' 
_entity_poly.nstd_linkage                   no 
_entity_poly.nstd_monomer                   no 
_entity_poly.pdbx_seq_one_letter_code       
;SLEAAQKSNVTSSWAKASAAWGTAGPEFFMALFDAHDDVFAKFSGLFSGAAKGTVKNTPEMAAQAQSFKGLVSNWVDNLD
NAGALEGQCKTFAANHKARGISAGQLEAAFKVLSGFMKSYGGDEGAWTAVAGALMGEIEPDM
;
_entity_poly.pdbx_seq_one_letter_code_can   
;SLEAAQKSNVTSSWAKASAAWGTAGPEFFMALFDAHDDVFAKFSGLFSGAAKGTVKNTPEMAAQAQSFKGLVSNWVDNLD
NAGALEGQCKTFAANHKARGISAGQLEAAFKVLSGFMKSYGGDEGAWTAVAGALMGEIEPDM
;
_entity_poly.pdbx_strand_id                 A 
_entity_poly.pdbx_target_identifier         ? 
# 
loop_
_pdbx_entity_nonpoly.entity_id 
_pdbx_entity_nonpoly.name 
_pdbx_entity_nonpoly.comp_id 
2 'PROTOPORPHYRIN IX CONTAINING FE' HEM 
3 'HYDROSULFURIC ACID'              H2S 
4 water                             HOH 
# 
loop_
_entity_poly_seq.entity_id 
_entity_poly_seq.num 
_entity_poly_seq.mon_id 
_entity_poly_seq.hetero 
1 1   SER n 
1 2   LEU n 
1 3   GLU n 
1 4   ALA n 
1 5   ALA n 
1 6   GLN n 
1 7   LYS n 
1 8   SER n 
1 9   ASN n 
1 10  VAL n 
1 11  THR n 
1 12  SER n 
1 13  SER n 
1 14  TRP n 
1 15  ALA n 
1 16  LYS n 
1 17  ALA n 
1 18  SER n 
1 19  ALA n 
1 20  ALA n 
1 21  TRP n 
1 22  GLY n 
1 23  THR n 
1 24  ALA n 
1 25  GLY n 
1 26  PRO n 
1 27  GLU n 
1 28  PHE n 
1 29  PHE n 
1 30  MET n 
1 31  ALA n 
1 32  LEU n 
1 33  PHE n 
1 34  ASP n 
1 35  ALA n 
1 36  HIS n 
1 37  ASP n 
1 38  ASP n 
1 39  VAL n 
1 40  PHE n 
1 41  ALA n 
1 42  LYS n 
1 43  PHE n 
1 44  SER n 
1 45  GLY n 
1 46  LEU n 
1 47  PHE n 
1 48  SER n 
1 49  GLY n 
1 50  ALA n 
1 51  ALA n 
1 52  LYS n 
1 53  GLY n 
1 54  THR n 
1 55  VAL n 
1 56  LYS n 
1 57  ASN n 
1 58  THR n 
1 59  PRO n 
1 60  GLU n 
1 61  MET n 
1 62  ALA n 
1 63  ALA n 
1 64  GLN n 
1 65  ALA n 
1 66  GLN n 
1 67  SER n 
1 68  PHE n 
1 69  LYS n 
1 70  GLY n 
1 71  LEU n 
1 72  VAL n 
1 73  SER n 
1 74  ASN n 
1 75  TRP n 
1 76  VAL n 
1 77  ASP n 
1 78  ASN n 
1 79  LEU n 
1 80  ASP n 
1 81  ASN n 
1 82  ALA n 
1 83  GLY n 
1 84  ALA n 
1 85  LEU n 
1 86  GLU n 
1 87  GLY n 
1 88  GLN n 
1 89  CYS n 
1 90  LYS n 
1 91  THR n 
1 92  PHE n 
1 93  ALA n 
1 94  ALA n 
1 95  ASN n 
1 96  HIS n 
1 97  LYS n 
1 98  ALA n 
1 99  ARG n 
1 100 GLY n 
1 101 ILE n 
1 102 SER n 
1 103 ALA n 
1 104 GLY n 
1 105 GLN n 
1 106 LEU n 
1 107 GLU n 
1 108 ALA n 
1 109 ALA n 
1 110 PHE n 
1 111 LYS n 
1 112 VAL n 
1 113 LEU n 
1 114 SER n 
1 115 GLY n 
1 116 PHE n 
1 117 MET n 
1 118 LYS n 
1 119 SER n 
1 120 TYR n 
1 121 GLY n 
1 122 GLY n 
1 123 ASP n 
1 124 GLU n 
1 125 GLY n 
1 126 ALA n 
1 127 TRP n 
1 128 THR n 
1 129 ALA n 
1 130 VAL n 
1 131 ALA n 
1 132 GLY n 
1 133 ALA n 
1 134 LEU n 
1 135 MET n 
1 136 GLY n 
1 137 GLU n 
1 138 ILE n 
1 139 GLU n 
1 140 PRO n 
1 141 ASP n 
1 142 MET n 
# 
_entity_src_nat.entity_id                  1 
_entity_src_nat.pdbx_src_id                1 
_entity_src_nat.pdbx_alt_source_flag       sample 
_entity_src_nat.pdbx_beg_seq_num           ? 
_entity_src_nat.pdbx_end_seq_num           ? 
_entity_src_nat.common_name                ? 
_entity_src_nat.pdbx_organism_scientific   'Lucina pectinata' 
_entity_src_nat.pdbx_ncbi_taxonomy_id      29163 
_entity_src_nat.genus                      Lucina 
_entity_src_nat.species                    ? 
_entity_src_nat.strain                     ? 
_entity_src_nat.tissue                     ? 
_entity_src_nat.tissue_fraction            ? 
_entity_src_nat.pdbx_secretion             ? 
_entity_src_nat.pdbx_fragment              ? 
_entity_src_nat.pdbx_variant               ? 
_entity_src_nat.pdbx_cell_line             ? 
_entity_src_nat.pdbx_atcc                  ? 
_entity_src_nat.pdbx_cellular_location     ? 
_entity_src_nat.pdbx_organ                 ? 
_entity_src_nat.pdbx_organelle             ? 
_entity_src_nat.pdbx_cell                  ? 
_entity_src_nat.pdbx_plasmid_name          ? 
_entity_src_nat.pdbx_plasmid_details       ? 
_entity_src_nat.details                    ? 
# 
loop_
_chem_comp.id 
_chem_comp.type 
_chem_comp.mon_nstd_flag 
_chem_comp.name 
_chem_comp.pdbx_synonyms 
_chem_comp.formula 
_chem_comp.formula_weight 
ALA 'L-peptide linking' y ALANINE                           ?                  'C3 H7 N O2'       89.093  
ARG 'L-peptide linking' y ARGININE                          ?                  'C6 H15 N4 O2 1'   175.209 
ASN 'L-peptide linking' y ASPARAGINE                        ?                  'C4 H8 N2 O3'      132.118 
ASP 'L-peptide linking' y 'ASPARTIC ACID'                   ?                  'C4 H7 N O4'       133.103 
CYS 'L-peptide linking' y CYSTEINE                          ?                  'C3 H7 N O2 S'     121.158 
GLN 'L-peptide linking' y GLUTAMINE                         ?                  'C5 H10 N2 O3'     146.144 
GLU 'L-peptide linking' y 'GLUTAMIC ACID'                   ?                  'C5 H9 N O4'       147.129 
GLY 'peptide linking'   y GLYCINE                           ?                  'C2 H5 N O2'       75.067  
H2S non-polymer         . 'HYDROSULFURIC ACID'              'HYDROGEN SULFIDE' 'H2 S'             34.081  
HEM non-polymer         . 'PROTOPORPHYRIN IX CONTAINING FE' HEME               'C34 H32 Fe N4 O4' 616.487 
HIS 'L-peptide linking' y HISTIDINE                         ?                  'C6 H10 N3 O2 1'   156.162 
HOH non-polymer         . WATER                             ?                  'H2 O'             18.015  
ILE 'L-peptide linking' y ISOLEUCINE                        ?                  'C6 H13 N O2'      131.173 
LEU 'L-peptide linking' y LEUCINE                           ?                  'C6 H13 N O2'      131.173 
LYS 'L-peptide linking' y LYSINE                            ?                  'C6 H15 N2 O2 1'   147.195 
MET 'L-peptide linking' y METHIONINE                        ?                  'C5 H11 N O2 S'    149.211 
PHE 'L-peptide linking' y PHENYLALANINE                     ?                  'C9 H11 N O2'      165.189 
PRO 'L-peptide linking' y PROLINE                           ?                  'C5 H9 N O2'       115.130 
SER 'L-peptide linking' y SERINE                            ?                  'C3 H7 N O3'       105.093 
THR 'L-peptide linking' y THREONINE                         ?                  'C4 H9 N O3'       119.119 
TRP 'L-peptide linking' y TRYPTOPHAN                        ?                  'C11 H12 N2 O2'    204.225 
TYR 'L-peptide linking' y TYROSINE                          ?                  'C9 H11 N O3'      181.189 
VAL 'L-peptide linking' y VALINE                            ?                  'C5 H11 N O2'      117.146 
# 
loop_
_pdbx_poly_seq_scheme.asym_id 
_pdbx_poly_seq_scheme.entity_id 
_pdbx_poly_seq_scheme.seq_id 
_pdbx_poly_seq_scheme.mon_id 
_pdbx_poly_seq_scheme.ndb_seq_num 
_pdbx_poly_seq_scheme.pdb_seq_num 
_pdbx_poly_seq_scheme.auth_seq_num 
_pdbx_poly_seq_scheme.pdb_mon_id 
_pdbx_poly_seq_scheme.auth_mon_id 
_pdbx_poly_seq_scheme.pdb_strand_id 
_pdbx_poly_seq_scheme.pdb_ins_code 
_pdbx_poly_seq_scheme.hetero 
A 1 1   SER 1   1   1   SER SER A . n 
A 1 2   LEU 2   2   2   LEU LEU A . n 
A 1 3   GLU 3   3   3   GLU GLU A . n 
A 1 4   ALA 4   4   4   ALA ALA A . n 
A 1 5   ALA 5   5   5   ALA ALA A . n 
A 1 6   GLN 6   6   6   GLN GLN A . n 
A 1 7   LYS 7   7   7   LYS LYS A . n 
A 1 8   SER 8   8   8   SER SER A . n 
A 1 9   ASN 9   9   9   ASN ASN A . n 
A 1 10  VAL 10  10  10  VAL VAL A . n 
A 1 11  THR 11  11  11  THR THR A . n 
A 1 12  SER 12  12  12  SER SER A . n 
A 1 13  SER 13  13  13  SER SER A . n 
A 1 14  TRP 14  14  14  TRP TRP A . n 
A 1 15  ALA 15  15  15  ALA ALA A . n 
A 1 16  LYS 16  16  16  LYS LYS A . n 
A 1 17  ALA 17  17  17  ALA ALA A . n 
A 1 18  SER 18  18  18  SER SER A . n 
A 1 19  ALA 19  19  19  ALA ALA A . n 
A 1 20  ALA 20  20  20  ALA ALA A . n 
A 1 21  TRP 21  21  21  TRP TRP A . n 
A 1 22  GLY 22  22  22  GLY GLY A . n 
A 1 23  THR 23  23  23  THR THR A . n 
A 1 24  ALA 24  24  24  ALA ALA A . n 
A 1 25  GLY 25  25  25  GLY GLY A . n 
A 1 26  PRO 26  26  26  PRO PRO A . n 
A 1 27  GLU 27  27  27  GLU GLU A . n 
A 1 28  PHE 28  28  28  PHE PHE A . n 
A 1 29  PHE 29  29  29  PHE PHE A . n 
A 1 30  MET 30  30  30  MET MET A . n 
A 1 31  ALA 31  31  31  ALA ALA A . n 
A 1 32  LEU 32  32  32  LEU LEU A . n 
A 1 33  PHE 33  33  33  PHE PHE A . n 
A 1 34  ASP 34  34  34  ASP ASP A . n 
A 1 35  ALA 35  35  35  ALA ALA A . n 
A 1 36  HIS 36  36  36  HIS HIS A . n 
A 1 37  ASP 37  37  37  ASP ASP A . n 
A 1 38  ASP 38  38  38  ASP ASP A . n 
A 1 39  VAL 39  39  39  VAL VAL A . n 
A 1 40  PHE 40  40  40  PHE PHE A . n 
A 1 41  ALA 41  41  41  ALA ALA A . n 
A 1 42  LYS 42  42  42  LYS LYS A . n 
A 1 43  PHE 43  43  43  PHE PHE A . n 
A 1 44  SER 44  44  44  SER SER A . n 
A 1 45  GLY 45  45  45  GLY GLY A . n 
A 1 46  LEU 46  46  46  LEU LEU A . n 
A 1 47  PHE 47  47  47  PHE PHE A . n 
A 1 48  SER 48  48  48  SER SER A . n 
A 1 49  GLY 49  49  49  GLY GLY A . n 
A 1 50  ALA 50  50  50  ALA ALA A . n 
A 1 51  ALA 51  51  51  ALA ALA A . n 
A 1 52  LYS 52  52  52  LYS LYS A . n 
A 1 53  GLY 53  53  53  GLY GLY A . n 
A 1 54  THR 54  54  54  THR THR A . n 
A 1 55  VAL 55  55  55  VAL VAL A . n 
A 1 56  LYS 56  56  56  LYS LYS A . n 
A 1 57  ASN 57  57  57  ASN ASN A . n 
A 1 58  THR 58  58  58  THR THR A . n 
A 1 59  PRO 59  59  59  PRO PRO A . n 
A 1 60  GLU 60  60  60  GLU GLU A . n 
A 1 61  MET 61  61  61  MET MET A . n 
A 1 62  ALA 62  62  62  ALA ALA A . n 
A 1 63  ALA 63  63  63  ALA ALA A . n 
A 1 64  GLN 64  64  64  GLN GLN A . n 
A 1 65  ALA 65  65  65  ALA ALA A . n 
A 1 66  GLN 66  66  66  GLN GLN A . n 
A 1 67  SER 67  67  67  SER SER A . n 
A 1 68  PHE 68  68  68  PHE PHE A . n 
A 1 69  LYS 69  69  69  LYS LYS A . n 
A 1 70  GLY 70  70  70  GLY GLY A . n 
A 1 71  LEU 71  71  71  LEU LEU A . n 
A 1 72  VAL 72  72  72  VAL VAL A . n 
A 1 73  SER 73  73  73  SER SER A . n 
A 1 74  ASN 74  74  74  ASN ASN A . n 
A 1 75  TRP 75  75  75  TRP TRP A . n 
A 1 76  VAL 76  76  76  VAL VAL A . n 
A 1 77  ASP 77  77  77  ASP ASP A . n 
A 1 78  ASN 78  78  78  ASN ASN A . n 
A 1 79  LEU 79  79  79  LEU LEU A . n 
A 1 80  ASP 80  80  80  ASP ASP A . n 
A 1 81  ASN 81  81  81  ASN ASN A . n 
A 1 82  ALA 82  82  82  ALA ALA A . n 
A 1 83  GLY 83  83  83  GLY GLY A . n 
A 1 84  ALA 84  84  84  ALA ALA A . n 
A 1 85  LEU 85  85  85  LEU LEU A . n 
A 1 86  GLU 86  86  86  GLU GLU A . n 
A 1 87  GLY 87  87  87  GLY GLY A . n 
A 1 88  GLN 88  88  88  GLN GLN A . n 
A 1 89  CYS 89  89  89  CYS CYS A . n 
A 1 90  LYS 90  90  90  LYS LYS A . n 
A 1 91  THR 91  91  91  THR THR A . n 
A 1 92  PHE 92  92  92  PHE PHE A . n 
A 1 93  ALA 93  93  93  ALA ALA A . n 
A 1 94  ALA 94  94  94  ALA ALA A . n 
A 1 95  ASN 95  95  95  ASN ASN A . n 
A 1 96  HIS 96  96  96  HIS HIS A . n 
A 1 97  LYS 97  97  97  LYS LYS A . n 
A 1 98  ALA 98  98  98  ALA ALA A . n 
A 1 99  ARG 99  99  99  ARG ARG A . n 
A 1 100 GLY 100 100 100 GLY GLY A . n 
A 1 101 ILE 101 101 101 ILE ILE A . n 
A 1 102 SER 102 102 102 SER SER A . n 
A 1 103 ALA 103 103 103 ALA ALA A . n 
A 1 104 GLY 104 104 104 GLY GLY A . n 
A 1 105 GLN 105 105 105 GLN GLN A . n 
A 1 106 LEU 106 106 106 LEU LEU A . n 
A 1 107 GLU 107 107 107 GLU GLU A . n 
A 1 108 ALA 108 108 108 ALA ALA A . n 
A 1 109 ALA 109 109 109 ALA ALA A . n 
A 1 110 PHE 110 110 110 PHE PHE A . n 
A 1 111 LYS 111 111 111 LYS LYS A . n 
A 1 112 VAL 112 112 112 VAL VAL A . n 
A 1 113 LEU 113 113 113 LEU LEU A . n 
A 1 114 SER 114 114 114 SER SER A . n 
A 1 115 GLY 115 115 115 GLY GLY A . n 
A 1 116 PHE 116 116 116 PHE PHE A . n 
A 1 117 MET 117 117 117 MET MET A . n 
A 1 118 LYS 118 118 118 LYS LYS A . n 
A 1 119 SER 119 119 119 SER SER A . n 
A 1 120 TYR 120 120 120 TYR TYR A . n 
A 1 121 GLY 121 121 121 GLY GLY A . n 
A 1 122 GLY 122 122 122 GLY GLY A . n 
A 1 123 ASP 123 123 123 ASP ASP A . n 
A 1 124 GLU 124 124 124 GLU GLU A . n 
A 1 125 GLY 125 125 125 GLY GLY A . n 
A 1 126 ALA 126 126 126 ALA ALA A . n 
A 1 127 TRP 127 127 127 TRP TRP A . n 
A 1 128 THR 128 128 128 THR THR A . n 
A 1 129 ALA 129 129 129 ALA ALA A . n 
A 1 130 VAL 130 130 130 VAL VAL A . n 
A 1 131 ALA 131 131 131 ALA ALA A . n 
A 1 132 GLY 132 132 132 GLY GLY A . n 
A 1 133 ALA 133 133 133 ALA ALA A . n 
A 1 134 LEU 134 134 134 LEU LEU A . n 
A 1 135 MET 135 135 135 MET MET A . n 
A 1 136 GLY 136 136 136 GLY GLY A . n 
A 1 137 GLU 137 137 137 GLU GLU A . n 
A 1 138 ILE 138 138 138 ILE ILE A . n 
A 1 139 GLU 139 139 139 GLU GLU A . n 
A 1 140 PRO 140 140 140 PRO PRO A . n 
A 1 141 ASP 141 141 141 ASP ASP A . n 
A 1 142 MET 142 142 142 MET MET A . n 
# 
loop_
_pdbx_nonpoly_scheme.asym_id 
_pdbx_nonpoly_scheme.entity_id 
_pdbx_nonpoly_scheme.mon_id 
_pdbx_nonpoly_scheme.ndb_seq_num 
_pdbx_nonpoly_scheme.pdb_seq_num 
_pdbx_nonpoly_scheme.auth_seq_num 
_pdbx_nonpoly_scheme.pdb_mon_id 
_pdbx_nonpoly_scheme.auth_mon_id 
_pdbx_nonpoly_scheme.pdb_strand_id 
_pdbx_nonpoly_scheme.pdb_ins_code 
B 2 HEM 1  143  143  HEM HEM A . 
C 3 H2S 1  1154 1154 H2S H2S A . 
D 4 HOH 1  1002 1002 HOH HOH A . 
D 4 HOH 2  1003 1003 HOH HOH A . 
D 4 HOH 3  1004 1004 HOH HOH A . 
D 4 HOH 4  1005 1005 HOH HOH A . 
D 4 HOH 5  1006 1006 HOH HOH A . 
D 4 HOH 6  1007 1007 HOH HOH A . 
D 4 HOH 7  1008 1008 HOH HOH A . 
D 4 HOH 8  1009 1009 HOH HOH A . 
D 4 HOH 9  1010 1010 HOH HOH A . 
D 4 HOH 10 1011 1011 HOH HOH A . 
D 4 HOH 11 1012 1012 HOH HOH A . 
D 4 HOH 12 1013 1013 HOH HOH A . 
D 4 HOH 13 1014 1014 HOH HOH A . 
D 4 HOH 14 1015 1015 HOH HOH A . 
D 4 HOH 15 1016 1016 HOH HOH A . 
D 4 HOH 16 1018 1018 HOH HOH A . 
D 4 HOH 17 1019 1019 HOH HOH A . 
D 4 HOH 18 1020 1020 HOH HOH A . 
D 4 HOH 19 1021 1021 HOH HOH A . 
D 4 HOH 20 1022 1022 HOH HOH A . 
D 4 HOH 21 1023 1023 HOH HOH A . 
D 4 HOH 22 1024 1024 HOH HOH A . 
D 4 HOH 23 1025 1025 HOH HOH A . 
D 4 HOH 24 1026 1026 HOH HOH A . 
D 4 HOH 25 1027 1027 HOH HOH A . 
D 4 HOH 26 1028 1028 HOH HOH A . 
D 4 HOH 27 1030 1030 HOH HOH A . 
D 4 HOH 28 1032 1032 HOH HOH A . 
D 4 HOH 29 1033 1033 HOH HOH A . 
D 4 HOH 30 1034 1034 HOH HOH A . 
D 4 HOH 31 1035 1035 HOH HOH A . 
D 4 HOH 32 1039 1039 HOH HOH A . 
D 4 HOH 33 1040 1040 HOH HOH A . 
D 4 HOH 34 1042 1042 HOH HOH A . 
D 4 HOH 35 1044 1044 HOH HOH A . 
D 4 HOH 36 1045 1045 HOH HOH A . 
D 4 HOH 37 1046 1046 HOH HOH A . 
D 4 HOH 38 1047 1047 HOH HOH A . 
D 4 HOH 39 1048 1048 HOH HOH A . 
D 4 HOH 40 1049 1049 HOH HOH A . 
D 4 HOH 41 1052 1052 HOH HOH A . 
D 4 HOH 42 1053 1053 HOH HOH A . 
D 4 HOH 43 1054 1054 HOH HOH A . 
D 4 HOH 44 1056 1056 HOH HOH A . 
D 4 HOH 45 1058 1058 HOH HOH A . 
D 4 HOH 46 1060 1060 HOH HOH A . 
D 4 HOH 47 1062 1062 HOH HOH A . 
D 4 HOH 48 1063 1063 HOH HOH A . 
D 4 HOH 49 1064 1064 HOH HOH A . 
D 4 HOH 50 1065 1065 HOH HOH A . 
D 4 HOH 51 1066 1066 HOH HOH A . 
D 4 HOH 52 1069 1069 HOH HOH A . 
D 4 HOH 53 1070 1070 HOH HOH A . 
D 4 HOH 54 1072 1072 HOH HOH A . 
D 4 HOH 55 1073 1073 HOH HOH A . 
D 4 HOH 56 1074 1074 HOH HOH A . 
D 4 HOH 57 1075 1075 HOH HOH A . 
D 4 HOH 58 1077 1077 HOH HOH A . 
D 4 HOH 59 1081 1081 HOH HOH A . 
D 4 HOH 60 1084 1084 HOH HOH A . 
D 4 HOH 61 1085 1085 HOH HOH A . 
D 4 HOH 62 1089 1089 HOH HOH A . 
D 4 HOH 63 1092 1092 HOH HOH A . 
D 4 HOH 64 1093 1093 HOH HOH A . 
D 4 HOH 65 1095 1095 HOH HOH A . 
D 4 HOH 66 1096 1096 HOH HOH A . 
D 4 HOH 67 1100 1100 HOH HOH A . 
D 4 HOH 68 1101 1101 HOH HOH A . 
D 4 HOH 69 1108 1108 HOH HOH A . 
D 4 HOH 70 1109 1109 HOH HOH A . 
D 4 HOH 71 1110 1110 HOH HOH A . 
D 4 HOH 72 1112 1112 HOH HOH A . 
D 4 HOH 73 1114 1114 HOH HOH A . 
D 4 HOH 74 1116 1116 HOH HOH A . 
D 4 HOH 75 1119 1119 HOH HOH A . 
D 4 HOH 76 1121 1121 HOH HOH A . 
D 4 HOH 77 1122 1122 HOH HOH A . 
D 4 HOH 78 1123 1123 HOH HOH A . 
D 4 HOH 79 1124 1124 HOH HOH A . 
D 4 HOH 80 1126 1126 HOH HOH A . 
D 4 HOH 81 1128 1128 HOH HOH A . 
D 4 HOH 82 1131 1131 HOH HOH A . 
D 4 HOH 83 1133 1133 HOH HOH A . 
D 4 HOH 84 1135 1135 HOH HOH A . 
D 4 HOH 85 1139 1139 HOH HOH A . 
D 4 HOH 86 1140 1140 HOH HOH A . 
D 4 HOH 87 1141 1141 HOH HOH A . 
D 4 HOH 88 1142 1142 HOH HOH A . 
D 4 HOH 89 1143 1143 HOH HOH A . 
D 4 HOH 90 1144 1144 HOH HOH A . 
D 4 HOH 91 1145 1145 HOH HOH A . 
D 4 HOH 92 1146 1146 HOH HOH A . 
D 4 HOH 93 1148 1148 HOH HOH A . 
D 4 HOH 94 1149 1149 HOH HOH A . 
D 4 HOH 95 1151 1151 HOH HOH A . 
D 4 HOH 96 1152 1152 HOH HOH A . 
D 4 HOH 97 1153 1153 HOH HOH A . 
# 
loop_
_software.name 
_software.classification 
_software.version 
_software.citation_id 
_software.pdbx_ordinal 
TNT    refinement       . ? 1 
MOSFLM 'data reduction' . ? 2 
# 
_cell.entry_id           1MOH 
_cell.length_a           50.550 
_cell.length_b           38.790 
_cell.length_c           42.510 
_cell.angle_alpha        90.00 
_cell.angle_beta         106.93 
_cell.angle_gamma        90.00 
_cell.Z_PDB              2 
_cell.pdbx_unique_axis   ? 
# 
_symmetry.entry_id                         1MOH 
_symmetry.space_group_name_H-M             'P 1 21 1' 
_symmetry.pdbx_full_space_group_name_H-M   ? 
_symmetry.cell_setting                     ? 
_symmetry.Int_Tables_number                4 
# 
_exptl.entry_id          1MOH 
_exptl.method            'X-RAY DIFFRACTION' 
_exptl.crystals_number   ? 
# 
_exptl_crystal.id                    1 
_exptl_crystal.density_meas          ? 
_exptl_crystal.density_Matthews      2.70 
_exptl_crystal.density_percent_sol   54.46 
_exptl_crystal.description           ? 
# 
_diffrn.id                     1 
_diffrn.ambient_temp           ? 
_diffrn.ambient_temp_details   ? 
_diffrn.crystal_id             1 
# 
_diffrn_detector.diffrn_id              1 
_diffrn_detector.detector               'IMAGE PLATE' 
_diffrn_detector.type                   RIGAKU 
_diffrn_detector.pdbx_collection_date   1995-12-14 
_diffrn_detector.details                ? 
# 
_diffrn_radiation.diffrn_id                        1 
_diffrn_radiation.wavelength_id                    1 
_diffrn_radiation.pdbx_monochromatic_or_laue_m_l   M 
_diffrn_radiation.monochromator                    ? 
_diffrn_radiation.pdbx_diffrn_protocol             ? 
_diffrn_radiation.pdbx_scattering_type             x-ray 
# 
_diffrn_radiation_wavelength.id           1 
_diffrn_radiation_wavelength.wavelength   1.5418 
_diffrn_radiation_wavelength.wt           1.0 
# 
_diffrn_source.diffrn_id                   1 
_diffrn_source.source                      ? 
_diffrn_source.type                        ? 
_diffrn_source.pdbx_synchrotron_site       ? 
_diffrn_source.pdbx_synchrotron_beamline   ? 
_diffrn_source.pdbx_wavelength             1.5418 
_diffrn_source.pdbx_wavelength_list        ? 
# 
_reflns.entry_id                     1MOH 
_reflns.observed_criterion_sigma_I   0.0 
_reflns.observed_criterion_sigma_F   ? 
_reflns.d_resolution_low             ? 
_reflns.d_resolution_high            ? 
_reflns.number_obs                   12135 
_reflns.number_all                   ? 
_reflns.percent_possible_obs         94. 
_reflns.pdbx_Rmerge_I_obs            0.0800000 
_reflns.pdbx_Rsym_value              ? 
_reflns.pdbx_netI_over_sigmaI        ? 
_reflns.B_iso_Wilson_estimate        ? 
_reflns.pdbx_redundancy              2.4 
_reflns.pdbx_diffrn_id               1 
_reflns.pdbx_ordinal                 1 
# 
_refine.entry_id                                 1MOH 
_refine.ls_number_reflns_obs                     12135 
_refine.ls_number_reflns_all                     ? 
_refine.pdbx_ls_sigma_I                          ? 
_refine.pdbx_ls_sigma_F                          0.0 
_refine.pdbx_data_cutoff_high_absF               ? 
_refine.pdbx_data_cutoff_low_absF                ? 
_refine.pdbx_data_cutoff_high_rms_absF           ? 
_refine.ls_d_res_low                             15.0 
_refine.ls_d_res_high                            1.9 
_refine.ls_percent_reflns_obs                    ? 
_refine.ls_R_factor_obs                          ? 
_refine.ls_R_factor_all                          ? 
_refine.ls_R_factor_R_work                       ? 
_refine.ls_R_factor_R_free                       ? 
_refine.ls_R_factor_R_free_error                 ? 
_refine.ls_R_factor_R_free_error_details         ? 
_refine.ls_percent_reflns_R_free                 ? 
_refine.ls_number_reflns_R_free                  ? 
_refine.ls_number_parameters                     ? 
_refine.ls_number_restraints                     ? 
_refine.occupancy_min                            ? 
_refine.occupancy_max                            ? 
_refine.B_iso_mean                               ? 
_refine.aniso_B[1][1]                            ? 
_refine.aniso_B[2][2]                            ? 
_refine.aniso_B[3][3]                            ? 
_refine.aniso_B[1][2]                            ? 
_refine.aniso_B[1][3]                            ? 
_refine.aniso_B[2][3]                            ? 
_refine.solvent_model_details                    ? 
_refine.solvent_model_param_ksol                 ? 
_refine.solvent_model_param_bsol                 ? 
_refine.pdbx_ls_cross_valid_method               ? 
_refine.details                                  ? 
_refine.pdbx_starting_model                      ? 
_refine.pdbx_method_to_determine_struct          ? 
_refine.pdbx_isotropic_thermal_model             ? 
_refine.pdbx_stereochemistry_target_values       ? 
_refine.pdbx_stereochem_target_val_spec_case     ? 
_refine.pdbx_R_Free_selection_details            ? 
_refine.pdbx_overall_ESU_R                       ? 
_refine.pdbx_overall_ESU_R_Free                  ? 
_refine.overall_SU_ML                            ? 
_refine.overall_SU_B                             ? 
_refine.pdbx_refine_id                           'X-RAY DIFFRACTION' 
_refine.pdbx_diffrn_id                           1 
_refine.pdbx_TLS_residual_ADP_flag               ? 
_refine.correlation_coeff_Fo_to_Fc               ? 
_refine.correlation_coeff_Fo_to_Fc_free          ? 
_refine.pdbx_solvent_vdw_probe_radii             ? 
_refine.pdbx_solvent_ion_probe_radii             ? 
_refine.pdbx_solvent_shrinkage_radii             ? 
_refine.pdbx_overall_phase_error                 ? 
_refine.overall_SU_R_Cruickshank_DPI             ? 
_refine.pdbx_overall_SU_R_free_Cruickshank_DPI   ? 
_refine.pdbx_overall_SU_R_Blow_DPI               ? 
_refine.pdbx_overall_SU_R_free_Blow_DPI          ? 
# 
_refine_hist.pdbx_refine_id                   'X-RAY DIFFRACTION' 
_refine_hist.cycle_id                         LAST 
_refine_hist.pdbx_number_atoms_protein        1038 
_refine_hist.pdbx_number_atoms_nucleic_acid   0 
_refine_hist.pdbx_number_atoms_ligand         44 
_refine_hist.number_atoms_solvent             97 
_refine_hist.number_atoms_total               1179 
_refine_hist.d_res_high                       1.9 
_refine_hist.d_res_low                        15.0 
# 
loop_
_refine_ls_restr.type 
_refine_ls_restr.dev_ideal 
_refine_ls_restr.dev_ideal_target 
_refine_ls_restr.weight 
_refine_ls_restr.number 
_refine_ls_restr.pdbx_refine_id 
_refine_ls_restr.pdbx_restraint_function 
t_bond_d           0.015 ? ? ? 'X-RAY DIFFRACTION' ? 
t_angle_deg        1.76  ? ? ? 'X-RAY DIFFRACTION' ? 
t_dihedral_angle_d ?     ? ? ? 'X-RAY DIFFRACTION' ? 
t_incorr_chiral_ct ?     ? ? ? 'X-RAY DIFFRACTION' ? 
t_pseud_angle      ?     ? ? ? 'X-RAY DIFFRACTION' ? 
t_trig_c_planes    ?     ? ? ? 'X-RAY DIFFRACTION' ? 
t_gen_planes       ?     ? ? ? 'X-RAY DIFFRACTION' ? 
t_it               ?     ? ? ? 'X-RAY DIFFRACTION' ? 
t_nbd              ?     ? ? ? 'X-RAY DIFFRACTION' ? 
# 
_pdbx_refine.entry_id                                    1MOH 
_pdbx_refine.R_factor_all_no_cutoff                      ? 
_pdbx_refine.R_factor_obs_no_cutoff                      0.1860000 
_pdbx_refine.free_R_factor_no_cutoff                     ? 
_pdbx_refine.free_R_val_test_set_size_perc_no_cutoff     ? 
_pdbx_refine.free_R_val_test_set_ct_no_cutoff            ? 
_pdbx_refine.R_factor_all_4sig_cutoff                    ? 
_pdbx_refine.R_factor_obs_4sig_cutoff                    ? 
_pdbx_refine.free_R_factor_4sig_cutoff                   ? 
_pdbx_refine.free_R_val_test_set_size_perc_4sig_cutoff   ? 
_pdbx_refine.free_R_val_test_set_ct_4sig_cutoff          ? 
_pdbx_refine.number_reflns_obs_4sig_cutoff               ? 
_pdbx_refine.pdbx_refine_id                              'X-RAY DIFFRACTION' 
_pdbx_refine.free_R_error_no_cutoff                      ? 
# 
_struct.entry_id                  1MOH 
_struct.title                     'FERRIC MONOMERIC HEMOGLOBIN I (HB I)' 
_struct.pdbx_model_details        ? 
_struct.pdbx_CASP_flag            ? 
_struct.pdbx_model_type_details   ? 
# 
_struct_keywords.entry_id        1MOH 
_struct_keywords.pdbx_keywords   'OXYGEN TRANSPORT' 
_struct_keywords.text            'MONOMERIC, HEMOGLOBIN (FERRIC), SULFIDE TRANSPORT, OXYGEN TRANSPORT' 
# 
loop_
_struct_asym.id 
_struct_asym.pdbx_blank_PDB_chainid_flag 
_struct_asym.pdbx_modified 
_struct_asym.entity_id 
_struct_asym.details 
A N N 1 ? 
B N N 2 ? 
C N N 3 ? 
D N N 4 ? 
# 
_struct_ref.id                         1 
_struct_ref.db_name                    UNP 
_struct_ref.db_code                    GLB1_LUCPE 
_struct_ref.entity_id                  1 
_struct_ref.pdbx_db_accession          P41260 
_struct_ref.pdbx_align_begin           1 
_struct_ref.pdbx_seq_one_letter_code   
;SLEAAQKSNVTSSWAKASAAWGTAGPEFFMALFDAHDDVFAKFSGLFSGAAKGTVKNTPEMAAQAQSFKGLVSNWVDNLD
NAGALEGQCKTFAANHKARGISAGQLEAAFKVLSGFMKSYGGDEGAWTAVAGALMGEIEPDM
;
_struct_ref.pdbx_db_isoform            ? 
# 
_struct_ref_seq.align_id                      1 
_struct_ref_seq.ref_id                        1 
_struct_ref_seq.pdbx_PDB_id_code              1MOH 
_struct_ref_seq.pdbx_strand_id                A 
_struct_ref_seq.seq_align_beg                 1 
_struct_ref_seq.pdbx_seq_align_beg_ins_code   ? 
_struct_ref_seq.seq_align_end                 142 
_struct_ref_seq.pdbx_seq_align_end_ins_code   ? 
_struct_ref_seq.pdbx_db_accession             P41260 
_struct_ref_seq.db_align_beg                  1 
_struct_ref_seq.pdbx_db_align_beg_ins_code    ? 
_struct_ref_seq.db_align_end                  142 
_struct_ref_seq.pdbx_db_align_end_ins_code    ? 
_struct_ref_seq.pdbx_auth_seq_align_beg       1 
_struct_ref_seq.pdbx_auth_seq_align_end       142 
# 
_pdbx_struct_assembly.id                   1 
_pdbx_struct_assembly.details              author_defined_assembly 
_pdbx_struct_assembly.method_details       ? 
_pdbx_struct_assembly.oligomeric_details   monomeric 
_pdbx_struct_assembly.oligomeric_count     1 
# 
_pdbx_struct_assembly_gen.assembly_id       1 
_pdbx_struct_assembly_gen.oper_expression   1 
_pdbx_struct_assembly_gen.asym_id_list      A,B,C,D 
# 
_pdbx_struct_oper_list.id                   1 
_pdbx_struct_oper_list.type                 'identity operation' 
_pdbx_struct_oper_list.name                 1_555 
_pdbx_struct_oper_list.symmetry_operation   x,y,z 
_pdbx_struct_oper_list.matrix[1][1]         1.0000000000 
_pdbx_struct_oper_list.matrix[1][2]         0.0000000000 
_pdbx_struct_oper_list.matrix[1][3]         0.0000000000 
_pdbx_struct_oper_list.vector[1]            0.0000000000 
_pdbx_struct_oper_list.matrix[2][1]         0.0000000000 
_pdbx_struct_oper_list.matrix[2][2]         1.0000000000 
_pdbx_struct_oper_list.matrix[2][3]         0.0000000000 
_pdbx_struct_oper_list.vector[2]            0.0000000000 
_pdbx_struct_oper_list.matrix[3][1]         0.0000000000 
_pdbx_struct_oper_list.matrix[3][2]         0.0000000000 
_pdbx_struct_oper_list.matrix[3][3]         1.0000000000 
_pdbx_struct_oper_list.vector[3]            0.0000000000 
# 
_struct_biol.id   1 
# 
loop_
_struct_conf.conf_type_id 
_struct_conf.id 
_struct_conf.pdbx_PDB_helix_id 
_struct_conf.beg_label_comp_id 
_struct_conf.beg_label_asym_id 
_struct_conf.beg_label_seq_id 
_struct_conf.pdbx_beg_PDB_ins_code 
_struct_conf.end_label_comp_id 
_struct_conf.end_label_asym_id 
_struct_conf.end_label_seq_id 
_struct_conf.pdbx_end_PDB_ins_code 
_struct_conf.beg_auth_comp_id 
_struct_conf.beg_auth_asym_id 
_struct_conf.beg_auth_seq_id 
_struct_conf.end_auth_comp_id 
_struct_conf.end_auth_asym_id 
_struct_conf.end_auth_seq_id 
_struct_conf.pdbx_PDB_helix_class 
_struct_conf.details 
_struct_conf.pdbx_PDB_helix_length 
HELX_P HELX_P1 1 ALA A 4   ? ALA A 19  ? ALA A 4   ALA A 19  1 ? 16 
HELX_P HELX_P2 2 TRP A 21  ? ALA A 35  ? TRP A 21  ALA A 35  1 ? 15 
HELX_P HELX_P3 3 ASP A 37  ? PHE A 43  ? ASP A 37  PHE A 43  1 ? 7  
HELX_P HELX_P4 4 LYS A 52  ? THR A 54  ? LYS A 52  THR A 54  5 ? 3  
HELX_P HELX_P5 5 PRO A 59  ? ASN A 78  ? PRO A 59  ASN A 78  1 ? 20 
HELX_P HELX_P6 6 ALA A 82  ? ARG A 99  ? ALA A 82  ARG A 99  1 ? 18 
HELX_P HELX_P7 7 ALA A 103 ? TYR A 120 ? ALA A 103 TYR A 120 1 ? 18 
HELX_P HELX_P8 8 GLU A 124 ? ILE A 138 ? GLU A 124 ILE A 138 1 ? 15 
# 
_struct_conf_type.id          HELX_P 
_struct_conf_type.criteria    ? 
_struct_conf_type.reference   ? 
# 
loop_
_struct_conn.id 
_struct_conn.conn_type_id 
_struct_conn.pdbx_leaving_atom_flag 
_struct_conn.pdbx_PDB_id 
_struct_conn.ptnr1_label_asym_id 
_struct_conn.ptnr1_label_comp_id 
_struct_conn.ptnr1_label_seq_id 
_struct_conn.ptnr1_label_atom_id 
_struct_conn.pdbx_ptnr1_label_alt_id 
_struct_conn.pdbx_ptnr1_PDB_ins_code 
_struct_conn.pdbx_ptnr1_standard_comp_id 
_struct_conn.ptnr1_symmetry 
_struct_conn.ptnr2_label_asym_id 
_struct_conn.ptnr2_label_comp_id 
_struct_conn.ptnr2_label_seq_id 
_struct_conn.ptnr2_label_atom_id 
_struct_conn.pdbx_ptnr2_label_alt_id 
_struct_conn.pdbx_ptnr2_PDB_ins_code 
_struct_conn.ptnr1_auth_asym_id 
_struct_conn.ptnr1_auth_comp_id 
_struct_conn.ptnr1_auth_seq_id 
_struct_conn.ptnr2_auth_asym_id 
_struct_conn.ptnr2_auth_comp_id 
_struct_conn.ptnr2_auth_seq_id 
_struct_conn.ptnr2_symmetry 
_struct_conn.pdbx_ptnr3_label_atom_id 
_struct_conn.pdbx_ptnr3_label_seq_id 
_struct_conn.pdbx_ptnr3_label_comp_id 
_struct_conn.pdbx_ptnr3_label_asym_id 
_struct_conn.pdbx_ptnr3_label_alt_id 
_struct_conn.pdbx_ptnr3_PDB_ins_code 
_struct_conn.details 
_struct_conn.pdbx_dist_value 
_struct_conn.pdbx_value_order 
_struct_conn.pdbx_role 
metalc1 metalc ? ? A HIS 96 NE2 ? ? ? 1_555 B HEM . FE ? ? A HIS 96  A HEM 143  1_555 ? ? ? ? ? ? ? 2.149 ? ? 
metalc2 metalc ? ? B HEM .  FE  ? ? ? 1_555 C H2S . S  ? ? A HEM 143 A H2S 1154 1_555 ? ? ? ? ? ? ? 2.289 ? ? 
# 
_struct_conn_type.id          metalc 
_struct_conn_type.criteria    ? 
_struct_conn_type.reference   ? 
# 
loop_
_pdbx_struct_conn_angle.id 
_pdbx_struct_conn_angle.ptnr1_label_atom_id 
_pdbx_struct_conn_angle.ptnr1_label_alt_id 
_pdbx_struct_conn_angle.ptnr1_label_asym_id 
_pdbx_struct_conn_angle.ptnr1_label_comp_id 
_pdbx_struct_conn_angle.ptnr1_label_seq_id 
_pdbx_struct_conn_angle.ptnr1_auth_atom_id 
_pdbx_struct_conn_angle.ptnr1_auth_asym_id 
_pdbx_struct_conn_angle.ptnr1_auth_comp_id 
_pdbx_struct_conn_angle.ptnr1_auth_seq_id 
_pdbx_struct_conn_angle.ptnr1_PDB_ins_code 
_pdbx_struct_conn_angle.ptnr1_symmetry 
_pdbx_struct_conn_angle.ptnr2_label_atom_id 
_pdbx_struct_conn_angle.ptnr2_label_alt_id 
_pdbx_struct_conn_angle.ptnr2_label_asym_id 
_pdbx_struct_conn_angle.ptnr2_label_comp_id 
_pdbx_struct_conn_angle.ptnr2_label_seq_id 
_pdbx_struct_conn_angle.ptnr2_auth_atom_id 
_pdbx_struct_conn_angle.ptnr2_auth_asym_id 
_pdbx_struct_conn_angle.ptnr2_auth_comp_id 
_pdbx_struct_conn_angle.ptnr2_auth_seq_id 
_pdbx_struct_conn_angle.ptnr2_PDB_ins_code 
_pdbx_struct_conn_angle.ptnr2_symmetry 
_pdbx_struct_conn_angle.ptnr3_label_atom_id 
_pdbx_struct_conn_angle.ptnr3_label_alt_id 
_pdbx_struct_conn_angle.ptnr3_label_asym_id 
_pdbx_struct_conn_angle.ptnr3_label_comp_id 
_pdbx_struct_conn_angle.ptnr3_label_seq_id 
_pdbx_struct_conn_angle.ptnr3_auth_atom_id 
_pdbx_struct_conn_angle.ptnr3_auth_asym_id 
_pdbx_struct_conn_angle.ptnr3_auth_comp_id 
_pdbx_struct_conn_angle.ptnr3_auth_seq_id 
_pdbx_struct_conn_angle.ptnr3_PDB_ins_code 
_pdbx_struct_conn_angle.ptnr3_symmetry 
_pdbx_struct_conn_angle.value 
_pdbx_struct_conn_angle.value_esd 
1  NE2 ? A HIS 96 ? A HIS 96  ? 1_555 FE ? B HEM . ? A HEM 143 ? 1_555 NA ? B HEM . ? A HEM 143  ? 1_555 90.6  ? 
2  NE2 ? A HIS 96 ? A HIS 96  ? 1_555 FE ? B HEM . ? A HEM 143 ? 1_555 NB ? B HEM . ? A HEM 143  ? 1_555 89.4  ? 
3  NA  ? B HEM .  ? A HEM 143 ? 1_555 FE ? B HEM . ? A HEM 143 ? 1_555 NB ? B HEM . ? A HEM 143  ? 1_555 87.3  ? 
4  NE2 ? A HIS 96 ? A HIS 96  ? 1_555 FE ? B HEM . ? A HEM 143 ? 1_555 NC ? B HEM . ? A HEM 143  ? 1_555 88.3  ? 
5  NA  ? B HEM .  ? A HEM 143 ? 1_555 FE ? B HEM . ? A HEM 143 ? 1_555 NC ? B HEM . ? A HEM 143  ? 1_555 178.3 ? 
6  NB  ? B HEM .  ? A HEM 143 ? 1_555 FE ? B HEM . ? A HEM 143 ? 1_555 NC ? B HEM . ? A HEM 143  ? 1_555 91.4  ? 
7  NE2 ? A HIS 96 ? A HIS 96  ? 1_555 FE ? B HEM . ? A HEM 143 ? 1_555 ND ? B HEM . ? A HEM 143  ? 1_555 89.8  ? 
8  NA  ? B HEM .  ? A HEM 143 ? 1_555 FE ? B HEM . ? A HEM 143 ? 1_555 ND ? B HEM . ? A HEM 143  ? 1_555 95.8  ? 
9  NB  ? B HEM .  ? A HEM 143 ? 1_555 FE ? B HEM . ? A HEM 143 ? 1_555 ND ? B HEM . ? A HEM 143  ? 1_555 176.8 ? 
10 NC  ? B HEM .  ? A HEM 143 ? 1_555 FE ? B HEM . ? A HEM 143 ? 1_555 ND ? B HEM . ? A HEM 143  ? 1_555 85.4  ? 
11 NE2 ? A HIS 96 ? A HIS 96  ? 1_555 FE ? B HEM . ? A HEM 143 ? 1_555 S  ? C H2S . ? A H2S 1154 ? 1_555 178.1 ? 
12 NA  ? B HEM .  ? A HEM 143 ? 1_555 FE ? B HEM . ? A HEM 143 ? 1_555 S  ? C H2S . ? A H2S 1154 ? 1_555 88.7  ? 
13 NB  ? B HEM .  ? A HEM 143 ? 1_555 FE ? B HEM . ? A HEM 143 ? 1_555 S  ? C H2S . ? A H2S 1154 ? 1_555 88.7  ? 
14 NC  ? B HEM .  ? A HEM 143 ? 1_555 FE ? B HEM . ? A HEM 143 ? 1_555 S  ? C H2S . ? A H2S 1154 ? 1_555 92.4  ? 
15 ND  ? B HEM .  ? A HEM 143 ? 1_555 FE ? B HEM . ? A HEM 143 ? 1_555 S  ? C H2S . ? A H2S 1154 ? 1_555 92.0  ? 
# 
loop_
_struct_site.id 
_struct_site.pdbx_evidence_code 
_struct_site.pdbx_auth_asym_id 
_struct_site.pdbx_auth_comp_id 
_struct_site.pdbx_auth_seq_id 
_struct_site.pdbx_auth_ins_code 
_struct_site.pdbx_num_residues 
_struct_site.details 
AC1 Software A HEM 143  ? 14 'BINDING SITE FOR RESIDUE HEM A 143'  
AC2 Software A H2S 1154 ? 2  'BINDING SITE FOR RESIDUE H2S A 1154' 
# 
loop_
_struct_site_gen.id 
_struct_site_gen.site_id 
_struct_site_gen.pdbx_num_res 
_struct_site_gen.label_comp_id 
_struct_site_gen.label_asym_id 
_struct_site_gen.label_seq_id 
_struct_site_gen.pdbx_auth_ins_code 
_struct_site_gen.auth_comp_id 
_struct_site_gen.auth_asym_id 
_struct_site_gen.auth_seq_id 
_struct_site_gen.label_atom_id 
_struct_site_gen.label_alt_id 
_struct_site_gen.symmetry 
_struct_site_gen.details 
1  AC1 14 LYS A 42  ? LYS A 42   . ? 1_555 ? 
2  AC1 14 PHE A 43  ? PHE A 43   . ? 1_555 ? 
3  AC1 14 GLN A 64  ? GLN A 64   . ? 1_555 ? 
4  AC1 14 SER A 67  ? SER A 67   . ? 1_555 ? 
5  AC1 14 PHE A 68  ? PHE A 68   . ? 1_555 ? 
6  AC1 14 PHE A 92  ? PHE A 92   . ? 1_555 ? 
7  AC1 14 ASN A 95  ? ASN A 95   . ? 1_555 ? 
8  AC1 14 HIS A 96  ? HIS A 96   . ? 1_555 ? 
9  AC1 14 ARG A 99  ? ARG A 99   . ? 1_555 ? 
10 AC1 14 ILE A 101 ? ILE A 101  . ? 1_555 ? 
11 AC1 14 HOH D .   ? HOH A 1019 . ? 1_555 ? 
12 AC1 14 HOH D .   ? HOH A 1096 . ? 1_555 ? 
13 AC1 14 HOH D .   ? HOH A 1122 . ? 1_555 ? 
14 AC1 14 H2S C .   ? H2S A 1154 . ? 1_555 ? 
15 AC2 2  GLN A 64  ? GLN A 64   . ? 1_555 ? 
16 AC2 2  HEM B .   ? HEM A 143  . ? 1_555 ? 
# 
loop_
_pdbx_validate_close_contact.id 
_pdbx_validate_close_contact.PDB_model_num 
_pdbx_validate_close_contact.auth_atom_id_1 
_pdbx_validate_close_contact.auth_asym_id_1 
_pdbx_validate_close_contact.auth_comp_id_1 
_pdbx_validate_close_contact.auth_seq_id_1 
_pdbx_validate_close_contact.PDB_ins_code_1 
_pdbx_validate_close_contact.label_alt_id_1 
_pdbx_validate_close_contact.auth_atom_id_2 
_pdbx_validate_close_contact.auth_asym_id_2 
_pdbx_validate_close_contact.auth_comp_id_2 
_pdbx_validate_close_contact.auth_seq_id_2 
_pdbx_validate_close_contact.PDB_ins_code_2 
_pdbx_validate_close_contact.label_alt_id_2 
_pdbx_validate_close_contact.dist 
1 1 O A HOH 1003 ? ? O A HOH 1045 ? ? 2.09 
2 1 O A ALA 5    ? ? O A HOH 1045 ? ? 2.16 
# 
_pdbx_validate_symm_contact.id                1 
_pdbx_validate_symm_contact.PDB_model_num     1 
_pdbx_validate_symm_contact.auth_atom_id_1    O 
_pdbx_validate_symm_contact.auth_asym_id_1    A 
_pdbx_validate_symm_contact.auth_comp_id_1    HOH 
_pdbx_validate_symm_contact.auth_seq_id_1     1021 
_pdbx_validate_symm_contact.PDB_ins_code_1    ? 
_pdbx_validate_symm_contact.label_alt_id_1    ? 
_pdbx_validate_symm_contact.site_symmetry_1   1_555 
_pdbx_validate_symm_contact.auth_atom_id_2    O 
_pdbx_validate_symm_contact.auth_asym_id_2    A 
_pdbx_validate_symm_contact.auth_comp_id_2    HOH 
_pdbx_validate_symm_contact.auth_seq_id_2     1056 
_pdbx_validate_symm_contact.PDB_ins_code_2    ? 
_pdbx_validate_symm_contact.label_alt_id_2    ? 
_pdbx_validate_symm_contact.site_symmetry_2   2_545 
_pdbx_validate_symm_contact.dist              2.18 
# 
_pdbx_validate_rmsd_bond.id                        1 
_pdbx_validate_rmsd_bond.PDB_model_num             1 
_pdbx_validate_rmsd_bond.auth_atom_id_1            C 
_pdbx_validate_rmsd_bond.auth_asym_id_1            A 
_pdbx_validate_rmsd_bond.auth_comp_id_1            MET 
_pdbx_validate_rmsd_bond.auth_seq_id_1             142 
_pdbx_validate_rmsd_bond.PDB_ins_code_1            ? 
_pdbx_validate_rmsd_bond.label_alt_id_1            ? 
_pdbx_validate_rmsd_bond.auth_atom_id_2            OXT 
_pdbx_validate_rmsd_bond.auth_asym_id_2            A 
_pdbx_validate_rmsd_bond.auth_comp_id_2            MET 
_pdbx_validate_rmsd_bond.auth_seq_id_2             142 
_pdbx_validate_rmsd_bond.PDB_ins_code_2            ? 
_pdbx_validate_rmsd_bond.label_alt_id_2            ? 
_pdbx_validate_rmsd_bond.bond_value                3.715 
_pdbx_validate_rmsd_bond.bond_target_value         1.229 
_pdbx_validate_rmsd_bond.bond_deviation            2.486 
_pdbx_validate_rmsd_bond.bond_standard_deviation   0.019 
_pdbx_validate_rmsd_bond.linker_flag               N 
# 
_pdbx_validate_rmsd_angle.id                         1 
_pdbx_validate_rmsd_angle.PDB_model_num              1 
_pdbx_validate_rmsd_angle.auth_atom_id_1             NE 
_pdbx_validate_rmsd_angle.auth_asym_id_1             A 
_pdbx_validate_rmsd_angle.auth_comp_id_1             ARG 
_pdbx_validate_rmsd_angle.auth_seq_id_1              99 
_pdbx_validate_rmsd_angle.PDB_ins_code_1             ? 
_pdbx_validate_rmsd_angle.label_alt_id_1             ? 
_pdbx_validate_rmsd_angle.auth_atom_id_2             CZ 
_pdbx_validate_rmsd_angle.auth_asym_id_2             A 
_pdbx_validate_rmsd_angle.auth_comp_id_2             ARG 
_pdbx_validate_rmsd_angle.auth_seq_id_2              99 
_pdbx_validate_rmsd_angle.PDB_ins_code_2             ? 
_pdbx_validate_rmsd_angle.label_alt_id_2             ? 
_pdbx_validate_rmsd_angle.auth_atom_id_3             NH2 
_pdbx_validate_rmsd_angle.auth_asym_id_3             A 
_pdbx_validate_rmsd_angle.auth_comp_id_3             ARG 
_pdbx_validate_rmsd_angle.auth_seq_id_3              99 
_pdbx_validate_rmsd_angle.PDB_ins_code_3             ? 
_pdbx_validate_rmsd_angle.label_alt_id_3             ? 
_pdbx_validate_rmsd_angle.angle_value                116.89 
_pdbx_validate_rmsd_angle.angle_target_value         120.30 
_pdbx_validate_rmsd_angle.angle_deviation            -3.41 
_pdbx_validate_rmsd_angle.angle_standard_deviation   0.50 
_pdbx_validate_rmsd_angle.linker_flag                N 
# 
loop_
_chem_comp_atom.comp_id 
_chem_comp_atom.atom_id 
_chem_comp_atom.type_symbol 
_chem_comp_atom.pdbx_aromatic_flag 
_chem_comp_atom.pdbx_stereo_config 
_chem_comp_atom.pdbx_ordinal 
ALA N    N  N N 1   
ALA CA   C  N S 2   
ALA C    C  N N 3   
ALA O    O  N N 4   
ALA CB   C  N N 5   
ALA OXT  O  N N 6   
ALA H    H  N N 7   
ALA H2   H  N N 8   
ALA HA   H  N N 9   
ALA HB1  H  N N 10  
ALA HB2  H  N N 11  
ALA HB3  H  N N 12  
ALA HXT  H  N N 13  
ARG N    N  N N 14  
ARG CA   C  N S 15  
ARG C    C  N N 16  
ARG O    O  N N 17  
ARG CB   C  N N 18  
ARG CG   C  N N 19  
ARG CD   C  N N 20  
ARG NE   N  N N 21  
ARG CZ   C  N N 22  
ARG NH1  N  N N 23  
ARG NH2  N  N N 24  
ARG OXT  O  N N 25  
ARG H    H  N N 26  
ARG H2   H  N N 27  
ARG HA   H  N N 28  
ARG HB2  H  N N 29  
ARG HB3  H  N N 30  
ARG HG2  H  N N 31  
ARG HG3  H  N N 32  
ARG HD2  H  N N 33  
ARG HD3  H  N N 34  
ARG HE   H  N N 35  
ARG HH11 H  N N 36  
ARG HH12 H  N N 37  
ARG HH21 H  N N 38  
ARG HH22 H  N N 39  
ARG HXT  H  N N 40  
ASN N    N  N N 41  
ASN CA   C  N S 42  
ASN C    C  N N 43  
ASN O    O  N N 44  
ASN CB   C  N N 45  
ASN CG   C  N N 46  
ASN OD1  O  N N 47  
ASN ND2  N  N N 48  
ASN OXT  O  N N 49  
ASN H    H  N N 50  
ASN H2   H  N N 51  
ASN HA   H  N N 52  
ASN HB2  H  N N 53  
ASN HB3  H  N N 54  
ASN HD21 H  N N 55  
ASN HD22 H  N N 56  
ASN HXT  H  N N 57  
ASP N    N  N N 58  
ASP CA   C  N S 59  
ASP C    C  N N 60  
ASP O    O  N N 61  
ASP CB   C  N N 62  
ASP CG   C  N N 63  
ASP OD1  O  N N 64  
ASP OD2  O  N N 65  
ASP OXT  O  N N 66  
ASP H    H  N N 67  
ASP H2   H  N N 68  
ASP HA   H  N N 69  
ASP HB2  H  N N 70  
ASP HB3  H  N N 71  
ASP HD2  H  N N 72  
ASP HXT  H  N N 73  
CYS N    N  N N 74  
CYS CA   C  N R 75  
CYS C    C  N N 76  
CYS O    O  N N 77  
CYS CB   C  N N 78  
CYS SG   S  N N 79  
CYS OXT  O  N N 80  
CYS H    H  N N 81  
CYS H2   H  N N 82  
CYS HA   H  N N 83  
CYS HB2  H  N N 84  
CYS HB3  H  N N 85  
CYS HG   H  N N 86  
CYS HXT  H  N N 87  
GLN N    N  N N 88  
GLN CA   C  N S 89  
GLN C    C  N N 90  
GLN O    O  N N 91  
GLN CB   C  N N 92  
GLN CG   C  N N 93  
GLN CD   C  N N 94  
GLN OE1  O  N N 95  
GLN NE2  N  N N 96  
GLN OXT  O  N N 97  
GLN H    H  N N 98  
GLN H2   H  N N 99  
GLN HA   H  N N 100 
GLN HB2  H  N N 101 
GLN HB3  H  N N 102 
GLN HG2  H  N N 103 
GLN HG3  H  N N 104 
GLN HE21 H  N N 105 
GLN HE22 H  N N 106 
GLN HXT  H  N N 107 
GLU N    N  N N 108 
GLU CA   C  N S 109 
GLU C    C  N N 110 
GLU O    O  N N 111 
GLU CB   C  N N 112 
GLU CG   C  N N 113 
GLU CD   C  N N 114 
GLU OE1  O  N N 115 
GLU OE2  O  N N 116 
GLU OXT  O  N N 117 
GLU H    H  N N 118 
GLU H2   H  N N 119 
GLU HA   H  N N 120 
GLU HB2  H  N N 121 
GLU HB3  H  N N 122 
GLU HG2  H  N N 123 
GLU HG3  H  N N 124 
GLU HE2  H  N N 125 
GLU HXT  H  N N 126 
GLY N    N  N N 127 
GLY CA   C  N N 128 
GLY C    C  N N 129 
GLY O    O  N N 130 
GLY OXT  O  N N 131 
GLY H    H  N N 132 
GLY H2   H  N N 133 
GLY HA2  H  N N 134 
GLY HA3  H  N N 135 
GLY HXT  H  N N 136 
H2S S    S  N N 137 
H2S HS1  H  N N 138 
H2S HS2  H  N N 139 
HEM CHA  C  N N 140 
HEM CHB  C  N N 141 
HEM CHC  C  N N 142 
HEM CHD  C  N N 143 
HEM C1A  C  Y N 144 
HEM C2A  C  Y N 145 
HEM C3A  C  Y N 146 
HEM C4A  C  Y N 147 
HEM CMA  C  N N 148 
HEM CAA  C  N N 149 
HEM CBA  C  N N 150 
HEM CGA  C  N N 151 
HEM O1A  O  N N 152 
HEM O2A  O  N N 153 
HEM C1B  C  N N 154 
HEM C2B  C  N N 155 
HEM C3B  C  N N 156 
HEM C4B  C  N N 157 
HEM CMB  C  N N 158 
HEM CAB  C  N N 159 
HEM CBB  C  N N 160 
HEM C1C  C  Y N 161 
HEM C2C  C  Y N 162 
HEM C3C  C  Y N 163 
HEM C4C  C  Y N 164 
HEM CMC  C  N N 165 
HEM CAC  C  N N 166 
HEM CBC  C  N N 167 
HEM C1D  C  N N 168 
HEM C2D  C  N N 169 
HEM C3D  C  N N 170 
HEM C4D  C  N N 171 
HEM CMD  C  N N 172 
HEM CAD  C  N N 173 
HEM CBD  C  N N 174 
HEM CGD  C  N N 175 
HEM O1D  O  N N 176 
HEM O2D  O  N N 177 
HEM NA   N  Y N 178 
HEM NB   N  N N 179 
HEM NC   N  Y N 180 
HEM ND   N  N N 181 
HEM FE   FE N N 182 
HEM HHB  H  N N 183 
HEM HHC  H  N N 184 
HEM HHD  H  N N 185 
HEM HMA  H  N N 186 
HEM HMAA H  N N 187 
HEM HMAB H  N N 188 
HEM HAA  H  N N 189 
HEM HAAA H  N N 190 
HEM HBA  H  N N 191 
HEM HBAA H  N N 192 
HEM HMB  H  N N 193 
HEM HMBA H  N N 194 
HEM HMBB H  N N 195 
HEM HAB  H  N N 196 
HEM HBB  H  N N 197 
HEM HBBA H  N N 198 
HEM HMC  H  N N 199 
HEM HMCA H  N N 200 
HEM HMCB H  N N 201 
HEM HAC  H  N N 202 
HEM HBC  H  N N 203 
HEM HBCA H  N N 204 
HEM HMD  H  N N 205 
HEM HMDA H  N N 206 
HEM HMDB H  N N 207 
HEM HAD  H  N N 208 
HEM HADA H  N N 209 
HEM HBD  H  N N 210 
HEM HBDA H  N N 211 
HEM H2A  H  N N 212 
HEM H2D  H  N N 213 
HEM HHA  H  N N 214 
HIS N    N  N N 215 
HIS CA   C  N S 216 
HIS C    C  N N 217 
HIS O    O  N N 218 
HIS CB   C  N N 219 
HIS CG   C  Y N 220 
HIS ND1  N  Y N 221 
HIS CD2  C  Y N 222 
HIS CE1  C  Y N 223 
HIS NE2  N  Y N 224 
HIS OXT  O  N N 225 
HIS H    H  N N 226 
HIS H2   H  N N 227 
HIS HA   H  N N 228 
HIS HB2  H  N N 229 
HIS HB3  H  N N 230 
HIS HD1  H  N N 231 
HIS HD2  H  N N 232 
HIS HE1  H  N N 233 
HIS HE2  H  N N 234 
HIS HXT  H  N N 235 
HOH O    O  N N 236 
HOH H1   H  N N 237 
HOH H2   H  N N 238 
ILE N    N  N N 239 
ILE CA   C  N S 240 
ILE C    C  N N 241 
ILE O    O  N N 242 
ILE CB   C  N S 243 
ILE CG1  C  N N 244 
ILE CG2  C  N N 245 
ILE CD1  C  N N 246 
ILE OXT  O  N N 247 
ILE H    H  N N 248 
ILE H2   H  N N 249 
ILE HA   H  N N 250 
ILE HB   H  N N 251 
ILE HG12 H  N N 252 
ILE HG13 H  N N 253 
ILE HG21 H  N N 254 
ILE HG22 H  N N 255 
ILE HG23 H  N N 256 
ILE HD11 H  N N 257 
ILE HD12 H  N N 258 
ILE HD13 H  N N 259 
ILE HXT  H  N N 260 
LEU N    N  N N 261 
LEU CA   C  N S 262 
LEU C    C  N N 263 
LEU O    O  N N 264 
LEU CB   C  N N 265 
LEU CG   C  N N 266 
LEU CD1  C  N N 267 
LEU CD2  C  N N 268 
LEU OXT  O  N N 269 
LEU H    H  N N 270 
LEU H2   H  N N 271 
LEU HA   H  N N 272 
LEU HB2  H  N N 273 
LEU HB3  H  N N 274 
LEU HG   H  N N 275 
LEU HD11 H  N N 276 
LEU HD12 H  N N 277 
LEU HD13 H  N N 278 
LEU HD21 H  N N 279 
LEU HD22 H  N N 280 
LEU HD23 H  N N 281 
LEU HXT  H  N N 282 
LYS N    N  N N 283 
LYS CA   C  N S 284 
LYS C    C  N N 285 
LYS O    O  N N 286 
LYS CB   C  N N 287 
LYS CG   C  N N 288 
LYS CD   C  N N 289 
LYS CE   C  N N 290 
LYS NZ   N  N N 291 
LYS OXT  O  N N 292 
LYS H    H  N N 293 
LYS H2   H  N N 294 
LYS HA   H  N N 295 
LYS HB2  H  N N 296 
LYS HB3  H  N N 297 
LYS HG2  H  N N 298 
LYS HG3  H  N N 299 
LYS HD2  H  N N 300 
LYS HD3  H  N N 301 
LYS HE2  H  N N 302 
LYS HE3  H  N N 303 
LYS HZ1  H  N N 304 
LYS HZ2  H  N N 305 
LYS HZ3  H  N N 306 
LYS HXT  H  N N 307 
MET N    N  N N 308 
MET CA   C  N S 309 
MET C    C  N N 310 
MET O    O  N N 311 
MET CB   C  N N 312 
MET CG   C  N N 313 
MET SD   S  N N 314 
MET CE   C  N N 315 
MET OXT  O  N N 316 
MET H    H  N N 317 
MET H2   H  N N 318 
MET HA   H  N N 319 
MET HB2  H  N N 320 
MET HB3  H  N N 321 
MET HG2  H  N N 322 
MET HG3  H  N N 323 
MET HE1  H  N N 324 
MET HE2  H  N N 325 
MET HE3  H  N N 326 
MET HXT  H  N N 327 
PHE N    N  N N 328 
PHE CA   C  N S 329 
PHE C    C  N N 330 
PHE O    O  N N 331 
PHE CB   C  N N 332 
PHE CG   C  Y N 333 
PHE CD1  C  Y N 334 
PHE CD2  C  Y N 335 
PHE CE1  C  Y N 336 
PHE CE2  C  Y N 337 
PHE CZ   C  Y N 338 
PHE OXT  O  N N 339 
PHE H    H  N N 340 
PHE H2   H  N N 341 
PHE HA   H  N N 342 
PHE HB2  H  N N 343 
PHE HB3  H  N N 344 
PHE HD1  H  N N 345 
PHE HD2  H  N N 346 
PHE HE1  H  N N 347 
PHE HE2  H  N N 348 
PHE HZ   H  N N 349 
PHE HXT  H  N N 350 
PRO N    N  N N 351 
PRO CA   C  N S 352 
PRO C    C  N N 353 
PRO O    O  N N 354 
PRO CB   C  N N 355 
PRO CG   C  N N 356 
PRO CD   C  N N 357 
PRO OXT  O  N N 358 
PRO H    H  N N 359 
PRO HA   H  N N 360 
PRO HB2  H  N N 361 
PRO HB3  H  N N 362 
PRO HG2  H  N N 363 
PRO HG3  H  N N 364 
PRO HD2  H  N N 365 
PRO HD3  H  N N 366 
PRO HXT  H  N N 367 
SER N    N  N N 368 
SER CA   C  N S 369 
SER C    C  N N 370 
SER O    O  N N 371 
SER CB   C  N N 372 
SER OG   O  N N 373 
SER OXT  O  N N 374 
SER H    H  N N 375 
SER H2   H  N N 376 
SER HA   H  N N 377 
SER HB2  H  N N 378 
SER HB3  H  N N 379 
SER HG   H  N N 380 
SER HXT  H  N N 381 
THR N    N  N N 382 
THR CA   C  N S 383 
THR C    C  N N 384 
THR O    O  N N 385 
THR CB   C  N R 386 
THR OG1  O  N N 387 
THR CG2  C  N N 388 
THR OXT  O  N N 389 
THR H    H  N N 390 
THR H2   H  N N 391 
THR HA   H  N N 392 
THR HB   H  N N 393 
THR HG1  H  N N 394 
THR HG21 H  N N 395 
THR HG22 H  N N 396 
THR HG23 H  N N 397 
THR HXT  H  N N 398 
TRP N    N  N N 399 
TRP CA   C  N S 400 
TRP C    C  N N 401 
TRP O    O  N N 402 
TRP CB   C  N N 403 
TRP CG   C  Y N 404 
TRP CD1  C  Y N 405 
TRP CD2  C  Y N 406 
TRP NE1  N  Y N 407 
TRP CE2  C  Y N 408 
TRP CE3  C  Y N 409 
TRP CZ2  C  Y N 410 
TRP CZ3  C  Y N 411 
TRP CH2  C  Y N 412 
TRP OXT  O  N N 413 
TRP H    H  N N 414 
TRP H2   H  N N 415 
TRP HA   H  N N 416 
TRP HB2  H  N N 417 
TRP HB3  H  N N 418 
TRP HD1  H  N N 419 
TRP HE1  H  N N 420 
TRP HE3  H  N N 421 
TRP HZ2  H  N N 422 
TRP HZ3  H  N N 423 
TRP HH2  H  N N 424 
TRP HXT  H  N N 425 
TYR N    N  N N 426 
TYR CA   C  N S 427 
TYR C    C  N N 428 
TYR O    O  N N 429 
TYR CB   C  N N 430 
TYR CG   C  Y N 431 
TYR CD1  C  Y N 432 
TYR CD2  C  Y N 433 
TYR CE1  C  Y N 434 
TYR CE2  C  Y N 435 
TYR CZ   C  Y N 436 
TYR OH   O  N N 437 
TYR OXT  O  N N 438 
TYR H    H  N N 439 
TYR H2   H  N N 440 
TYR HA   H  N N 441 
TYR HB2  H  N N 442 
TYR HB3  H  N N 443 
TYR HD1  H  N N 444 
TYR HD2  H  N N 445 
TYR HE1  H  N N 446 
TYR HE2  H  N N 447 
TYR HH   H  N N 448 
TYR HXT  H  N N 449 
VAL N    N  N N 450 
VAL CA   C  N S 451 
VAL C    C  N N 452 
VAL O    O  N N 453 
VAL CB   C  N N 454 
VAL CG1  C  N N 455 
VAL CG2  C  N N 456 
VAL OXT  O  N N 457 
VAL H    H  N N 458 
VAL H2   H  N N 459 
VAL HA   H  N N 460 
VAL HB   H  N N 461 
VAL HG11 H  N N 462 
VAL HG12 H  N N 463 
VAL HG13 H  N N 464 
VAL HG21 H  N N 465 
VAL HG22 H  N N 466 
VAL HG23 H  N N 467 
VAL HXT  H  N N 468 
# 
loop_
_chem_comp_bond.comp_id 
_chem_comp_bond.atom_id_1 
_chem_comp_bond.atom_id_2 
_chem_comp_bond.value_order 
_chem_comp_bond.pdbx_aromatic_flag 
_chem_comp_bond.pdbx_stereo_config 
_chem_comp_bond.pdbx_ordinal 
ALA N   CA   sing N N 1   
ALA N   H    sing N N 2   
ALA N   H2   sing N N 3   
ALA CA  C    sing N N 4   
ALA CA  CB   sing N N 5   
ALA CA  HA   sing N N 6   
ALA C   O    doub N N 7   
ALA C   OXT  sing N N 8   
ALA CB  HB1  sing N N 9   
ALA CB  HB2  sing N N 10  
ALA CB  HB3  sing N N 11  
ALA OXT HXT  sing N N 12  
ARG N   CA   sing N N 13  
ARG N   H    sing N N 14  
ARG N   H2   sing N N 15  
ARG CA  C    sing N N 16  
ARG CA  CB   sing N N 17  
ARG CA  HA   sing N N 18  
ARG C   O    doub N N 19  
ARG C   OXT  sing N N 20  
ARG CB  CG   sing N N 21  
ARG CB  HB2  sing N N 22  
ARG CB  HB3  sing N N 23  
ARG CG  CD   sing N N 24  
ARG CG  HG2  sing N N 25  
ARG CG  HG3  sing N N 26  
ARG CD  NE   sing N N 27  
ARG CD  HD2  sing N N 28  
ARG CD  HD3  sing N N 29  
ARG NE  CZ   sing N N 30  
ARG NE  HE   sing N N 31  
ARG CZ  NH1  sing N N 32  
ARG CZ  NH2  doub N N 33  
ARG NH1 HH11 sing N N 34  
ARG NH1 HH12 sing N N 35  
ARG NH2 HH21 sing N N 36  
ARG NH2 HH22 sing N N 37  
ARG OXT HXT  sing N N 38  
ASN N   CA   sing N N 39  
ASN N   H    sing N N 40  
ASN N   H2   sing N N 41  
ASN CA  C    sing N N 42  
ASN CA  CB   sing N N 43  
ASN CA  HA   sing N N 44  
ASN C   O    doub N N 45  
ASN C   OXT  sing N N 46  
ASN CB  CG   sing N N 47  
ASN CB  HB2  sing N N 48  
ASN CB  HB3  sing N N 49  
ASN CG  OD1  doub N N 50  
ASN CG  ND2  sing N N 51  
ASN ND2 HD21 sing N N 52  
ASN ND2 HD22 sing N N 53  
ASN OXT HXT  sing N N 54  
ASP N   CA   sing N N 55  
ASP N   H    sing N N 56  
ASP N   H2   sing N N 57  
ASP CA  C    sing N N 58  
ASP CA  CB   sing N N 59  
ASP CA  HA   sing N N 60  
ASP C   O    doub N N 61  
ASP C   OXT  sing N N 62  
ASP CB  CG   sing N N 63  
ASP CB  HB2  sing N N 64  
ASP CB  HB3  sing N N 65  
ASP CG  OD1  doub N N 66  
ASP CG  OD2  sing N N 67  
ASP OD2 HD2  sing N N 68  
ASP OXT HXT  sing N N 69  
CYS N   CA   sing N N 70  
CYS N   H    sing N N 71  
CYS N   H2   sing N N 72  
CYS CA  C    sing N N 73  
CYS CA  CB   sing N N 74  
CYS CA  HA   sing N N 75  
CYS C   O    doub N N 76  
CYS C   OXT  sing N N 77  
CYS CB  SG   sing N N 78  
CYS CB  HB2  sing N N 79  
CYS CB  HB3  sing N N 80  
CYS SG  HG   sing N N 81  
CYS OXT HXT  sing N N 82  
GLN N   CA   sing N N 83  
GLN N   H    sing N N 84  
GLN N   H2   sing N N 85  
GLN CA  C    sing N N 86  
GLN CA  CB   sing N N 87  
GLN CA  HA   sing N N 88  
GLN C   O    doub N N 89  
GLN C   OXT  sing N N 90  
GLN CB  CG   sing N N 91  
GLN CB  HB2  sing N N 92  
GLN CB  HB3  sing N N 93  
GLN CG  CD   sing N N 94  
GLN CG  HG2  sing N N 95  
GLN CG  HG3  sing N N 96  
GLN CD  OE1  doub N N 97  
GLN CD  NE2  sing N N 98  
GLN NE2 HE21 sing N N 99  
GLN NE2 HE22 sing N N 100 
GLN OXT HXT  sing N N 101 
GLU N   CA   sing N N 102 
GLU N   H    sing N N 103 
GLU N   H2   sing N N 104 
GLU CA  C    sing N N 105 
GLU CA  CB   sing N N 106 
GLU CA  HA   sing N N 107 
GLU C   O    doub N N 108 
GLU C   OXT  sing N N 109 
GLU CB  CG   sing N N 110 
GLU CB  HB2  sing N N 111 
GLU CB  HB3  sing N N 112 
GLU CG  CD   sing N N 113 
GLU CG  HG2  sing N N 114 
GLU CG  HG3  sing N N 115 
GLU CD  OE1  doub N N 116 
GLU CD  OE2  sing N N 117 
GLU OE2 HE2  sing N N 118 
GLU OXT HXT  sing N N 119 
GLY N   CA   sing N N 120 
GLY N   H    sing N N 121 
GLY N   H2   sing N N 122 
GLY CA  C    sing N N 123 
GLY CA  HA2  sing N N 124 
GLY CA  HA3  sing N N 125 
GLY C   O    doub N N 126 
GLY C   OXT  sing N N 127 
GLY OXT HXT  sing N N 128 
H2S S   HS1  sing N N 129 
H2S S   HS2  sing N N 130 
HEM CHA C1A  sing N N 131 
HEM CHA C4D  doub N N 132 
HEM CHA HHA  sing N N 133 
HEM CHB C4A  sing N N 134 
HEM CHB C1B  doub N N 135 
HEM CHB HHB  sing N N 136 
HEM CHC C4B  sing N N 137 
HEM CHC C1C  doub N N 138 
HEM CHC HHC  sing N N 139 
HEM CHD C4C  doub N N 140 
HEM CHD C1D  sing N N 141 
HEM CHD HHD  sing N N 142 
HEM C1A C2A  doub Y N 143 
HEM C1A NA   sing Y N 144 
HEM C2A C3A  sing Y N 145 
HEM C2A CAA  sing N N 146 
HEM C3A C4A  doub Y N 147 
HEM C3A CMA  sing N N 148 
HEM C4A NA   sing Y N 149 
HEM CMA HMA  sing N N 150 
HEM CMA HMAA sing N N 151 
HEM CMA HMAB sing N N 152 
HEM CAA CBA  sing N N 153 
HEM CAA HAA  sing N N 154 
HEM CAA HAAA sing N N 155 
HEM CBA CGA  sing N N 156 
HEM CBA HBA  sing N N 157 
HEM CBA HBAA sing N N 158 
HEM CGA O1A  doub N N 159 
HEM CGA O2A  sing N N 160 
HEM C1B C2B  sing N N 161 
HEM C1B NB   sing N N 162 
HEM C2B C3B  doub N N 163 
HEM C2B CMB  sing N N 164 
HEM C3B C4B  sing N N 165 
HEM C3B CAB  sing N N 166 
HEM C4B NB   doub N N 167 
HEM CMB HMB  sing N N 168 
HEM CMB HMBA sing N N 169 
HEM CMB HMBB sing N N 170 
HEM CAB CBB  doub N N 171 
HEM CAB HAB  sing N N 172 
HEM CBB HBB  sing N N 173 
HEM CBB HBBA sing N N 174 
HEM C1C C2C  sing Y N 175 
HEM C1C NC   sing Y N 176 
HEM C2C C3C  doub Y N 177 
HEM C2C CMC  sing N N 178 
HEM C3C C4C  sing Y N 179 
HEM C3C CAC  sing N N 180 
HEM C4C NC   sing Y N 181 
HEM CMC HMC  sing N N 182 
HEM CMC HMCA sing N N 183 
HEM CMC HMCB sing N N 184 
HEM CAC CBC  doub N N 185 
HEM CAC HAC  sing N N 186 
HEM CBC HBC  sing N N 187 
HEM CBC HBCA sing N N 188 
HEM C1D C2D  sing N N 189 
HEM C1D ND   doub N N 190 
HEM C2D C3D  doub N N 191 
HEM C2D CMD  sing N N 192 
HEM C3D C4D  sing N N 193 
HEM C3D CAD  sing N N 194 
HEM C4D ND   sing N N 195 
HEM CMD HMD  sing N N 196 
HEM CMD HMDA sing N N 197 
HEM CMD HMDB sing N N 198 
HEM CAD CBD  sing N N 199 
HEM CAD HAD  sing N N 200 
HEM CAD HADA sing N N 201 
HEM CBD CGD  sing N N 202 
HEM CBD HBD  sing N N 203 
HEM CBD HBDA sing N N 204 
HEM CGD O1D  doub N N 205 
HEM CGD O2D  sing N N 206 
HEM O2A H2A  sing N N 207 
HEM O2D H2D  sing N N 208 
HEM FE  NA   sing N N 209 
HEM FE  NB   sing N N 210 
HEM FE  NC   sing N N 211 
HEM FE  ND   sing N N 212 
HIS N   CA   sing N N 213 
HIS N   H    sing N N 214 
HIS N   H2   sing N N 215 
HIS CA  C    sing N N 216 
HIS CA  CB   sing N N 217 
HIS CA  HA   sing N N 218 
HIS C   O    doub N N 219 
HIS C   OXT  sing N N 220 
HIS CB  CG   sing N N 221 
HIS CB  HB2  sing N N 222 
HIS CB  HB3  sing N N 223 
HIS CG  ND1  sing Y N 224 
HIS CG  CD2  doub Y N 225 
HIS ND1 CE1  doub Y N 226 
HIS ND1 HD1  sing N N 227 
HIS CD2 NE2  sing Y N 228 
HIS CD2 HD2  sing N N 229 
HIS CE1 NE2  sing Y N 230 
HIS CE1 HE1  sing N N 231 
HIS NE2 HE2  sing N N 232 
HIS OXT HXT  sing N N 233 
HOH O   H1   sing N N 234 
HOH O   H2   sing N N 235 
ILE N   CA   sing N N 236 
ILE N   H    sing N N 237 
ILE N   H2   sing N N 238 
ILE CA  C    sing N N 239 
ILE CA  CB   sing N N 240 
ILE CA  HA   sing N N 241 
ILE C   O    doub N N 242 
ILE C   OXT  sing N N 243 
ILE CB  CG1  sing N N 244 
ILE CB  CG2  sing N N 245 
ILE CB  HB   sing N N 246 
ILE CG1 CD1  sing N N 247 
ILE CG1 HG12 sing N N 248 
ILE CG1 HG13 sing N N 249 
ILE CG2 HG21 sing N N 250 
ILE CG2 HG22 sing N N 251 
ILE CG2 HG23 sing N N 252 
ILE CD1 HD11 sing N N 253 
ILE CD1 HD12 sing N N 254 
ILE CD1 HD13 sing N N 255 
ILE OXT HXT  sing N N 256 
LEU N   CA   sing N N 257 
LEU N   H    sing N N 258 
LEU N   H2   sing N N 259 
LEU CA  C    sing N N 260 
LEU CA  CB   sing N N 261 
LEU CA  HA   sing N N 262 
LEU C   O    doub N N 263 
LEU C   OXT  sing N N 264 
LEU CB  CG   sing N N 265 
LEU CB  HB2  sing N N 266 
LEU CB  HB3  sing N N 267 
LEU CG  CD1  sing N N 268 
LEU CG  CD2  sing N N 269 
LEU CG  HG   sing N N 270 
LEU CD1 HD11 sing N N 271 
LEU CD1 HD12 sing N N 272 
LEU CD1 HD13 sing N N 273 
LEU CD2 HD21 sing N N 274 
LEU CD2 HD22 sing N N 275 
LEU CD2 HD23 sing N N 276 
LEU OXT HXT  sing N N 277 
LYS N   CA   sing N N 278 
LYS N   H    sing N N 279 
LYS N   H2   sing N N 280 
LYS CA  C    sing N N 281 
LYS CA  CB   sing N N 282 
LYS CA  HA   sing N N 283 
LYS C   O    doub N N 284 
LYS C   OXT  sing N N 285 
LYS CB  CG   sing N N 286 
LYS CB  HB2  sing N N 287 
LYS CB  HB3  sing N N 288 
LYS CG  CD   sing N N 289 
LYS CG  HG2  sing N N 290 
LYS CG  HG3  sing N N 291 
LYS CD  CE   sing N N 292 
LYS CD  HD2  sing N N 293 
LYS CD  HD3  sing N N 294 
LYS CE  NZ   sing N N 295 
LYS CE  HE2  sing N N 296 
LYS CE  HE3  sing N N 297 
LYS NZ  HZ1  sing N N 298 
LYS NZ  HZ2  sing N N 299 
LYS NZ  HZ3  sing N N 300 
LYS OXT HXT  sing N N 301 
MET N   CA   sing N N 302 
MET N   H    sing N N 303 
MET N   H2   sing N N 304 
MET CA  C    sing N N 305 
MET CA  CB   sing N N 306 
MET CA  HA   sing N N 307 
MET C   O    doub N N 308 
MET C   OXT  sing N N 309 
MET CB  CG   sing N N 310 
MET CB  HB2  sing N N 311 
MET CB  HB3  sing N N 312 
MET CG  SD   sing N N 313 
MET CG  HG2  sing N N 314 
MET CG  HG3  sing N N 315 
MET SD  CE   sing N N 316 
MET CE  HE1  sing N N 317 
MET CE  HE2  sing N N 318 
MET CE  HE3  sing N N 319 
MET OXT HXT  sing N N 320 
PHE N   CA   sing N N 321 
PHE N   H    sing N N 322 
PHE N   H2   sing N N 323 
PHE CA  C    sing N N 324 
PHE CA  CB   sing N N 325 
PHE CA  HA   sing N N 326 
PHE C   O    doub N N 327 
PHE C   OXT  sing N N 328 
PHE CB  CG   sing N N 329 
PHE CB  HB2  sing N N 330 
PHE CB  HB3  sing N N 331 
PHE CG  CD1  doub Y N 332 
PHE CG  CD2  sing Y N 333 
PHE CD1 CE1  sing Y N 334 
PHE CD1 HD1  sing N N 335 
PHE CD2 CE2  doub Y N 336 
PHE CD2 HD2  sing N N 337 
PHE CE1 CZ   doub Y N 338 
PHE CE1 HE1  sing N N 339 
PHE CE2 CZ   sing Y N 340 
PHE CE2 HE2  sing N N 341 
PHE CZ  HZ   sing N N 342 
PHE OXT HXT  sing N N 343 
PRO N   CA   sing N N 344 
PRO N   CD   sing N N 345 
PRO N   H    sing N N 346 
PRO CA  C    sing N N 347 
PRO CA  CB   sing N N 348 
PRO CA  HA   sing N N 349 
PRO C   O    doub N N 350 
PRO C   OXT  sing N N 351 
PRO CB  CG   sing N N 352 
PRO CB  HB2  sing N N 353 
PRO CB  HB3  sing N N 354 
PRO CG  CD   sing N N 355 
PRO CG  HG2  sing N N 356 
PRO CG  HG3  sing N N 357 
PRO CD  HD2  sing N N 358 
PRO CD  HD3  sing N N 359 
PRO OXT HXT  sing N N 360 
SER N   CA   sing N N 361 
SER N   H    sing N N 362 
SER N   H2   sing N N 363 
SER CA  C    sing N N 364 
SER CA  CB   sing N N 365 
SER CA  HA   sing N N 366 
SER C   O    doub N N 367 
SER C   OXT  sing N N 368 
SER CB  OG   sing N N 369 
SER CB  HB2  sing N N 370 
SER CB  HB3  sing N N 371 
SER OG  HG   sing N N 372 
SER OXT HXT  sing N N 373 
THR N   CA   sing N N 374 
THR N   H    sing N N 375 
THR N   H2   sing N N 376 
THR CA  C    sing N N 377 
THR CA  CB   sing N N 378 
THR CA  HA   sing N N 379 
THR C   O    doub N N 380 
THR C   OXT  sing N N 381 
THR CB  OG1  sing N N 382 
THR CB  CG2  sing N N 383 
THR CB  HB   sing N N 384 
THR OG1 HG1  sing N N 385 
THR CG2 HG21 sing N N 386 
THR CG2 HG22 sing N N 387 
THR CG2 HG23 sing N N 388 
THR OXT HXT  sing N N 389 
TRP N   CA   sing N N 390 
TRP N   H    sing N N 391 
TRP N   H2   sing N N 392 
TRP CA  C    sing N N 393 
TRP CA  CB   sing N N 394 
TRP CA  HA   sing N N 395 
TRP C   O    doub N N 396 
TRP C   OXT  sing N N 397 
TRP CB  CG   sing N N 398 
TRP CB  HB2  sing N N 399 
TRP CB  HB3  sing N N 400 
TRP CG  CD1  doub Y N 401 
TRP CG  CD2  sing Y N 402 
TRP CD1 NE1  sing Y N 403 
TRP CD1 HD1  sing N N 404 
TRP CD2 CE2  doub Y N 405 
TRP CD2 CE3  sing Y N 406 
TRP NE1 CE2  sing Y N 407 
TRP NE1 HE1  sing N N 408 
TRP CE2 CZ2  sing Y N 409 
TRP CE3 CZ3  doub Y N 410 
TRP CE3 HE3  sing N N 411 
TRP CZ2 CH2  doub Y N 412 
TRP CZ2 HZ2  sing N N 413 
TRP CZ3 CH2  sing Y N 414 
TRP CZ3 HZ3  sing N N 415 
TRP CH2 HH2  sing N N 416 
TRP OXT HXT  sing N N 417 
TYR N   CA   sing N N 418 
TYR N   H    sing N N 419 
TYR N   H2   sing N N 420 
TYR CA  C    sing N N 421 
TYR CA  CB   sing N N 422 
TYR CA  HA   sing N N 423 
TYR C   O    doub N N 424 
TYR C   OXT  sing N N 425 
TYR CB  CG   sing N N 426 
TYR CB  HB2  sing N N 427 
TYR CB  HB3  sing N N 428 
TYR CG  CD1  doub Y N 429 
TYR CG  CD2  sing Y N 430 
TYR CD1 CE1  sing Y N 431 
TYR CD1 HD1  sing N N 432 
TYR CD2 CE2  doub Y N 433 
TYR CD2 HD2  sing N N 434 
TYR CE1 CZ   doub Y N 435 
TYR CE1 HE1  sing N N 436 
TYR CE2 CZ   sing Y N 437 
TYR CE2 HE2  sing N N 438 
TYR CZ  OH   sing N N 439 
TYR OH  HH   sing N N 440 
TYR OXT HXT  sing N N 441 
VAL N   CA   sing N N 442 
VAL N   H    sing N N 443 
VAL N   H2   sing N N 444 
VAL CA  C    sing N N 445 
VAL CA  CB   sing N N 446 
VAL CA  HA   sing N N 447 
VAL C   O    doub N N 448 
VAL C   OXT  sing N N 449 
VAL CB  CG1  sing N N 450 
VAL CB  CG2  sing N N 451 
VAL CB  HB   sing N N 452 
VAL CG1 HG11 sing N N 453 
VAL CG1 HG12 sing N N 454 
VAL CG1 HG13 sing N N 455 
VAL CG2 HG21 sing N N 456 
VAL CG2 HG22 sing N N 457 
VAL CG2 HG23 sing N N 458 
VAL OXT HXT  sing N N 459 
# 
_atom_sites.entry_id                    1MOH 
_atom_sites.fract_transf_matrix[1][1]   -0.01228194 
_atom_sites.fract_transf_matrix[1][2]   -0.01186308 
_atom_sites.fract_transf_matrix[1][3]   0.01166248 
_atom_sites.fract_transf_matrix[2][1]   -0.00596644 
_atom_sites.fract_transf_matrix[2][2]   0.02045033 
_atom_sites.fract_transf_matrix[2][3]   0.01451875 
_atom_sites.fract_transf_matrix[3][1]   -0.02237856 
_atom_sites.fract_transf_matrix[3][2]   0.00068993 
_atom_sites.fract_transf_matrix[3][3]   -0.01016820 
_atom_sites.fract_transf_vector[1]      0.314073 
_atom_sites.fract_transf_vector[2]      0.008872 
_atom_sites.fract_transf_vector[3]      0.158689 
# 
loop_
_atom_type.symbol 
C  
FE 
N  
O  
S  
# 
loop_
_atom_site.group_PDB 
_atom_site.id 
_atom_site.type_symbol 
_atom_site.label_atom_id 
_atom_site.label_alt_id 
_atom_site.label_comp_id 
_atom_site.label_asym_id 
_atom_site.label_entity_id 
_atom_site.label_seq_id 
_atom_site.pdbx_PDB_ins_code 
_atom_site.Cartn_x 
_atom_site.Cartn_y 
_atom_site.Cartn_z 
_atom_site.occupancy 
_atom_site.B_iso_or_equiv 
_atom_site.pdbx_formal_charge 
_atom_site.auth_seq_id 
_atom_site.auth_comp_id 
_atom_site.auth_asym_id 
_atom_site.auth_atom_id 
_atom_site.pdbx_PDB_model_num 
ATOM   1    N  N   . SER A 1 1   ? -6.969  14.045  14.360  1.00 59.33  ? 1    SER A N   1 
ATOM   2    C  CA  . SER A 1 1   ? -6.029  13.184  13.642  1.00 56.41  ? 1    SER A CA  1 
ATOM   3    C  C   . SER A 1 1   ? -6.642  11.942  13.021  1.00 44.61  ? 1    SER A C   1 
ATOM   4    O  O   . SER A 1 1   ? -6.542  11.754  11.820  1.00 65.90  ? 1    SER A O   1 
ATOM   5    C  CB  . SER A 1 1   ? -4.824  12.799  14.492  1.00 54.08  ? 1    SER A CB  1 
ATOM   6    O  OG  . SER A 1 1   ? -3.689  13.485  13.996  1.00 73.59  ? 1    SER A OG  1 
ATOM   7    N  N   . LEU A 1 2   ? -7.259  11.088  13.831  1.00 36.16  ? 2    LEU A N   1 
ATOM   8    C  CA  . LEU A 1 2   ? -7.957  9.924   13.285  1.00 35.47  ? 2    LEU A CA  1 
ATOM   9    C  C   . LEU A 1 2   ? -9.216  9.654   14.056  1.00 27.41  ? 2    LEU A C   1 
ATOM   10   O  O   . LEU A 1 2   ? -9.143  9.117   15.174  1.00 33.19  ? 2    LEU A O   1 
ATOM   11   C  CB  . LEU A 1 2   ? -7.087  8.672   13.319  1.00 43.53  ? 2    LEU A CB  1 
ATOM   12   C  CG  . LEU A 1 2   ? -7.273  7.826   12.059  1.00 61.03  ? 2    LEU A CG  1 
ATOM   13   C  CD1 . LEU A 1 2   ? -7.232  8.792   10.887  1.00 75.57  ? 2    LEU A CD1 1 
ATOM   14   C  CD2 . LEU A 1 2   ? -6.177  6.771   11.920  1.00 55.93  ? 2    LEU A CD2 1 
ATOM   15   N  N   . GLU A 1 3   ? -10.387 9.980   13.505  1.00 19.65  ? 3    GLU A N   1 
ATOM   16   C  CA  . GLU A 1 3   ? -11.632 9.727   14.265  1.00 25.16  ? 3    GLU A CA  1 
ATOM   17   C  C   . GLU A 1 3   ? -12.119 8.300   14.228  1.00 24.78  ? 3    GLU A C   1 
ATOM   18   O  O   . GLU A 1 3   ? -11.692 7.521   13.393  1.00 21.04  ? 3    GLU A O   1 
ATOM   19   C  CB  . GLU A 1 3   ? -12.780 10.594  13.754  1.00 21.51  ? 3    GLU A CB  1 
ATOM   20   C  CG  . GLU A 1 3   ? -13.241 10.141  12.396  1.00 13.15  ? 3    GLU A CG  1 
ATOM   21   C  CD  . GLU A 1 3   ? -13.822 11.294  11.504  1.00 100.00 ? 3    GLU A CD  1 
ATOM   22   O  OE1 . GLU A 1 3   ? -12.982 12.025  10.931  1.00 100.00 ? 3    GLU A OE1 1 
ATOM   23   O  OE2 . GLU A 1 3   ? -15.080 11.517  11.364  1.00 45.04  ? 3    GLU A OE2 1 
ATOM   24   N  N   . ALA A 1 4   ? -13.025 7.965   15.136  1.00 17.92  ? 4    ALA A N   1 
ATOM   25   C  CA  . ALA A 1 4   ? -13.609 6.643   15.183  1.00 17.71  ? 4    ALA A CA  1 
ATOM   26   C  C   . ALA A 1 4   ? -14.301 6.341   13.852  1.00 32.56  ? 4    ALA A C   1 
ATOM   27   O  O   . ALA A 1 4   ? -14.251 5.215   13.364  1.00 18.90  ? 4    ALA A O   1 
ATOM   28   C  CB  . ALA A 1 4   ? -14.589 6.526   16.300  1.00 15.35  ? 4    ALA A CB  1 
ATOM   29   N  N   . ALA A 1 5   ? -14.985 7.334   13.293  1.00 25.30  ? 5    ALA A N   1 
ATOM   30   C  CA  . ALA A 1 5   ? -15.685 7.181   12.002  1.00 27.77  ? 5    ALA A CA  1 
ATOM   31   C  C   . ALA A 1 5   ? -14.703 6.860   10.871  1.00 20.07  ? 5    ALA A C   1 
ATOM   32   O  O   . ALA A 1 5   ? -15.036 6.053   9.980   1.00 19.35  ? 5    ALA A O   1 
ATOM   33   C  CB  . ALA A 1 5   ? -16.466 8.485   11.636  1.00 17.28  ? 5    ALA A CB  1 
ATOM   34   N  N   . GLN A 1 6   ? -13.545 7.521   10.875  1.00 14.63  ? 6    GLN A N   1 
ATOM   35   C  CA  . GLN A 1 6   ? -12.479 7.345   9.882   1.00 22.38  ? 6    GLN A CA  1 
ATOM   36   C  C   . GLN A 1 6   ? -11.879 5.935   9.912   1.00 20.18  ? 6    GLN A C   1 
ATOM   37   O  O   . GLN A 1 6   ? -11.751 5.226   8.886   1.00 15.74  ? 6    GLN A O   1 
ATOM   38   C  CB  . GLN A 1 6   ? -11.424 8.455   9.883   1.00 20.65  ? 6    GLN A CB  1 
ATOM   39   C  CG  . GLN A 1 6   ? -11.856 9.819   9.384   1.00 23.02  ? 6    GLN A CG  1 
ATOM   40   C  CD  . GLN A 1 6   ? -10.794 10.848  9.687   1.00 24.74  ? 6    GLN A CD  1 
ATOM   41   O  OE1 . GLN A 1 6   ? -10.168 10.791  10.751  1.00 25.26  ? 6    GLN A OE1 1 
ATOM   42   N  NE2 . GLN A 1 6   ? -10.513 11.737  8.728   1.00 19.06  ? 6    GLN A NE2 1 
ATOM   43   N  N   . LYS A 1 7   ? -11.648 5.467   11.123  1.00 20.38  ? 7    LYS A N   1 
ATOM   44   C  CA  . LYS A 1 7   ? -11.169 4.109   11.318  1.00 22.37  ? 7    LYS A CA  1 
ATOM   45   C  C   . LYS A 1 7   ? -12.201 3.108   10.813  1.00 26.34  ? 7    LYS A C   1 
ATOM   46   O  O   . LYS A 1 7   ? -11.849 2.097   10.186  1.00 19.80  ? 7    LYS A O   1 
ATOM   47   C  CB  . LYS A 1 7   ? -10.879 3.851   12.807  1.00 18.09  ? 7    LYS A CB  1 
ATOM   48   C  CG  . LYS A 1 7   ? -9.571  4.589   13.321  1.00 14.65  ? 7    LYS A CG  1 
ATOM   49   C  CD  . LYS A 1 7   ? -9.620  4.452   14.872  1.00 22.39  ? 7    LYS A CD  1 
ATOM   50   C  CE  . LYS A 1 7   ? -8.539  5.262   15.576  1.00 63.06  ? 7    LYS A CE  1 
ATOM   51   N  NZ  . LYS A 1 7   ? -8.322  4.840   17.014  1.00 37.17  ? 7    LYS A NZ  1 
ATOM   52   N  N   . SER A 1 8   ? -13.456 3.313   11.193  1.00 13.99  ? 8    SER A N   1 
ATOM   53   C  CA  . SER A 1 8   ? -14.526 2.444   10.753  1.00 16.32  ? 8    SER A CA  1 
ATOM   54   C  C   . SER A 1 8   ? -14.660 2.375   9.200   1.00 16.22  ? 8    SER A C   1 
ATOM   55   O  O   . SER A 1 8   ? -14.786 1.275   8.623   1.00 18.46  ? 8    SER A O   1 
ATOM   56   C  CB  . SER A 1 8   ? -15.839 2.856   11.400  1.00 23.44  ? 8    SER A CB  1 
ATOM   57   O  OG  . SER A 1 8   ? -16.767 1.786   11.358  1.00 59.96  ? 8    SER A OG  1 
ATOM   58   N  N   . ASN A 1 9   ? -14.602 3.517   8.524   1.00 17.12  ? 9    ASN A N   1 
ATOM   59   C  CA  . ASN A 1 9   ? -14.685 3.519   7.070   1.00 13.20  ? 9    ASN A CA  1 
ATOM   60   C  C   . ASN A 1 9   ? -13.488 2.722   6.505   1.00 26.98  ? 9    ASN A C   1 
ATOM   61   O  O   . ASN A 1 9   ? -13.664 1.971   5.565   1.00 16.06  ? 9    ASN A O   1 
ATOM   62   C  CB  . ASN A 1 9   ? -14.578 4.918   6.486   1.00 11.86  ? 9    ASN A CB  1 
ATOM   63   C  CG  . ASN A 1 9   ? -14.668 4.942   4.957   1.00 21.71  ? 9    ASN A CG  1 
ATOM   64   O  OD1 . ASN A 1 9   ? -15.726 4.794   4.313   1.00 20.63  ? 9    ASN A OD1 1 
ATOM   65   N  ND2 . ASN A 1 9   ? -13.557 5.202   4.368   1.00 16.48  ? 9    ASN A ND2 1 
ATOM   66   N  N   . VAL A 1 10  ? -12.277 2.953   7.011   1.00 15.50  ? 10   VAL A N   1 
ATOM   67   C  CA  . VAL A 1 10  ? -11.048 2.288   6.527   1.00 18.97  ? 10   VAL A CA  1 
ATOM   68   C  C   . VAL A 1 10  ? -11.146 0.768   6.647   1.00 15.29  ? 10   VAL A C   1 
ATOM   69   O  O   . VAL A 1 10  ? -10.898 0.036   5.668   1.00 19.67  ? 10   VAL A O   1 
ATOM   70   C  CB  . VAL A 1 10  ? -9.743  2.883   7.174   1.00 18.25  ? 10   VAL A CB  1 
ATOM   71   C  CG1 . VAL A 1 10  ? -8.543  1.898   6.952   1.00 19.50  ? 10   VAL A CG1 1 
ATOM   72   C  CG2 . VAL A 1 10  ? -9.389  4.215   6.471   1.00 20.88  ? 10   VAL A CG2 1 
ATOM   73   N  N   . THR A 1 11  ? -11.571 0.291   7.828   1.00 14.16  ? 11   THR A N   1 
ATOM   74   C  CA  . THR A 1 11  ? -11.749 -1.122  8.075   1.00 19.97  ? 11   THR A CA  1 
ATOM   75   C  C   . THR A 1 11  ? -12.820 -1.754  7.161   1.00 30.14  ? 11   THR A C   1 
ATOM   76   O  O   . THR A 1 11  ? -12.652 -2.841  6.607   1.00 16.39  ? 11   THR A O   1 
ATOM   77   C  CB  . THR A 1 11  ? -12.232 -1.370  9.496   1.00 24.85  ? 11   THR A CB  1 
ATOM   78   O  OG1 . THR A 1 11  ? -11.202 -1.049  10.437  1.00 60.07  ? 11   THR A OG1 1 
ATOM   79   C  CG2 . THR A 1 11  ? -12.646 -2.798  9.681   1.00 92.39  ? 11   THR A CG2 1 
ATOM   80   N  N   . SER A 1 12  ? -13.968 -1.110  7.055   1.00 16.13  ? 12   SER A N   1 
ATOM   81   C  CA  . SER A 1 12  ? -15.051 -1.638  6.216   1.00 22.96  ? 12   SER A CA  1 
ATOM   82   C  C   . SER A 1 12  ? -14.748 -1.718  4.713   1.00 15.40  ? 12   SER A C   1 
ATOM   83   O  O   . SER A 1 12  ? -14.991 -2.778  4.110   1.00 19.09  ? 12   SER A O   1 
ATOM   84   C  CB  . SER A 1 12  ? -16.378 -0.897  6.487   1.00 20.90  ? 12   SER A CB  1 
ATOM   85   O  OG  . SER A 1 12  ? -16.824 -1.371  7.748   1.00 36.59  ? 12   SER A OG  1 
ATOM   86   N  N   . SER A 1 13  ? -14.233 -0.629  4.149   1.00 12.58  ? 13   SER A N   1 
ATOM   87   C  CA  . SER A 1 13  ? -13.880 -0.535  2.764   1.00 19.17  ? 13   SER A CA  1 
ATOM   88   C  C   . SER A 1 13  ? -12.713 -1.515  2.491   1.00 27.65  ? 13   SER A C   1 
ATOM   89   O  O   . SER A 1 13  ? -12.690 -2.156  1.421   1.00 18.81  ? 13   SER A O   1 
ATOM   90   C  CB  . SER A 1 13  ? -13.606 0.916   2.313   1.00 15.28  ? 13   SER A CB  1 
ATOM   91   O  OG  . SER A 1 13  ? -12.392 1.568   2.786   1.00 15.96  ? 13   SER A OG  1 
ATOM   92   N  N   . TRP A 1 14  ? -11.797 -1.688  3.455   1.00 14.11  ? 14   TRP A N   1 
ATOM   93   C  CA  . TRP A 1 14  ? -10.692 -2.636  3.229   1.00 19.96  ? 14   TRP A CA  1 
ATOM   94   C  C   . TRP A 1 14  ? -11.226 -4.085  3.095   1.00 18.48  ? 14   TRP A C   1 
ATOM   95   O  O   . TRP A 1 14  ? -10.736 -4.841  2.241   1.00 18.02  ? 14   TRP A O   1 
ATOM   96   C  CB  . TRP A 1 14  ? -9.516  -2.545  4.248   1.00 17.77  ? 14   TRP A CB  1 
ATOM   97   C  CG  . TRP A 1 14  ? -8.368  -3.518  3.867   1.00 15.44  ? 14   TRP A CG  1 
ATOM   98   C  CD1 . TRP A 1 14  ? -8.056  -4.712  4.485   1.00 19.90  ? 14   TRP A CD1 1 
ATOM   99   C  CD2 . TRP A 1 14  ? -7.566  -3.456  2.686   1.00 13.64  ? 14   TRP A CD2 1 
ATOM   100  N  NE1 . TRP A 1 14  ? -7.026  -5.323  3.795   1.00 17.09  ? 14   TRP A NE1 1 
ATOM   101  C  CE2 . TRP A 1 14  ? -6.730  -4.597  2.676   1.00 20.81  ? 14   TRP A CE2 1 
ATOM   102  C  CE3 . TRP A 1 14  ? -7.468  -2.558  1.630   1.00 15.61  ? 14   TRP A CE3 1 
ATOM   103  C  CZ2 . TRP A 1 14  ? -5.859  -4.884  1.615   1.00 16.24  ? 14   TRP A CZ2 1 
ATOM   104  C  CZ3 . TRP A 1 14  ? -6.523  -2.814  0.606   1.00 26.69  ? 14   TRP A CZ3 1 
ATOM   105  C  CH2 . TRP A 1 14  ? -5.735  -3.956  0.628   1.00 23.38  ? 14   TRP A CH2 1 
ATOM   106  N  N   . ALA A 1 15  ? -12.190 -4.468  3.943   1.00 17.03  ? 15   ALA A N   1 
ATOM   107  C  CA  . ALA A 1 15  ? -12.836 -5.794  3.888   1.00 29.43  ? 15   ALA A CA  1 
ATOM   108  C  C   . ALA A 1 15  ? -13.440 -6.074  2.492   1.00 27.88  ? 15   ALA A C   1 
ATOM   109  O  O   . ALA A 1 15  ? -13.436 -7.206  2.011   1.00 19.57  ? 15   ALA A O   1 
ATOM   110  C  CB  . ALA A 1 15  ? -13.936 -5.933  4.932   1.00 19.31  ? 15   ALA A CB  1 
ATOM   111  N  N   . LYS A 1 16  ? -13.983 -5.050  1.853   1.00 22.71  ? 16   LYS A N   1 
ATOM   112  C  CA  . LYS A 1 16  ? -14.539 -5.169  0.517   1.00 22.14  ? 16   LYS A CA  1 
ATOM   113  C  C   . LYS A 1 16  ? -13.427 -5.288  -0.517  1.00 23.52  ? 16   LYS A C   1 
ATOM   114  O  O   . LYS A 1 16  ? -13.523 -6.173  -1.358  1.00 22.41  ? 16   LYS A O   1 
ATOM   115  C  CB  . LYS A 1 16  ? -15.334 -3.931  0.190   1.00 20.15  ? 16   LYS A CB  1 
ATOM   116  C  CG  . LYS A 1 16  ? -16.683 -3.938  0.863   1.00 27.22  ? 16   LYS A CG  1 
ATOM   117  C  CD  . LYS A 1 16  ? -17.548 -2.849  0.166   1.00 48.86  ? 16   LYS A CD  1 
ATOM   118  C  CE  . LYS A 1 16  ? -18.597 -2.245  1.090   1.00 89.14  ? 16   LYS A CE  1 
ATOM   119  N  NZ  . LYS A 1 16  ? -19.348 -1.109  0.457   1.00 100.00 ? 16   LYS A NZ  1 
ATOM   120  N  N   . ALA A 1 17  ? -12.389 -4.452  -0.501  1.00 18.08  ? 17   ALA A N   1 
ATOM   121  C  CA  . ALA A 1 17  ? -11.287 -4.605  -1.498  1.00 14.16  ? 17   ALA A CA  1 
ATOM   122  C  C   . ALA A 1 17  ? -10.589 -5.941  -1.363  1.00 25.64  ? 17   ALA A C   1 
ATOM   123  O  O   . ALA A 1 17  ? -10.082 -6.517  -2.359  1.00 16.79  ? 17   ALA A O   1 
ATOM   124  C  CB  . ALA A 1 17  ? -10.217 -3.529  -1.366  1.00 12.66  ? 17   ALA A CB  1 
ATOM   125  N  N   . SER A 1 18  ? -10.514 -6.384  -0.107  1.00 22.74  ? 18   SER A N   1 
ATOM   126  C  CA  . SER A 1 18  ? -9.821  -7.604  0.235   1.00 19.95  ? 18   SER A CA  1 
ATOM   127  C  C   . SER A 1 18  ? -10.530 -8.846  -0.362  1.00 23.88  ? 18   SER A C   1 
ATOM   128  O  O   . SER A 1 18  ? -9.890  -9.764  -0.853  1.00 22.60  ? 18   SER A O   1 
ATOM   129  C  CB  . SER A 1 18  ? -9.586  -7.699  1.745   1.00 21.44  ? 18   SER A CB  1 
ATOM   130  O  OG  . SER A 1 18  ? -9.577  -9.041  2.211   1.00 40.06  ? 18   SER A OG  1 
ATOM   131  N  N   . ALA A 1 19  ? -11.841 -8.865  -0.371  1.00 20.14  ? 19   ALA A N   1 
ATOM   132  C  CA  . ALA A 1 19  ? -12.592 -9.972  -0.939  1.00 25.15  ? 19   ALA A CA  1 
ATOM   133  C  C   . ALA A 1 19  ? -12.408 -9.975  -2.483  1.00 15.23  ? 19   ALA A C   1 
ATOM   134  O  O   . ALA A 1 19  ? -12.566 -11.012 -3.140  1.00 23.74  ? 19   ALA A O   1 
ATOM   135  C  CB  . ALA A 1 19  ? -14.090 -9.853  -0.505  1.00 19.60  ? 19   ALA A CB  1 
ATOM   136  N  N   . ALA A 1 20  ? -12.045 -8.835  -3.060  1.00 17.64  ? 20   ALA A N   1 
ATOM   137  C  CA  . ALA A 1 20  ? -11.870 -8.728  -4.518  1.00 24.04  ? 20   ALA A CA  1 
ATOM   138  C  C   . ALA A 1 20  ? -10.424 -8.698  -5.027  1.00 13.50  ? 20   ALA A C   1 
ATOM   139  O  O   . ALA A 1 20  ? -10.154 -8.456  -6.228  1.00 16.82  ? 20   ALA A O   1 
ATOM   140  C  CB  . ALA A 1 20  ? -12.601 -7.475  -5.024  1.00 16.60  ? 20   ALA A CB  1 
ATOM   141  N  N   . TRP A 1 21  ? -9.475  -8.827  -4.071  1.00 13.89  ? 21   TRP A N   1 
ATOM   142  C  CA  . TRP A 1 21  ? -8.037  -8.619  -4.338  1.00 23.77  ? 21   TRP A CA  1 
ATOM   143  C  C   . TRP A 1 21  ? -7.382  -9.469  -5.455  1.00 12.26  ? 21   TRP A C   1 
ATOM   144  O  O   . TRP A 1 21  ? -6.436  -8.991  -6.112  1.00 14.40  ? 21   TRP A O   1 
ATOM   145  C  CB  . TRP A 1 21  ? -7.190  -8.595  -3.005  1.00 19.75  ? 21   TRP A CB  1 
ATOM   146  C  CG  . TRP A 1 21  ? -5.913  -7.687  -3.098  1.00 20.70  ? 21   TRP A CG  1 
ATOM   147  C  CD1 . TRP A 1 21  ? -4.623  -8.118  -3.049  1.00 16.36  ? 21   TRP A CD1 1 
ATOM   148  C  CD2 . TRP A 1 21  ? -5.834  -6.235  -3.171  1.00 23.22  ? 21   TRP A CD2 1 
ATOM   149  N  NE1 . TRP A 1 21  ? -3.759  -7.075  -3.206  1.00 17.85  ? 21   TRP A NE1 1 
ATOM   150  C  CE2 . TRP A 1 21  ? -4.459  -5.898  -3.229  1.00 23.90  ? 21   TRP A CE2 1 
ATOM   151  C  CE3 . TRP A 1 21  ? -6.787  -5.187  -3.175  1.00 21.64  ? 21   TRP A CE3 1 
ATOM   152  C  CZ2 . TRP A 1 21  ? -3.997  -4.563  -3.380  1.00 22.10  ? 21   TRP A CZ2 1 
ATOM   153  C  CZ3 . TRP A 1 21  ? -6.321  -3.830  -3.272  1.00 22.96  ? 21   TRP A CZ3 1 
ATOM   154  C  CH2 . TRP A 1 21  ? -4.931  -3.545  -3.382  1.00 30.24  ? 21   TRP A CH2 1 
ATOM   155  N  N   . GLY A 1 22  ? -7.974  -10.639 -5.725  1.00 14.15  ? 22   GLY A N   1 
ATOM   156  C  CA  . GLY A 1 22  ? -7.487  -11.518 -6.822  1.00 22.15  ? 22   GLY A CA  1 
ATOM   157  C  C   . GLY A 1 22  ? -7.481  -10.755 -8.141  1.00 34.21  ? 22   GLY A C   1 
ATOM   158  O  O   . GLY A 1 22  ? -6.596  -10.896 -8.990  1.00 23.09  ? 22   GLY A O   1 
ATOM   159  N  N   . THR A 1 23  ? -8.467  -9.885  -8.314  1.00 16.31  ? 23   THR A N   1 
ATOM   160  C  CA  . THR A 1 23  ? -8.428  -9.101  -9.518  1.00 12.25  ? 23   THR A CA  1 
ATOM   161  C  C   . THR A 1 23  ? -8.051  -7.680  -9.236  1.00 16.83  ? 23   THR A C   1 
ATOM   162  O  O   . THR A 1 23  ? -7.436  -7.034  -10.095 1.00 21.16  ? 23   THR A O   1 
ATOM   163  C  CB  . THR A 1 23  ? -9.847  -9.121  -10.235 1.00 21.02  ? 23   THR A CB  1 
ATOM   164  O  OG1 . THR A 1 23  ? -10.886 -8.604  -9.375  1.00 18.52  ? 23   THR A OG1 1 
ATOM   165  C  CG2 . THR A 1 23  ? -10.229 -10.582 -10.551 1.00 19.73  ? 23   THR A CG2 1 
ATOM   166  N  N   . ALA A 1 24  ? -8.467  -7.163  -8.064  1.00 18.75  ? 24   ALA A N   1 
ATOM   167  C  CA  . ALA A 1 24  ? -8.162  -5.745  -7.811  1.00 20.93  ? 24   ALA A CA  1 
ATOM   168  C  C   . ALA A 1 24  ? -6.675  -5.447  -7.530  1.00 16.98  ? 24   ALA A C   1 
ATOM   169  O  O   . ALA A 1 24  ? -6.209  -4.372  -7.902  1.00 21.30  ? 24   ALA A O   1 
ATOM   170  C  CB  . ALA A 1 24  ? -9.064  -5.152  -6.707  1.00 19.95  ? 24   ALA A CB  1 
ATOM   171  N  N   . GLY A 1 25  ? -5.996  -6.337  -6.797  1.00 17.75  ? 25   GLY A N   1 
ATOM   172  C  CA  . GLY A 1 25  ? -4.556  -6.148  -6.530  1.00 20.11  ? 25   GLY A CA  1 
ATOM   173  C  C   . GLY A 1 25  ? -3.722  -5.790  -7.753  1.00 13.28  ? 25   GLY A C   1 
ATOM   174  O  O   . GLY A 1 25  ? -3.001  -4.798  -7.797  1.00 16.72  ? 25   GLY A O   1 
ATOM   175  N  N   . PRO A 1 26  ? -3.795  -6.571  -8.833  1.00 15.11  ? 26   PRO A N   1 
ATOM   176  C  CA  . PRO A 1 26  ? -2.987  -6.222  -10.006 1.00 16.25  ? 26   PRO A CA  1 
ATOM   177  C  C   . PRO A 1 26  ? -3.396  -4.892  -10.640 1.00 13.31  ? 26   PRO A C   1 
ATOM   178  O  O   . PRO A 1 26  ? -2.608  -4.208  -11.276 1.00 14.73  ? 26   PRO A O   1 
ATOM   179  C  CB  . PRO A 1 26  ? -3.285  -7.373  -10.975 1.00 30.27  ? 26   PRO A CB  1 
ATOM   180  C  CG  . PRO A 1 26  ? -3.557  -8.530  -10.068 1.00 24.35  ? 26   PRO A CG  1 
ATOM   181  C  CD  . PRO A 1 26  ? -4.117  -8.001  -8.752  1.00 14.88  ? 26   PRO A CD  1 
ATOM   182  N  N   . GLU A 1 27  ? -4.684  -4.555  -10.531 1.00 21.59  ? 27   GLU A N   1 
ATOM   183  C  CA  . GLU A 1 27  ? -5.126  -3.298  -11.123 1.00 20.46  ? 27   GLU A CA  1 
ATOM   184  C  C   . GLU A 1 27  ? -4.512  -2.183  -10.282 1.00 22.19  ? 27   GLU A C   1 
ATOM   185  O  O   . GLU A 1 27  ? -4.144  -1.161  -10.843 1.00 18.07  ? 27   GLU A O   1 
ATOM   186  C  CB  . GLU A 1 27  ? -6.636  -3.135  -10.952 1.00 18.47  ? 27   GLU A CB  1 
ATOM   187  C  CG  . GLU A 1 27  ? -7.437  -3.890  -12.006 1.00 46.30  ? 27   GLU A CG  1 
ATOM   188  C  CD  . GLU A 1 27  ? -8.828  -4.251  -11.478 1.00 100.00 ? 27   GLU A CD  1 
ATOM   189  O  OE1 . GLU A 1 27  ? -9.363  -3.480  -10.644 1.00 67.89  ? 27   GLU A OE1 1 
ATOM   190  O  OE2 . GLU A 1 27  ? -9.368  -5.313  -11.872 1.00 83.72  ? 27   GLU A OE2 1 
ATOM   191  N  N   . PHE A 1 28  ? -4.490  -2.342  -8.957  1.00 13.19  ? 28   PHE A N   1 
ATOM   192  C  CA  . PHE A 1 28  ? -3.890  -1.259  -8.152  1.00 17.62  ? 28   PHE A CA  1 
ATOM   193  C  C   . PHE A 1 28  ? -2.419  -1.037  -8.543  1.00 18.13  ? 28   PHE A C   1 
ATOM   194  O  O   . PHE A 1 28  ? -2.006  0.091   -8.823  1.00 17.90  ? 28   PHE A O   1 
ATOM   195  C  CB  . PHE A 1 28  ? -4.030  -1.526  -6.638  1.00 29.70  ? 28   PHE A CB  1 
ATOM   196  C  CG  . PHE A 1 28  ? -2.999  -0.795  -5.785  1.00 26.76  ? 28   PHE A CG  1 
ATOM   197  C  CD1 . PHE A 1 28  ? -3.170  0.554   -5.485  1.00 26.56  ? 28   PHE A CD1 1 
ATOM   198  C  CD2 . PHE A 1 28  ? -1.851  -1.444  -5.324  1.00 22.04  ? 28   PHE A CD2 1 
ATOM   199  C  CE1 . PHE A 1 28  ? -2.219  1.268   -4.731  1.00 26.23  ? 28   PHE A CE1 1 
ATOM   200  C  CE2 . PHE A 1 28  ? -0.840  -0.719  -4.608  1.00 24.37  ? 28   PHE A CE2 1 
ATOM   201  C  CZ  . PHE A 1 28  ? -1.039  0.630   -4.307  1.00 24.15  ? 28   PHE A CZ  1 
ATOM   202  N  N   . PHE A 1 29  ? -1.635  -2.132  -8.648  1.00 19.56  ? 29   PHE A N   1 
ATOM   203  C  CA  . PHE A 1 29  ? -0.257  -2.053  -9.115  1.00 12.64  ? 29   PHE A CA  1 
ATOM   204  C  C   . PHE A 1 29  ? -0.062  -1.349  -10.452 1.00 15.90  ? 29   PHE A C   1 
ATOM   205  O  O   . PHE A 1 29  ? 0.837   -0.518  -10.639 1.00 16.51  ? 29   PHE A O   1 
ATOM   206  C  CB  . PHE A 1 29  ? 0.419   -3.438  -9.049  1.00 16.11  ? 29   PHE A CB  1 
ATOM   207  C  CG  . PHE A 1 29  ? 1.036   -3.711  -7.686  1.00 17.84  ? 29   PHE A CG  1 
ATOM   208  C  CD1 . PHE A 1 29  ? 2.202   -3.052  -7.306  1.00 25.62  ? 29   PHE A CD1 1 
ATOM   209  C  CD2 . PHE A 1 29  ? 0.371   -4.485  -6.736  1.00 17.41  ? 29   PHE A CD2 1 
ATOM   210  C  CE1 . PHE A 1 29  ? 2.760   -3.261  -6.028  1.00 21.38  ? 29   PHE A CE1 1 
ATOM   211  C  CE2 . PHE A 1 29  ? 0.913   -4.682  -5.433  1.00 21.07  ? 29   PHE A CE2 1 
ATOM   212  C  CZ  . PHE A 1 29  ? 2.129   -4.096  -5.108  1.00 16.95  ? 29   PHE A CZ  1 
ATOM   213  N  N   . MET A 1 30  ? -0.985  -1.610  -11.382 1.00 18.26  ? 30   MET A N   1 
ATOM   214  C  CA  . MET A 1 30  ? -0.869  -0.967  -12.669 1.00 16.07  ? 30   MET A CA  1 
ATOM   215  C  C   . MET A 1 30  ? -1.138  0.531   -12.551 1.00 14.30  ? 30   MET A C   1 
ATOM   216  O  O   . MET A 1 30  ? -0.475  1.331   -13.206 1.00 17.49  ? 30   MET A O   1 
ATOM   217  C  CB  . MET A 1 30  ? -1.861  -1.599  -13.677 1.00 19.02  ? 30   MET A CB  1 
ATOM   218  C  CG  . MET A 1 30  ? -1.565  -3.041  -14.074 1.00 18.13  ? 30   MET A CG  1 
ATOM   219  S  SD  . MET A 1 30  ? 0.166   -3.368  -14.550 1.00 28.19  ? 30   MET A SD  1 
ATOM   220  C  CE  . MET A 1 30  ? 0.396   -2.285  -15.870 1.00 24.73  ? 30   MET A CE  1 
ATOM   221  N  N   . ALA A 1 31  ? -2.085  0.895   -11.706 1.00 19.46  ? 31   ALA A N   1 
ATOM   222  C  CA  . ALA A 1 31  ? -2.369  2.339   -11.508 1.00 20.89  ? 31   ALA A CA  1 
ATOM   223  C  C   . ALA A 1 31  ? -1.110  3.042   -10.947 1.00 28.41  ? 31   ALA A C   1 
ATOM   224  O  O   . ALA A 1 31  ? -0.689  4.129   -11.372 1.00 19.70  ? 31   ALA A O   1 
ATOM   225  C  CB  . ALA A 1 31  ? -3.455  2.438   -10.472 1.00 19.58  ? 31   ALA A CB  1 
ATOM   226  N  N   . LEU A 1 32  ? -0.509  2.397   -9.946  1.00 27.05  ? 32   LEU A N   1 
ATOM   227  C  CA  . LEU A 1 32  ? 0.709   2.926   -9.338  1.00 25.72  ? 32   LEU A CA  1 
ATOM   228  C  C   . LEU A 1 32  ? 1.860   3.101   -10.362 1.00 27.15  ? 32   LEU A C   1 
ATOM   229  O  O   . LEU A 1 32  ? 2.568   4.146   -10.340 1.00 18.36  ? 32   LEU A O   1 
ATOM   230  C  CB  . LEU A 1 32  ? 1.111   1.972   -8.197  1.00 17.76  ? 32   LEU A CB  1 
ATOM   231  C  CG  . LEU A 1 32  ? 2.383   2.244   -7.394  1.00 23.48  ? 32   LEU A CG  1 
ATOM   232  C  CD1 . LEU A 1 32  ? 2.349   3.628   -6.771  1.00 26.45  ? 32   LEU A CD1 1 
ATOM   233  C  CD2 . LEU A 1 32  ? 2.503   1.230   -6.287  1.00 22.57  ? 32   LEU A CD2 1 
ATOM   234  N  N   . PHE A 1 33  ? 2.097   2.048   -11.189 1.00 20.23  ? 33   PHE A N   1 
ATOM   235  C  CA  . PHE A 1 33  ? 3.228   2.026   -12.146 1.00 15.28  ? 33   PHE A CA  1 
ATOM   236  C  C   . PHE A 1 33  ? 2.969   3.072   -13.239 1.00 21.58  ? 33   PHE A C   1 
ATOM   237  O  O   . PHE A 1 33  ? 3.868   3.743   -13.665 1.00 25.66  ? 33   PHE A O   1 
ATOM   238  C  CB  . PHE A 1 33  ? 3.491   0.629   -12.781 1.00 16.06  ? 33   PHE A CB  1 
ATOM   239  C  CG  . PHE A 1 33  ? 3.898   -0.477  -11.809 1.00 20.73  ? 33   PHE A CG  1 
ATOM   240  C  CD1 . PHE A 1 33  ? 4.557   -0.192  -10.618 1.00 23.86  ? 33   PHE A CD1 1 
ATOM   241  C  CD2 . PHE A 1 33  ? 3.567   -1.831  -12.071 1.00 16.62  ? 33   PHE A CD2 1 
ATOM   242  C  CE1 . PHE A 1 33  ? 4.933   -1.246  -9.733  1.00 25.96  ? 33   PHE A CE1 1 
ATOM   243  C  CE2 . PHE A 1 33  ? 3.998   -2.873  -11.229 1.00 21.17  ? 33   PHE A CE2 1 
ATOM   244  C  CZ  . PHE A 1 33  ? 4.624   -2.576  -10.024 1.00 20.17  ? 33   PHE A CZ  1 
ATOM   245  N  N   . ASP A 1 34  ? 1.720   3.261   -13.653 1.00 28.43  ? 34   ASP A N   1 
ATOM   246  C  CA  . ASP A 1 34  ? 1.431   4.260   -14.689 1.00 28.55  ? 34   ASP A CA  1 
ATOM   247  C  C   . ASP A 1 34  ? 1.653   5.659   -14.144 1.00 21.06  ? 34   ASP A C   1 
ATOM   248  O  O   . ASP A 1 34  ? 2.053   6.540   -14.898 1.00 33.90  ? 34   ASP A O   1 
ATOM   249  C  CB  . ASP A 1 34  ? -0.044  4.203   -15.117 1.00 30.16  ? 34   ASP A CB  1 
ATOM   250  C  CG  . ASP A 1 34  ? -0.320  3.116   -16.144 1.00 57.05  ? 34   ASP A CG  1 
ATOM   251  O  OD1 . ASP A 1 34  ? 0.621   2.411   -16.568 1.00 60.33  ? 34   ASP A OD1 1 
ATOM   252  O  OD2 . ASP A 1 34  ? -1.498  2.965   -16.512 1.00 87.04  ? 34   ASP A OD2 1 
ATOM   253  N  N   . ALA A 1 35  ? 1.321   5.860   -12.870 1.00 24.23  ? 35   ALA A N   1 
ATOM   254  C  CA  . ALA A 1 35  ? 1.471   7.183   -12.212 1.00 29.66  ? 35   ALA A CA  1 
ATOM   255  C  C   . ALA A 1 35  ? 2.914   7.519   -11.838 1.00 35.32  ? 35   ALA A C   1 
ATOM   256  O  O   . ALA A 1 35  ? 3.309   8.698   -11.850 1.00 31.54  ? 35   ALA A O   1 
ATOM   257  C  CB  . ALA A 1 35  ? 0.589   7.292   -10.941 1.00 24.74  ? 35   ALA A CB  1 
ATOM   258  N  N   . HIS A 1 36  ? 3.678   6.494   -11.467 1.00 31.34  ? 36   HIS A N   1 
ATOM   259  C  CA  . HIS A 1 36  ? 5.084   6.696   -11.105 1.00 27.37  ? 36   HIS A CA  1 
ATOM   260  C  C   . HIS A 1 36  ? 6.064   5.710   -11.707 1.00 26.72  ? 36   HIS A C   1 
ATOM   261  O  O   . HIS A 1 36  ? 6.319   4.599   -11.204 1.00 30.00  ? 36   HIS A O   1 
ATOM   262  C  CB  . HIS A 1 36  ? 5.216   6.669   -9.627  1.00 20.42  ? 36   HIS A CB  1 
ATOM   263  C  CG  . HIS A 1 36  ? 4.264   7.589   -8.948  1.00 29.08  ? 36   HIS A CG  1 
ATOM   264  N  ND1 . HIS A 1 36  ? 4.587   8.902   -8.676  1.00 31.38  ? 36   HIS A ND1 1 
ATOM   265  C  CD2 . HIS A 1 36  ? 3.006   7.396   -8.481  1.00 38.56  ? 36   HIS A CD2 1 
ATOM   266  C  CE1 . HIS A 1 36  ? 3.572   9.475   -8.057  1.00 29.96  ? 36   HIS A CE1 1 
ATOM   267  N  NE2 . HIS A 1 36  ? 2.594   8.589   -7.934  1.00 37.25  ? 36   HIS A NE2 1 
ATOM   268  N  N   . ASP A 1 37  ? 6.628   6.138   -12.819 1.00 25.26  ? 37   ASP A N   1 
ATOM   269  C  CA  . ASP A 1 37  ? 7.623   5.324   -13.488 1.00 30.45  ? 37   ASP A CA  1 
ATOM   270  C  C   . ASP A 1 37  ? 8.844   4.927   -12.619 1.00 37.44  ? 37   ASP A C   1 
ATOM   271  O  O   . ASP A 1 37  ? 9.465   3.858   -12.836 1.00 26.76  ? 37   ASP A O   1 
ATOM   272  C  CB  . ASP A 1 37  ? 8.080   6.090   -14.742 1.00 45.26  ? 37   ASP A CB  1 
ATOM   273  C  CG  . ASP A 1 37  ? 8.938   5.241   -15.670 1.00 88.99  ? 37   ASP A CG  1 
ATOM   274  O  OD1 . ASP A 1 37  ? 8.380   4.391   -16.398 1.00 90.01  ? 37   ASP A OD1 1 
ATOM   275  O  OD2 . ASP A 1 37  ? 10.180  5.385   -15.639 1.00 98.93  ? 37   ASP A OD2 1 
ATOM   276  N  N   . ASP A 1 38  ? 9.250   5.816   -11.707 1.00 25.00  ? 38   ASP A N   1 
ATOM   277  C  CA  . ASP A 1 38  ? 10.430  5.563   -10.852 1.00 32.80  ? 38   ASP A CA  1 
ATOM   278  C  C   . ASP A 1 38  ? 10.083  4.437   -9.882  1.00 31.27  ? 38   ASP A C   1 
ATOM   279  O  O   . ASP A 1 38  ? 10.964  3.729   -9.399  1.00 25.67  ? 38   ASP A O   1 
ATOM   280  C  CB  . ASP A 1 38  ? 10.831  6.827   -10.064 1.00 21.35  ? 38   ASP A CB  1 
ATOM   281  C  CG  . ASP A 1 38  ? 9.620   7.448   -9.359  1.00 25.91  ? 38   ASP A CG  1 
ATOM   282  O  OD1 . ASP A 1 38  ? 8.814   8.142   -10.030 1.00 29.96  ? 38   ASP A OD1 1 
ATOM   283  O  OD2 . ASP A 1 38  ? 9.382   7.141   -8.163  1.00 27.76  ? 38   ASP A OD2 1 
ATOM   284  N  N   . VAL A 1 39  ? 8.795   4.266   -9.586  1.00 15.42  ? 39   VAL A N   1 
ATOM   285  C  CA  . VAL A 1 39  ? 8.356   3.213   -8.683  1.00 17.38  ? 39   VAL A CA  1 
ATOM   286  C  C   . VAL A 1 39  ? 8.455   1.917   -9.473  1.00 31.91  ? 39   VAL A C   1 
ATOM   287  O  O   . VAL A 1 39  ? 8.900   0.921   -8.898  1.00 20.39  ? 39   VAL A O   1 
ATOM   288  C  CB  . VAL A 1 39  ? 6.875   3.392   -8.164  1.00 25.19  ? 39   VAL A CB  1 
ATOM   289  C  CG1 . VAL A 1 39  ? 6.340   2.113   -7.520  1.00 20.12  ? 39   VAL A CG1 1 
ATOM   290  C  CG2 . VAL A 1 39  ? 6.805   4.535   -7.141  1.00 29.63  ? 39   VAL A CG2 1 
ATOM   291  N  N   . PHE A 1 40  ? 8.012   1.931   -10.739 1.00 21.09  ? 40   PHE A N   1 
ATOM   292  C  CA  . PHE A 1 40  ? 8.077   0.706   -11.576 1.00 27.98  ? 40   PHE A CA  1 
ATOM   293  C  C   . PHE A 1 40  ? 9.544   0.239   -11.669 1.00 23.63  ? 40   PHE A C   1 
ATOM   294  O  O   . PHE A 1 40  ? 9.844   -0.916  -11.523 1.00 21.65  ? 40   PHE A O   1 
ATOM   295  C  CB  . PHE A 1 40  ? 7.619   0.953   -13.030 1.00 22.31  ? 40   PHE A CB  1 
ATOM   296  C  CG  . PHE A 1 40  ? 7.631   -0.312  -13.873 1.00 21.57  ? 40   PHE A CG  1 
ATOM   297  C  CD1 . PHE A 1 40  ? 6.909   -1.417  -13.439 1.00 23.48  ? 40   PHE A CD1 1 
ATOM   298  C  CD2 . PHE A 1 40  ? 8.406   -0.436  -15.018 1.00 28.20  ? 40   PHE A CD2 1 
ATOM   299  C  CE1 . PHE A 1 40  ? 6.856   -2.618  -14.207 1.00 30.01  ? 40   PHE A CE1 1 
ATOM   300  C  CE2 . PHE A 1 40  ? 8.415   -1.659  -15.755 1.00 18.83  ? 40   PHE A CE2 1 
ATOM   301  C  CZ  . PHE A 1 40  ? 7.652   -2.735  -15.321 1.00 23.88  ? 40   PHE A CZ  1 
ATOM   302  N  N   . ALA A 1 41  ? 10.462  1.168   -11.868 1.00 24.68  ? 41   ALA A N   1 
ATOM   303  C  CA  . ALA A 1 41  ? 11.882  0.821   -11.977 1.00 38.71  ? 41   ALA A CA  1 
ATOM   304  C  C   . ALA A 1 41  ? 12.424  -0.088  -10.865 1.00 29.42  ? 41   ALA A C   1 
ATOM   305  O  O   . ALA A 1 41  ? 13.341  -0.896  -11.047 1.00 24.37  ? 41   ALA A O   1 
ATOM   306  C  CB  . ALA A 1 41  ? 12.734  2.112   -12.072 1.00 36.72  ? 41   ALA A CB  1 
ATOM   307  N  N   . LYS A 1 42  ? 11.886  0.067   -9.679  1.00 20.42  ? 42   LYS A N   1 
ATOM   308  C  CA  . LYS A 1 42  ? 12.406  -0.694  -8.562  1.00 23.18  ? 42   LYS A CA  1 
ATOM   309  C  C   . LYS A 1 42  ? 12.016  -2.165  -8.612  1.00 29.71  ? 42   LYS A C   1 
ATOM   310  O  O   . LYS A 1 42  ? 12.520  -2.996  -7.837  1.00 25.15  ? 42   LYS A O   1 
ATOM   311  C  CB  . LYS A 1 42  ? 12.014  -0.013  -7.225  1.00 29.24  ? 42   LYS A CB  1 
ATOM   312  C  CG  . LYS A 1 42  ? 12.767  1.315   -6.956  1.00 31.41  ? 42   LYS A CG  1 
ATOM   313  C  CD  . LYS A 1 42  ? 14.141  1.081   -6.291  1.00 28.18  ? 42   LYS A CD  1 
ATOM   314  C  CE  . LYS A 1 42  ? 15.181  2.214   -6.491  1.00 48.52  ? 42   LYS A CE  1 
ATOM   315  N  NZ  . LYS A 1 42  ? 16.040  2.073   -7.735  1.00 100.00 ? 42   LYS A NZ  1 
ATOM   316  N  N   . PHE A 1 43  ? 11.114  -2.499  -9.524  1.00 22.80  ? 43   PHE A N   1 
ATOM   317  C  CA  . PHE A 1 43  ? 10.668  -3.893  -9.652  1.00 20.63  ? 43   PHE A CA  1 
ATOM   318  C  C   . PHE A 1 43  ? 11.285  -4.626  -10.877 1.00 32.09  ? 43   PHE A C   1 
ATOM   319  O  O   . PHE A 1 43  ? 10.916  -5.779  -11.172 1.00 27.89  ? 43   PHE A O   1 
ATOM   320  C  CB  . PHE A 1 43  ? 9.131   -3.927  -9.787  1.00 27.50  ? 43   PHE A CB  1 
ATOM   321  C  CG  . PHE A 1 43  ? 8.378   -3.589  -8.527  1.00 21.30  ? 43   PHE A CG  1 
ATOM   322  C  CD1 . PHE A 1 43  ? 8.053   -4.574  -7.606  1.00 16.62  ? 43   PHE A CD1 1 
ATOM   323  C  CD2 . PHE A 1 43  ? 8.005   -2.272  -8.267  1.00 19.00  ? 43   PHE A CD2 1 
ATOM   324  C  CE1 . PHE A 1 43  ? 7.333   -4.276  -6.414  1.00 26.41  ? 43   PHE A CE1 1 
ATOM   325  C  CE2 . PHE A 1 43  ? 7.270   -1.960  -7.103  1.00 22.72  ? 43   PHE A CE2 1 
ATOM   326  C  CZ  . PHE A 1 43  ? 6.930   -2.968  -6.171  1.00 28.82  ? 43   PHE A CZ  1 
ATOM   327  N  N   . SER A 1 44  ? 12.216  -3.969  -11.567 1.00 31.25  ? 44   SER A N   1 
ATOM   328  C  CA  . SER A 1 44  ? 12.861  -4.516  -12.791 1.00 45.85  ? 44   SER A CA  1 
ATOM   329  C  C   . SER A 1 44  ? 13.456  -5.887  -12.547 1.00 37.05  ? 44   SER A C   1 
ATOM   330  O  O   . SER A 1 44  ? 13.422  -6.788  -13.390 1.00 34.51  ? 44   SER A O   1 
ATOM   331  C  CB  . SER A 1 44  ? 13.968  -3.599  -13.312 1.00 35.22  ? 44   SER A CB  1 
ATOM   332  O  OG  . SER A 1 44  ? 14.855  -3.290  -12.259 1.00 61.56  ? 44   SER A OG  1 
ATOM   333  N  N   . GLY A 1 45  ? 13.948  -6.049  -11.334 1.00 24.90  ? 45   GLY A N   1 
ATOM   334  C  CA  . GLY A 1 45  ? 14.484  -7.326  -10.943 1.00 34.44  ? 45   GLY A CA  1 
ATOM   335  C  C   . GLY A 1 45  ? 13.394  -8.363  -10.841 1.00 45.15  ? 45   GLY A C   1 
ATOM   336  O  O   . GLY A 1 45  ? 13.535  -9.465  -11.347 1.00 45.37  ? 45   GLY A O   1 
ATOM   337  N  N   . LEU A 1 46  ? 12.297  -8.029  -10.181 1.00 30.33  ? 46   LEU A N   1 
ATOM   338  C  CA  . LEU A 1 46  ? 11.276  -9.039  -10.037 1.00 26.85  ? 46   LEU A CA  1 
ATOM   339  C  C   . LEU A 1 46  ? 10.703  -9.464  -11.415 1.00 20.49  ? 46   LEU A C   1 
ATOM   340  O  O   . LEU A 1 46  ? 10.330  -10.613 -11.604 1.00 22.09  ? 46   LEU A O   1 
ATOM   341  C  CB  . LEU A 1 46  ? 10.182  -8.495  -9.101  1.00 23.46  ? 46   LEU A CB  1 
ATOM   342  C  CG  . LEU A 1 46  ? 8.916   -9.317  -8.915  1.00 31.65  ? 46   LEU A CG  1 
ATOM   343  C  CD1 . LEU A 1 46  ? 9.200   -10.551 -8.126  1.00 32.21  ? 46   LEU A CD1 1 
ATOM   344  C  CD2 . LEU A 1 46  ? 7.733   -8.565  -8.282  1.00 28.23  ? 46   LEU A CD2 1 
ATOM   345  N  N   . PHE A 1 47  ? 10.572  -8.514  -12.335 1.00 19.86  ? 47   PHE A N   1 
ATOM   346  C  CA  . PHE A 1 47  ? 9.868   -8.748  -13.598 1.00 26.74  ? 47   PHE A CA  1 
ATOM   347  C  C   . PHE A 1 47  ? 10.813  -9.105  -14.712 1.00 29.89  ? 47   PHE A C   1 
ATOM   348  O  O   . PHE A 1 47  ? 10.424  -9.136  -15.884 1.00 27.58  ? 47   PHE A O   1 
ATOM   349  C  CB  . PHE A 1 47  ? 9.039   -7.499  -14.004 1.00 20.18  ? 47   PHE A CB  1 
ATOM   350  C  CG  . PHE A 1 47  ? 7.797   -7.274  -13.147 1.00 29.37  ? 47   PHE A CG  1 
ATOM   351  C  CD1 . PHE A 1 47  ? 6.842   -8.295  -12.965 1.00 27.16  ? 47   PHE A CD1 1 
ATOM   352  C  CD2 . PHE A 1 47  ? 7.624   -6.069  -12.462 1.00 23.71  ? 47   PHE A CD2 1 
ATOM   353  C  CE1 . PHE A 1 47  ? 5.731   -8.121  -12.120 1.00 34.92  ? 47   PHE A CE1 1 
ATOM   354  C  CE2 . PHE A 1 47  ? 6.502   -5.854  -11.679 1.00 27.58  ? 47   PHE A CE2 1 
ATOM   355  C  CZ  . PHE A 1 47  ? 5.556   -6.887  -11.474 1.00 28.96  ? 47   PHE A CZ  1 
ATOM   356  N  N   . SER A 1 48  ? 12.076  -9.242  -14.350 1.00 32.81  ? 48   SER A N   1 
ATOM   357  C  CA  . SER A 1 48  ? 13.097  -9.594  -15.319 1.00 24.58  ? 48   SER A CA  1 
ATOM   358  C  C   . SER A 1 48  ? 13.178  -8.659  -16.528 1.00 30.65  ? 48   SER A C   1 
ATOM   359  O  O   . SER A 1 48  ? 13.259  -9.093  -17.684 1.00 30.46  ? 48   SER A O   1 
ATOM   360  C  CB  . SER A 1 48  ? 12.960  -11.080 -15.748 1.00 42.10  ? 48   SER A CB  1 
ATOM   361  O  OG  . SER A 1 48  ? 13.001  -12.045 -14.690 1.00 49.95  ? 48   SER A OG  1 
ATOM   362  N  N   . GLY A 1 49  ? 13.177  -7.358  -16.300 1.00 18.77  ? 49   GLY A N   1 
ATOM   363  C  CA  . GLY A 1 49  ? 13.419  -6.472  -17.428 1.00 14.61  ? 49   GLY A CA  1 
ATOM   364  C  C   . GLY A 1 49  ? 12.227  -6.256  -18.371 1.00 24.25  ? 49   GLY A C   1 
ATOM   365  O  O   . GLY A 1 49  ? 12.391  -5.502  -19.345 1.00 26.03  ? 49   GLY A O   1 
ATOM   366  N  N   . ALA A 1 50  ? 11.084  -6.919  -18.098 1.00 26.36  ? 50   ALA A N   1 
ATOM   367  C  CA  . ALA A 1 50  ? 9.867   -6.784  -18.939 1.00 24.74  ? 50   ALA A CA  1 
ATOM   368  C  C   . ALA A 1 50  ? 9.283   -5.373  -18.950 1.00 28.64  ? 50   ALA A C   1 
ATOM   369  O  O   . ALA A 1 50  ? 9.370   -4.689  -17.954 1.00 27.69  ? 50   ALA A O   1 
ATOM   370  C  CB  . ALA A 1 50  ? 8.783   -7.713  -18.450 1.00 22.37  ? 50   ALA A CB  1 
ATOM   371  N  N   . ALA A 1 51  ? 8.668   -4.943  -20.043 1.00 28.68  ? 51   ALA A N   1 
ATOM   372  C  CA  . ALA A 1 51  ? 8.022   -3.630  -20.065 1.00 31.09  ? 51   ALA A CA  1 
ATOM   373  C  C   . ALA A 1 51  ? 6.747   -3.624  -19.219 1.00 20.23  ? 51   ALA A C   1 
ATOM   374  O  O   . ALA A 1 51  ? 6.084   -4.642  -19.054 1.00 27.13  ? 51   ALA A O   1 
ATOM   375  C  CB  . ALA A 1 51  ? 7.726   -3.168  -21.482 1.00 31.40  ? 51   ALA A CB  1 
ATOM   376  N  N   . LYS A 1 52  ? 6.448   -2.469  -18.627 1.00 24.08  ? 52   LYS A N   1 
ATOM   377  C  CA  . LYS A 1 52  ? 5.322   -2.250  -17.721 1.00 19.42  ? 52   LYS A CA  1 
ATOM   378  C  C   . LYS A 1 52  ? 4.002   -2.749  -18.290 1.00 18.89  ? 52   LYS A C   1 
ATOM   379  O  O   . LYS A 1 52  ? 3.186   -3.364  -17.587 1.00 27.26  ? 52   LYS A O   1 
ATOM   380  C  CB  . LYS A 1 52  ? 5.208   -0.720  -17.477 1.00 28.39  ? 52   LYS A CB  1 
ATOM   381  C  CG  . LYS A 1 52  ? 4.023   -0.247  -16.706 1.00 35.34  ? 52   LYS A CG  1 
ATOM   382  C  CD  . LYS A 1 52  ? 3.952   1.266   -16.809 1.00 33.50  ? 52   LYS A CD  1 
ATOM   383  C  CE  . LYS A 1 52  ? 5.307   1.868   -16.499 1.00 64.99  ? 52   LYS A CE  1 
ATOM   384  N  NZ  . LYS A 1 52  ? 5.283   3.362   -16.433 1.00 42.69  ? 52   LYS A NZ  1 
ATOM   385  N  N   . GLY A 1 53  ? 3.784   -2.474  -19.566 1.00 27.07  ? 53   GLY A N   1 
ATOM   386  C  CA  . GLY A 1 53  ? 2.546   -2.920  -20.160 1.00 31.37  ? 53   GLY A CA  1 
ATOM   387  C  C   . GLY A 1 53  ? 2.346   -4.420  -20.151 1.00 45.57  ? 53   GLY A C   1 
ATOM   388  O  O   . GLY A 1 53  ? 1.236   -4.883  -20.271 1.00 51.38  ? 53   GLY A O   1 
ATOM   389  N  N   . THR A 1 54  ? 3.411   -5.196  -20.040 1.00 31.04  ? 54   THR A N   1 
ATOM   390  C  CA  . THR A 1 54  ? 3.257   -6.623  -20.073 1.00 23.40  ? 54   THR A CA  1 
ATOM   391  C  C   . THR A 1 54  ? 3.138   -7.359  -18.757 1.00 35.17  ? 54   THR A C   1 
ATOM   392  O  O   . THR A 1 54  ? 2.972   -8.569  -18.754 1.00 28.59  ? 54   THR A O   1 
ATOM   393  C  CB  . THR A 1 54  ? 4.454   -7.224  -20.812 1.00 39.27  ? 54   THR A CB  1 
ATOM   394  O  OG1 . THR A 1 54  ? 5.558   -7.346  -19.896 1.00 28.36  ? 54   THR A OG1 1 
ATOM   395  C  CG2 . THR A 1 54  ? 4.814   -6.309  -22.003 1.00 38.32  ? 54   THR A CG2 1 
ATOM   396  N  N   . VAL A 1 55  ? 3.241   -6.685  -17.620 1.00 28.10  ? 55   VAL A N   1 
ATOM   397  C  CA  . VAL A 1 55  ? 3.261   -7.434  -16.355 1.00 22.48  ? 55   VAL A CA  1 
ATOM   398  C  C   . VAL A 1 55  ? 2.009   -7.843  -15.624 1.00 21.85  ? 55   VAL A C   1 
ATOM   399  O  O   . VAL A 1 55  ? 2.081   -8.668  -14.726 1.00 21.65  ? 55   VAL A O   1 
ATOM   400  C  CB  . VAL A 1 55  ? 4.218   -6.703  -15.304 1.00 29.49  ? 55   VAL A CB  1 
ATOM   401  C  CG1 . VAL A 1 55  ? 5.559   -6.447  -15.955 1.00 23.19  ? 55   VAL A CG1 1 
ATOM   402  C  CG2 . VAL A 1 55  ? 3.638   -5.338  -14.901 1.00 21.28  ? 55   VAL A CG2 1 
ATOM   403  N  N   . LYS A 1 56  ? 0.861   -7.233  -15.894 1.00 25.37  ? 56   LYS A N   1 
ATOM   404  C  CA  . LYS A 1 56  ? -0.324  -7.496  -15.065 1.00 17.94  ? 56   LYS A CA  1 
ATOM   405  C  C   . LYS A 1 56  ? -0.787  -8.884  -14.700 1.00 18.81  ? 56   LYS A C   1 
ATOM   406  O  O   . LYS A 1 56  ? -1.250  -9.156  -13.589 1.00 22.55  ? 56   LYS A O   1 
ATOM   407  C  CB  . LYS A 1 56  ? -1.524  -6.727  -15.584 1.00 36.16  ? 56   LYS A CB  1 
ATOM   408  C  CG  . LYS A 1 56  ? -2.715  -6.827  -14.638 1.00 31.01  ? 56   LYS A CG  1 
ATOM   409  C  CD  . LYS A 1 56  ? -3.920  -6.829  -15.527 1.00 42.87  ? 56   LYS A CD  1 
ATOM   410  C  CE  . LYS A 1 56  ? -4.980  -5.904  -15.018 1.00 40.41  ? 56   LYS A CE  1 
ATOM   411  N  NZ  . LYS A 1 56  ? -5.938  -5.506  -16.064 1.00 59.90  ? 56   LYS A NZ  1 
ATOM   412  N  N   . ASN A 1 57  ? -0.703  -9.777  -15.675 1.00 26.47  ? 57   ASN A N   1 
ATOM   413  C  CA  . ASN A 1 57  ? -1.143  -11.133 -15.420 1.00 27.03  ? 57   ASN A CA  1 
ATOM   414  C  C   . ASN A 1 57  ? -0.052  -12.141 -15.115 1.00 37.77  ? 57   ASN A C   1 
ATOM   415  O  O   . ASN A 1 57  ? -0.317  -13.347 -15.181 1.00 35.91  ? 57   ASN A O   1 
ATOM   416  C  CB  . ASN A 1 57  ? -1.908  -11.639 -16.634 1.00 28.51  ? 57   ASN A CB  1 
ATOM   417  C  CG  . ASN A 1 57  ? -3.221  -10.945 -16.766 1.00 45.36  ? 57   ASN A CG  1 
ATOM   418  O  OD1 . ASN A 1 57  ? -3.484  -10.368 -17.806 1.00 40.21  ? 57   ASN A OD1 1 
ATOM   419  N  ND2 . ASN A 1 57  ? -3.982  -10.870 -15.677 1.00 45.08  ? 57   ASN A ND2 1 
ATOM   420  N  N   . THR A 1 58  ? 1.151   -11.657 -14.810 1.00 23.92  ? 58   THR A N   1 
ATOM   421  C  CA  . THR A 1 58  ? 2.261   -12.568 -14.492 1.00 20.97  ? 58   THR A CA  1 
ATOM   422  C  C   . THR A 1 58  ? 2.067   -13.233 -13.132 1.00 23.41  ? 58   THR A C   1 
ATOM   423  O  O   . THR A 1 58  ? 1.368   -12.758 -12.237 1.00 24.44  ? 58   THR A O   1 
ATOM   424  C  CB  . THR A 1 58  ? 3.612   -11.853 -14.564 1.00 25.76  ? 58   THR A CB  1 
ATOM   425  O  OG1 . THR A 1 58  ? 3.627   -10.727 -13.678 1.00 24.37  ? 58   THR A OG1 1 
ATOM   426  C  CG2 . THR A 1 58  ? 3.874   -11.320 -15.925 1.00 20.34  ? 58   THR A CG2 1 
ATOM   427  N  N   . PRO A 1 59  ? 2.739   -14.352 -12.932 1.00 23.54  ? 59   PRO A N   1 
ATOM   428  C  CA  . PRO A 1 59  ? 2.698   -14.998 -11.624 1.00 26.51  ? 59   PRO A CA  1 
ATOM   429  C  C   . PRO A 1 59  ? 3.445   -14.090 -10.597 1.00 17.00  ? 59   PRO A C   1 
ATOM   430  O  O   . PRO A 1 59  ? 3.054   -14.079 -9.432  1.00 24.62  ? 59   PRO A O   1 
ATOM   431  C  CB  . PRO A 1 59  ? 3.452   -16.327 -11.831 1.00 32.23  ? 59   PRO A CB  1 
ATOM   432  C  CG  . PRO A 1 59  ? 4.002   -16.281 -13.207 1.00 34.67  ? 59   PRO A CG  1 
ATOM   433  C  CD  . PRO A 1 59  ? 3.377   -15.154 -13.980 1.00 25.14  ? 59   PRO A CD  1 
ATOM   434  N  N   . GLU A 1 60  ? 4.478   -13.357 -11.034 1.00 16.73  ? 60   GLU A N   1 
ATOM   435  C  CA  . GLU A 1 60  ? 5.197   -12.450 -10.125 1.00 21.77  ? 60   GLU A CA  1 
ATOM   436  C  C   . GLU A 1 60  ? 4.210   -11.389 -9.629  1.00 27.89  ? 60   GLU A C   1 
ATOM   437  O  O   . GLU A 1 60  ? 4.189   -11.098 -8.438  1.00 20.67  ? 60   GLU A O   1 
ATOM   438  C  CB  . GLU A 1 60  ? 6.263   -11.731 -10.901 1.00 21.75  ? 60   GLU A CB  1 
ATOM   439  C  CG  . GLU A 1 60  ? 7.522   -12.563 -11.083 1.00 33.63  ? 60   GLU A CG  1 
ATOM   440  C  CD  . GLU A 1 60  ? 7.377   -13.675 -12.119 1.00 53.45  ? 60   GLU A CD  1 
ATOM   441  O  OE1 . GLU A 1 60  ? 6.563   -13.562 -13.058 1.00 27.89  ? 60   GLU A OE1 1 
ATOM   442  O  OE2 . GLU A 1 60  ? 8.102   -14.679 -11.973 1.00 55.40  ? 60   GLU A OE2 1 
ATOM   443  N  N   . MET A 1 61  ? 3.443   -10.790 -10.551 1.00 20.76  ? 61   MET A N   1 
ATOM   444  C  CA  . MET A 1 61  ? 2.421   -9.790  -10.189 1.00 21.01  ? 61   MET A CA  1 
ATOM   445  C  C   . MET A 1 61  ? 1.470   -10.297 -9.103  1.00 18.61  ? 61   MET A C   1 
ATOM   446  O  O   . MET A 1 61  ? 1.162   -9.608  -8.096  1.00 18.66  ? 61   MET A O   1 
ATOM   447  C  CB  . MET A 1 61  ? 1.634   -9.270  -11.414 1.00 14.29  ? 61   MET A CB  1 
ATOM   448  C  CG  . MET A 1 61  ? 0.494   -8.331  -11.052 1.00 15.39  ? 61   MET A CG  1 
ATOM   449  S  SD  . MET A 1 61  ? 1.136   -6.775  -10.200 1.00 23.60  ? 61   MET A SD  1 
ATOM   450  C  CE  . MET A 1 61  ? 1.379   -5.753  -11.622 1.00 22.61  ? 61   MET A CE  1 
ATOM   451  N  N   . ALA A 1 62  ? 1.024   -11.537 -9.269  1.00 18.35  ? 62   ALA A N   1 
ATOM   452  C  CA  . ALA A 1 62  ? 0.089   -12.146 -8.334  1.00 24.70  ? 62   ALA A CA  1 
ATOM   453  C  C   . ALA A 1 62  ? 0.655   -12.308 -6.922  1.00 22.63  ? 62   ALA A C   1 
ATOM   454  O  O   . ALA A 1 62  ? -0.044  -12.109 -5.902  1.00 16.58  ? 62   ALA A O   1 
ATOM   455  C  CB  . ALA A 1 62  ? -0.416  -13.543 -8.891  1.00 26.24  ? 62   ALA A CB  1 
ATOM   456  N  N   . ALA A 1 63  ? 1.918   -12.705 -6.865  1.00 25.51  ? 63   ALA A N   1 
ATOM   457  C  CA  . ALA A 1 63  ? 2.582   -12.935 -5.567  1.00 27.76  ? 63   ALA A CA  1 
ATOM   458  C  C   . ALA A 1 63  ? 2.759   -11.548 -4.903  1.00 17.61  ? 63   ALA A C   1 
ATOM   459  O  O   . ALA A 1 63  ? 2.536   -11.404 -3.705  1.00 21.06  ? 63   ALA A O   1 
ATOM   460  C  CB  . ALA A 1 63  ? 4.008   -13.594 -5.800  1.00 20.29  ? 63   ALA A CB  1 
ATOM   461  N  N   . GLN A 1 64  ? 3.108   -10.554 -5.714  1.00 15.74  ? 64   GLN A N   1 
ATOM   462  C  CA  . GLN A 1 64  ? 3.378   -9.236  -5.147  1.00 23.07  ? 64   GLN A CA  1 
ATOM   463  C  C   . GLN A 1 64  ? 2.094   -8.617  -4.651  1.00 27.41  ? 64   GLN A C   1 
ATOM   464  O  O   . GLN A 1 64  ? 2.115   -7.943  -3.642  1.00 20.81  ? 64   GLN A O   1 
ATOM   465  C  CB  . GLN A 1 64  ? 4.065   -8.342  -6.151  1.00 16.28  ? 64   GLN A CB  1 
ATOM   466  C  CG  . GLN A 1 64  ? 4.767   -7.179  -5.530  1.00 31.74  ? 64   GLN A CG  1 
ATOM   467  C  CD  . GLN A 1 64  ? 5.703   -7.629  -4.450  1.00 49.76  ? 64   GLN A CD  1 
ATOM   468  O  OE1 . GLN A 1 64  ? 5.755   -7.046  -3.353  1.00 27.64  ? 64   GLN A OE1 1 
ATOM   469  N  NE2 . GLN A 1 64  ? 6.472   -8.666  -4.758  1.00 29.80  ? 64   GLN A NE2 1 
ATOM   470  N  N   . ALA A 1 65  ? 0.966   -8.893  -5.295  1.00 21.17  ? 65   ALA A N   1 
ATOM   471  C  CA  . ALA A 1 65  ? -0.271  -8.347  -4.781  1.00 19.23  ? 65   ALA A CA  1 
ATOM   472  C  C   . ALA A 1 65  ? -0.650  -9.057  -3.506  1.00 18.18  ? 65   ALA A C   1 
ATOM   473  O  O   . ALA A 1 65  ? -1.174  -8.443  -2.603  1.00 15.59  ? 65   ALA A O   1 
ATOM   474  C  CB  . ALA A 1 65  ? -1.377  -8.513  -5.775  1.00 20.89  ? 65   ALA A CB  1 
ATOM   475  N  N   . GLN A 1 66  ? -0.308  -10.319 -3.354  1.00 18.96  ? 66   GLN A N   1 
ATOM   476  C  CA  . GLN A 1 66  ? -0.657  -10.982 -2.105  1.00 22.12  ? 66   GLN A CA  1 
ATOM   477  C  C   . GLN A 1 66  ? 0.206   -10.454 -0.946  1.00 15.07  ? 66   GLN A C   1 
ATOM   478  O  O   . GLN A 1 66  ? -0.236  -10.455 0.215   1.00 19.58  ? 66   GLN A O   1 
ATOM   479  C  CB  . GLN A 1 66  ? -0.454  -12.495 -2.263  1.00 22.11  ? 66   GLN A CB  1 
ATOM   480  C  CG  . GLN A 1 66  ? -0.841  -13.411 -1.070  1.00 54.58  ? 66   GLN A CG  1 
ATOM   481  C  CD  . GLN A 1 66  ? -0.083  -14.787 -1.105  1.00 100.00 ? 66   GLN A CD  1 
ATOM   482  O  OE1 . GLN A 1 66  ? 1.124   -14.854 -1.439  1.00 100.00 ? 66   GLN A OE1 1 
ATOM   483  N  NE2 . GLN A 1 66  ? -0.803  -15.870 -0.785  1.00 100.00 ? 66   GLN A NE2 1 
ATOM   484  N  N   . SER A 1 67  ? 1.434   -10.076 -1.273  1.00 15.59  ? 67   SER A N   1 
ATOM   485  C  CA  . SER A 1 67  ? 2.346   -9.593  -0.233  1.00 25.67  ? 67   SER A CA  1 
ATOM   486  C  C   . SER A 1 67  ? 1.824   -8.267  0.331   1.00 18.75  ? 67   SER A C   1 
ATOM   487  O  O   . SER A 1 67  ? 1.774   -8.046  1.546   1.00 18.19  ? 67   SER A O   1 
ATOM   488  C  CB  . SER A 1 67  ? 3.705   -9.310  -0.843  1.00 28.36  ? 67   SER A CB  1 
ATOM   489  O  OG  . SER A 1 67  ? 4.329   -10.518 -1.216  1.00 35.45  ? 67   SER A OG  1 
ATOM   490  N  N   . PHE A 1 68  ? 1.485   -7.388  -0.591  1.00 15.61  ? 68   PHE A N   1 
ATOM   491  C  CA  . PHE A 1 68  ? 0.905   -6.053  -0.272  1.00 19.01  ? 68   PHE A CA  1 
ATOM   492  C  C   . PHE A 1 68  ? -0.303  -6.181  0.623   1.00 20.24  ? 68   PHE A C   1 
ATOM   493  O  O   . PHE A 1 68  ? -0.395  -5.547  1.706   1.00 18.12  ? 68   PHE A O   1 
ATOM   494  C  CB  . PHE A 1 68  ? 0.546   -5.323  -1.585  1.00 17.47  ? 68   PHE A CB  1 
ATOM   495  C  CG  . PHE A 1 68  ? 0.089   -3.880  -1.387  1.00 16.52  ? 68   PHE A CG  1 
ATOM   496  C  CD1 . PHE A 1 68  ? -1.217  -3.607  -1.074  1.00 17.46  ? 68   PHE A CD1 1 
ATOM   497  C  CD2 . PHE A 1 68  ? 0.992   -2.811  -1.527  1.00 26.44  ? 68   PHE A CD2 1 
ATOM   498  C  CE1 . PHE A 1 68  ? -1.653  -2.299  -0.953  1.00 19.82  ? 68   PHE A CE1 1 
ATOM   499  C  CE2 . PHE A 1 68  ? 0.582   -1.481  -1.338  1.00 21.21  ? 68   PHE A CE2 1 
ATOM   500  C  CZ  . PHE A 1 68  ? -0.761  -1.263  -1.038  1.00 14.12  ? 68   PHE A CZ  1 
ATOM   501  N  N   . LYS A 1 69  ? -1.209  -7.104  0.266   1.00 18.62  ? 69   LYS A N   1 
ATOM   502  C  CA  . LYS A 1 69  ? -2.414  -7.311  1.023   1.00 19.54  ? 69   LYS A CA  1 
ATOM   503  C  C   . LYS A 1 69  ? -2.190  -7.807  2.431   1.00 32.88  ? 69   LYS A C   1 
ATOM   504  O  O   . LYS A 1 69  ? -2.946  -7.463  3.337   1.00 20.88  ? 69   LYS A O   1 
ATOM   505  C  CB  . LYS A 1 69  ? -3.443  -8.190  0.297   1.00 20.94  ? 69   LYS A CB  1 
ATOM   506  C  CG  . LYS A 1 69  ? -4.544  -8.782  1.176   1.00 24.39  ? 69   LYS A CG  1 
ATOM   507  C  CD  . LYS A 1 69  ? -5.396  -9.766  0.315   1.00 29.41  ? 69   LYS A CD  1 
ATOM   508  C  CE  . LYS A 1 69  ? -6.347  -10.668 1.118   1.00 30.00  ? 69   LYS A CE  1 
ATOM   509  N  NZ  . LYS A 1 69  ? -6.678  -11.929 0.364   1.00 78.76  ? 69   LYS A NZ  1 
ATOM   510  N  N   . GLY A 1 70  ? -1.185  -8.636  2.640   1.00 16.86  ? 70   GLY A N   1 
ATOM   511  C  CA  . GLY A 1 70  ? -1.010  -9.170  3.987   1.00 14.94  ? 70   GLY A CA  1 
ATOM   512  C  C   . GLY A 1 70  ? -0.522  -8.098  5.021   1.00 11.23  ? 70   GLY A C   1 
ATOM   513  O  O   . GLY A 1 70  ? -0.882  -8.206  6.194   1.00 22.97  ? 70   GLY A O   1 
ATOM   514  N  N   . LEU A 1 71  ? 0.259   -7.126  4.581   1.00 11.30  ? 71   LEU A N   1 
ATOM   515  C  CA  . LEU A 1 71  ? 0.777   -6.104  5.505   1.00 14.88  ? 71   LEU A CA  1 
ATOM   516  C  C   . LEU A 1 71  ? -0.381  -5.105  5.711   1.00 31.65  ? 71   LEU A C   1 
ATOM   517  O  O   . LEU A 1 71  ? -0.700  -4.782  6.843   1.00 21.81  ? 71   LEU A O   1 
ATOM   518  C  CB  . LEU A 1 71  ? 1.957   -5.340  4.915   1.00 20.35  ? 71   LEU A CB  1 
ATOM   519  C  CG  . LEU A 1 71  ? 2.536   -4.235  5.835   1.00 21.52  ? 71   LEU A CG  1 
ATOM   520  C  CD1 . LEU A 1 71  ? 2.628   -4.701  7.342   1.00 21.39  ? 71   LEU A CD1 1 
ATOM   521  C  CD2 . LEU A 1 71  ? 3.903   -3.832  5.293   1.00 31.51  ? 71   LEU A CD2 1 
ATOM   522  N  N   . VAL A 1 72  ? -0.987  -4.602  4.630   1.00 21.52  ? 72   VAL A N   1 
ATOM   523  C  CA  . VAL A 1 72  ? -2.143  -3.682  4.804   1.00 17.44  ? 72   VAL A CA  1 
ATOM   524  C  C   . VAL A 1 72  ? -3.212  -4.267  5.742   1.00 16.69  ? 72   VAL A C   1 
ATOM   525  O  O   . VAL A 1 72  ? -3.756  -3.559  6.605   1.00 23.08  ? 72   VAL A O   1 
ATOM   526  C  CB  . VAL A 1 72  ? -2.759  -3.232  3.453   1.00 16.58  ? 72   VAL A CB  1 
ATOM   527  C  CG1 . VAL A 1 72  ? -3.986  -2.312  3.682   1.00 18.63  ? 72   VAL A CG1 1 
ATOM   528  C  CG2 . VAL A 1 72  ? -1.731  -2.547  2.656   1.00 18.75  ? 72   VAL A CG2 1 
ATOM   529  N  N   . SER A 1 73  ? -3.536  -5.558  5.600   1.00 14.16  ? 73   SER A N   1 
ATOM   530  C  CA  . SER A 1 73  ? -4.503  -6.135  6.519   1.00 15.38  ? 73   SER A CA  1 
ATOM   531  C  C   . SER A 1 73  ? -4.038  -6.056  7.977   1.00 30.37  ? 73   SER A C   1 
ATOM   532  O  O   . SER A 1 73  ? -4.851  -5.862  8.865   1.00 18.58  ? 73   SER A O   1 
ATOM   533  C  CB  . SER A 1 73  ? -4.903  -7.591  6.199   1.00 19.53  ? 73   SER A CB  1 
ATOM   534  O  OG  . SER A 1 73  ? -5.534  -7.689  4.932   1.00 25.60  ? 73   SER A OG  1 
ATOM   535  N  N   . ASN A 1 74  ? -2.752  -6.284  8.218   1.00 19.72  ? 74   ASN A N   1 
ATOM   536  C  CA  . ASN A 1 74  ? -2.214  -6.226  9.597   1.00 19.34  ? 74   ASN A CA  1 
ATOM   537  C  C   . ASN A 1 74  ? -2.389  -4.788  10.177  1.00 17.10  ? 74   ASN A C   1 
ATOM   538  O  O   . ASN A 1 74  ? -2.853  -4.597  11.324  1.00 23.51  ? 74   ASN A O   1 
ATOM   539  C  CB  . ASN A 1 74  ? -0.685  -6.466  9.465   1.00 20.01  ? 74   ASN A CB  1 
ATOM   540  C  CG  . ASN A 1 74  ? -0.195  -7.572  10.320  1.00 80.67  ? 74   ASN A CG  1 
ATOM   541  O  OD1 . ASN A 1 74  ? -0.047  -7.411  11.544  1.00 63.40  ? 74   ASN A OD1 1 
ATOM   542  N  ND2 . ASN A 1 74  ? -0.004  -8.746  9.699   1.00 54.20  ? 74   ASN A ND2 1 
ATOM   543  N  N   . TRP A 1 75  ? -2.019  -3.797  9.379   1.00 14.69  ? 75   TRP A N   1 
ATOM   544  C  CA  . TRP A 1 75  ? -2.115  -2.416  9.844   1.00 19.79  ? 75   TRP A CA  1 
ATOM   545  C  C   . TRP A 1 75  ? -3.586  -2.052  10.178  1.00 40.06  ? 75   TRP A C   1 
ATOM   546  O  O   . TRP A 1 75  ? -3.873  -1.436  11.209  1.00 18.68  ? 75   TRP A O   1 
ATOM   547  C  CB  . TRP A 1 75  ? -1.559  -1.471  8.764   1.00 16.49  ? 75   TRP A CB  1 
ATOM   548  C  CG  . TRP A 1 75  ? -0.059  -1.376  8.589   1.00 18.12  ? 75   TRP A CG  1 
ATOM   549  C  CD1 . TRP A 1 75  ? 0.903   -1.587  9.548   1.00 18.54  ? 75   TRP A CD1 1 
ATOM   550  C  CD2 . TRP A 1 75  ? 0.647   -1.019  7.399   1.00 15.66  ? 75   TRP A CD2 1 
ATOM   551  N  NE1 . TRP A 1 75  ? 2.154   -1.365  9.016   1.00 23.19  ? 75   TRP A NE1 1 
ATOM   552  C  CE2 . TRP A 1 75  ? 2.030   -0.991  7.709   1.00 18.17  ? 75   TRP A CE2 1 
ATOM   553  C  CE3 . TRP A 1 75  ? 0.251   -0.566  6.152   1.00 20.40  ? 75   TRP A CE3 1 
ATOM   554  C  CZ2 . TRP A 1 75  ? 3.000   -0.623  6.802   1.00 18.92  ? 75   TRP A CZ2 1 
ATOM   555  C  CZ3 . TRP A 1 75  ? 1.222   -0.156  5.252   1.00 18.05  ? 75   TRP A CZ3 1 
ATOM   556  C  CH2 . TRP A 1 75  ? 2.586   -0.194  5.572   1.00 24.51  ? 75   TRP A CH2 1 
ATOM   557  N  N   . VAL A 1 76  ? -4.536  -2.441  9.324   1.00 24.59  ? 76   VAL A N   1 
ATOM   558  C  CA  . VAL A 1 76  ? -5.945  -2.065  9.506   1.00 16.59  ? 76   VAL A CA  1 
ATOM   559  C  C   . VAL A 1 76  ? -6.567  -2.701  10.692  1.00 17.59  ? 76   VAL A C   1 
ATOM   560  O  O   . VAL A 1 76  ? -7.498  -2.204  11.297  1.00 21.23  ? 76   VAL A O   1 
ATOM   561  C  CB  . VAL A 1 76  ? -6.744  -2.361  8.169   1.00 18.11  ? 76   VAL A CB  1 
ATOM   562  C  CG1 . VAL A 1 76  ? -8.205  -2.271  8.345   1.00 35.14  ? 76   VAL A CG1 1 
ATOM   563  C  CG2 . VAL A 1 76  ? -6.285  -1.425  7.119   1.00 14.14  ? 76   VAL A CG2 1 
ATOM   564  N  N   . ASP A 1 77  ? -6.036  -3.843  11.054  1.00 16.32  ? 77   ASP A N   1 
ATOM   565  C  CA  . ASP A 1 77  ? -6.548  -4.558  12.195  1.00 17.93  ? 77   ASP A CA  1 
ATOM   566  C  C   . ASP A 1 77  ? -6.041  -4.002  13.548  1.00 25.35  ? 77   ASP A C   1 
ATOM   567  O  O   . ASP A 1 77  ? -6.442  -4.451  14.609  1.00 27.08  ? 77   ASP A O   1 
ATOM   568  C  CB  . ASP A 1 77  ? -6.063  -5.998  12.075  1.00 19.47  ? 77   ASP A CB  1 
ATOM   569  C  CG  . ASP A 1 77  ? -6.986  -6.839  11.224  1.00 54.53  ? 77   ASP A CG  1 
ATOM   570  O  OD1 . ASP A 1 77  ? -8.161  -6.452  11.085  1.00 64.26  ? 77   ASP A OD1 1 
ATOM   571  O  OD2 . ASP A 1 77  ? -6.539  -7.857  10.659  1.00 89.49  ? 77   ASP A OD2 1 
ATOM   572  N  N   . ASN A 1 78  ? -5.140  -3.046  13.499  1.00 20.26  ? 78   ASN A N   1 
ATOM   573  C  CA  . ASN A 1 78  ? -4.483  -2.582  14.720  1.00 29.83  ? 78   ASN A CA  1 
ATOM   574  C  C   . ASN A 1 78  ? -4.496  -1.074  14.826  1.00 25.55  ? 78   ASN A C   1 
ATOM   575  O  O   . ASN A 1 78  ? -3.555  -0.457  15.354  1.00 20.06  ? 78   ASN A O   1 
ATOM   576  C  CB  . ASN A 1 78  ? -3.011  -3.056  14.658  1.00 19.46  ? 78   ASN A CB  1 
ATOM   577  C  CG  . ASN A 1 78  ? -2.871  -4.519  15.024  1.00 26.88  ? 78   ASN A CG  1 
ATOM   578  O  OD1 . ASN A 1 78  ? -3.200  -4.905  16.136  1.00 33.63  ? 78   ASN A OD1 1 
ATOM   579  N  ND2 . ASN A 1 78  ? -2.549  -5.358  14.058  1.00 26.48  ? 78   ASN A ND2 1 
ATOM   580  N  N   . LEU A 1 79  ? -5.529  -0.463  14.242  1.00 19.40  ? 79   LEU A N   1 
ATOM   581  C  CA  . LEU A 1 79  ? -5.593  0.992   14.251  1.00 23.30  ? 79   LEU A CA  1 
ATOM   582  C  C   . LEU A 1 79  ? -5.704  1.615   15.666  1.00 17.74  ? 79   LEU A C   1 
ATOM   583  O  O   . LEU A 1 79  ? -5.394  2.787   15.838  1.00 24.76  ? 79   LEU A O   1 
ATOM   584  C  CB  . LEU A 1 79  ? -6.747  1.496   13.354  1.00 23.73  ? 79   LEU A CB  1 
ATOM   585  C  CG  . LEU A 1 79  ? -6.451  1.311   11.855  1.00 19.51  ? 79   LEU A CG  1 
ATOM   586  C  CD1 . LEU A 1 79  ? -7.748  1.618   11.071  1.00 32.56  ? 79   LEU A CD1 1 
ATOM   587  C  CD2 . LEU A 1 79  ? -5.369  2.200   11.384  1.00 24.42  ? 79   LEU A CD2 1 
ATOM   588  N  N   . ASP A 1 80  ? -6.193  0.871   16.639  1.00 16.98  ? 80   ASP A N   1 
ATOM   589  C  CA  . ASP A 1 80  ? -6.272  1.413   17.993  1.00 21.67  ? 80   ASP A CA  1 
ATOM   590  C  C   . ASP A 1 80  ? -5.029  1.017   18.804  1.00 40.53  ? 80   ASP A C   1 
ATOM   591  O  O   . ASP A 1 80  ? -5.006  1.189   20.022  1.00 26.17  ? 80   ASP A O   1 
ATOM   592  C  CB  . ASP A 1 80  ? -7.471  0.783   18.687  1.00 22.47  ? 80   ASP A CB  1 
ATOM   593  C  CG  . ASP A 1 80  ? -8.818  1.405   18.263  1.00 22.30  ? 80   ASP A CG  1 
ATOM   594  O  OD1 . ASP A 1 80  ? -8.830  2.438   17.604  1.00 32.59  ? 80   ASP A OD1 1 
ATOM   595  O  OD2 . ASP A 1 80  ? -9.865  0.889   18.643  1.00 32.72  ? 80   ASP A OD2 1 
ATOM   596  N  N   . ASN A 1 81  ? -4.007  0.472   18.151  1.00 27.16  ? 81   ASN A N   1 
ATOM   597  C  CA  . ASN A 1 81  ? -2.836  -0.072  18.843  1.00 21.83  ? 81   ASN A CA  1 
ATOM   598  C  C   . ASN A 1 81  ? -1.522  0.466   18.306  1.00 24.68  ? 81   ASN A C   1 
ATOM   599  O  O   . ASN A 1 81  ? -0.846  -0.175  17.466  1.00 23.64  ? 81   ASN A O   1 
ATOM   600  C  CB  . ASN A 1 81  ? -2.879  -1.609  18.764  1.00 35.49  ? 81   ASN A CB  1 
ATOM   601  C  CG  . ASN A 1 81  ? -1.835  -2.274  19.655  1.00 28.82  ? 81   ASN A CG  1 
ATOM   602  O  OD1 . ASN A 1 81  ? -0.913  -1.624  20.144  1.00 29.33  ? 81   ASN A OD1 1 
ATOM   603  N  ND2 . ASN A 1 81  ? -2.001  -3.551  19.886  1.00 20.17  ? 81   ASN A ND2 1 
ATOM   604  N  N   . ALA A 1 82  ? -1.153  1.653   18.801  1.00 17.14  ? 82   ALA A N   1 
ATOM   605  C  CA  . ALA A 1 82  ? 0.061   2.303   18.289  1.00 24.54  ? 82   ALA A CA  1 
ATOM   606  C  C   . ALA A 1 82  ? 1.316   1.427   18.441  1.00 27.53  ? 82   ALA A C   1 
ATOM   607  O  O   . ALA A 1 82  ? 2.201   1.455   17.589  1.00 20.34  ? 82   ALA A O   1 
ATOM   608  C  CB  . ALA A 1 82  ? 0.286   3.665   18.978  1.00 19.36  ? 82   ALA A CB  1 
ATOM   609  N  N   . GLY A 1 83  ? 1.401   0.716   19.560  1.00 18.05  ? 83   GLY A N   1 
ATOM   610  C  CA  . GLY A 1 83  ? 2.552   -0.171  19.822  1.00 23.16  ? 83   GLY A CA  1 
ATOM   611  C  C   . GLY A 1 83  ? 2.728   -1.220  18.738  1.00 27.50  ? 83   GLY A C   1 
ATOM   612  O  O   . GLY A 1 83  ? 3.849   -1.388  18.245  1.00 25.75  ? 83   GLY A O   1 
ATOM   613  N  N   . ALA A 1 84  ? 1.632   -1.841  18.324  1.00 20.23  ? 84   ALA A N   1 
ATOM   614  C  CA  . ALA A 1 84  ? 1.654   -2.852  17.271  1.00 22.98  ? 84   ALA A CA  1 
ATOM   615  C  C   . ALA A 1 84  ? 2.007   -2.242  15.929  1.00 21.98  ? 84   ALA A C   1 
ATOM   616  O  O   . ALA A 1 84  ? 2.887   -2.765  15.228  1.00 23.95  ? 84   ALA A O   1 
ATOM   617  C  CB  . ALA A 1 84  ? 0.370   -3.603  17.214  1.00 24.30  ? 84   ALA A CB  1 
ATOM   618  N  N   . LEU A 1 85  ? 1.409   -1.093  15.606  1.00 20.40  ? 85   LEU A N   1 
ATOM   619  C  CA  . LEU A 1 85  ? 1.745   -0.359  14.370  1.00 21.64  ? 85   LEU A CA  1 
ATOM   620  C  C   . LEU A 1 85  ? 3.223   -0.026  14.223  1.00 31.01  ? 85   LEU A C   1 
ATOM   621  O  O   . LEU A 1 85  ? 3.824   -0.270  13.165  1.00 23.04  ? 85   LEU A O   1 
ATOM   622  C  CB  . LEU A 1 85  ? 0.911   0.918   14.189  1.00 22.25  ? 85   LEU A CB  1 
ATOM   623  C  CG  . LEU A 1 85  ? -0.569  0.645   13.954  1.00 33.22  ? 85   LEU A CG  1 
ATOM   624  C  CD1 . LEU A 1 85  ? -1.346  2.010   14.052  1.00 27.19  ? 85   LEU A CD1 1 
ATOM   625  C  CD2 . LEU A 1 85  ? -0.836  -0.210  12.638  1.00 17.23  ? 85   LEU A CD2 1 
ATOM   626  N  N   . GLU A 1 86  ? 3.813   0.500   15.304  1.00 21.83  ? 86   GLU A N   1 
ATOM   627  C  CA  . GLU A 1 86  ? 5.235   0.826   15.285  1.00 24.10  ? 86   GLU A CA  1 
ATOM   628  C  C   . GLU A 1 86  ? 6.071   -0.402  14.935  1.00 15.31  ? 86   GLU A C   1 
ATOM   629  O  O   . GLU A 1 86  ? 7.011   -0.270  14.168  1.00 21.54  ? 86   GLU A O   1 
ATOM   630  C  CB  . GLU A 1 86  ? 5.742   1.458   16.612  1.00 24.91  ? 86   GLU A CB  1 
ATOM   631  C  CG  . GLU A 1 86  ? 6.059   2.946   16.520  1.00 65.65  ? 86   GLU A CG  1 
ATOM   632  C  CD  . GLU A 1 86  ? 7.147   3.419   17.472  1.00 100.00 ? 86   GLU A CD  1 
ATOM   633  O  OE1 . GLU A 1 86  ? 7.510   2.675   18.414  1.00 100.00 ? 86   GLU A OE1 1 
ATOM   634  O  OE2 . GLU A 1 86  ? 7.633   4.554   17.276  1.00 100.00 ? 86   GLU A OE2 1 
ATOM   635  N  N   . GLY A 1 87  ? 5.798   -1.545  15.539  1.00 21.08  ? 87   GLY A N   1 
ATOM   636  C  CA  . GLY A 1 87  ? 6.625   -2.693  15.214  1.00 32.86  ? 87   GLY A CA  1 
ATOM   637  C  C   . GLY A 1 87  ? 6.568   -3.087  13.734  1.00 38.78  ? 87   GLY A C   1 
ATOM   638  O  O   . GLY A 1 87  ? 7.592   -3.296  13.075  1.00 21.43  ? 87   GLY A O   1 
ATOM   639  N  N   . GLN A 1 88  ? 5.363   -3.209  13.206  1.00 25.18  ? 88   GLN A N   1 
ATOM   640  C  CA  . GLN A 1 88  ? 5.250   -3.587  11.809  1.00 18.50  ? 88   GLN A CA  1 
ATOM   641  C  C   . GLN A 1 88  ? 5.886   -2.541  10.937  1.00 22.99  ? 88   GLN A C   1 
ATOM   642  O  O   . GLN A 1 88  ? 6.541   -2.862  9.936   1.00 21.71  ? 88   GLN A O   1 
ATOM   643  C  CB  . GLN A 1 88  ? 3.764   -3.762  11.491  1.00 17.60  ? 88   GLN A CB  1 
ATOM   644  C  CG  . GLN A 1 88  ? 3.146   -4.961  12.212  1.00 30.18  ? 88   GLN A CG  1 
ATOM   645  C  CD  . GLN A 1 88  ? 3.612   -6.300  11.613  1.00 89.51  ? 88   GLN A CD  1 
ATOM   646  O  OE1 . GLN A 1 88  ? 4.119   -6.342  10.494  1.00 48.79  ? 88   GLN A OE1 1 
ATOM   647  N  NE2 . GLN A 1 88  ? 3.447   -7.395  12.365  1.00 63.44  ? 88   GLN A NE2 1 
ATOM   648  N  N   . CYS A 1 89  ? 5.667   -1.268  11.283  1.00 20.71  ? 89   CYS A N   1 
ATOM   649  C  CA  . CYS A 1 89  ? 6.243   -0.184  10.507  1.00 12.07  ? 89   CYS A CA  1 
ATOM   650  C  C   . CYS A 1 89  ? 7.758   -0.215  10.439  1.00 16.19  ? 89   CYS A C   1 
ATOM   651  O  O   . CYS A 1 89  ? 8.346   0.167   9.436   1.00 19.31  ? 89   CYS A O   1 
ATOM   652  C  CB  . CYS A 1 89  ? 5.761   1.188   11.020  1.00 22.90  ? 89   CYS A CB  1 
ATOM   653  S  SG  . CYS A 1 89  ? 4.082   1.599   10.406  1.00 25.95  ? 89   CYS A SG  1 
ATOM   654  N  N   . LYS A 1 90  ? 8.407   -0.657  11.512  1.00 24.20  ? 90   LYS A N   1 
ATOM   655  C  CA  . LYS A 1 90  ? 9.876   -0.672  11.545  1.00 23.62  ? 90   LYS A CA  1 
ATOM   656  C  C   . LYS A 1 90  ? 10.485  -1.701  10.569  1.00 17.47  ? 90   LYS A C   1 
ATOM   657  O  O   . LYS A 1 90  ? 11.440  -1.418  9.843   1.00 22.16  ? 90   LYS A O   1 
ATOM   658  C  CB  . LYS A 1 90  ? 10.318  -1.013  12.956  1.00 23.31  ? 90   LYS A CB  1 
ATOM   659  C  CG  . LYS A 1 90  ? 11.730  -0.562  13.252  1.00 43.81  ? 90   LYS A CG  1 
ATOM   660  C  CD  . LYS A 1 90  ? 11.777  0.005   14.691  1.00 100.00 ? 90   LYS A CD  1 
ATOM   661  C  CE  . LYS A 1 90  ? 10.810  -0.720  15.643  1.00 100.00 ? 90   LYS A CE  1 
ATOM   662  N  NZ  . LYS A 1 90  ? 10.174  0.162   16.673  1.00 100.00 ? 90   LYS A NZ  1 
ATOM   663  N  N   . THR A 1 91  ? 9.893   -2.883  10.562  1.00 18.30  ? 91   THR A N   1 
ATOM   664  C  CA  . THR A 1 91  ? 10.364  -3.941  9.674   1.00 24.99  ? 91   THR A CA  1 
ATOM   665  C  C   . THR A 1 91  ? 10.180  -3.514  8.240   1.00 24.26  ? 91   THR A C   1 
ATOM   666  O  O   . THR A 1 91  ? 11.081  -3.627  7.413   1.00 22.43  ? 91   THR A O   1 
ATOM   667  C  CB  . THR A 1 91  ? 9.544   -5.161  9.943   1.00 27.35  ? 91   THR A CB  1 
ATOM   668  O  OG1 . THR A 1 91  ? 9.737   -5.523  11.318  1.00 38.30  ? 91   THR A OG1 1 
ATOM   669  C  CG2 . THR A 1 91  ? 9.907   -6.325  9.059   1.00 29.45  ? 91   THR A CG2 1 
ATOM   670  N  N   . PHE A 1 92  ? 8.989   -2.985  7.987   1.00 18.57  ? 92   PHE A N   1 
ATOM   671  C  CA  . PHE A 1 92  ? 8.602   -2.509  6.680   1.00 22.25  ? 92   PHE A CA  1 
ATOM   672  C  C   . PHE A 1 92  ? 9.566   -1.472  6.168   1.00 23.64  ? 92   PHE A C   1 
ATOM   673  O  O   . PHE A 1 92  ? 10.060  -1.526  5.041   1.00 20.12  ? 92   PHE A O   1 
ATOM   674  C  CB  . PHE A 1 92  ? 7.150   -1.979  6.728   1.00 20.74  ? 92   PHE A CB  1 
ATOM   675  C  CG  . PHE A 1 92  ? 6.762   -1.200  5.492   1.00 19.87  ? 92   PHE A CG  1 
ATOM   676  C  CD1 . PHE A 1 92  ? 6.545   -1.860  4.279   1.00 20.53  ? 92   PHE A CD1 1 
ATOM   677  C  CD2 . PHE A 1 92  ? 6.593   0.185   5.527   1.00 23.52  ? 92   PHE A CD2 1 
ATOM   678  C  CE1 . PHE A 1 92  ? 6.209   -1.137  3.096   1.00 25.37  ? 92   PHE A CE1 1 
ATOM   679  C  CE2 . PHE A 1 92  ? 6.177   0.910   4.379   1.00 30.20  ? 92   PHE A CE2 1 
ATOM   680  C  CZ  . PHE A 1 92  ? 5.980   0.237   3.153   1.00 31.75  ? 92   PHE A CZ  1 
ATOM   681  N  N   . ALA A 1 93  ? 9.850   -0.486  7.005   1.00 18.85  ? 93   ALA A N   1 
ATOM   682  C  CA  . ALA A 1 93  ? 10.770  0.552   6.615   1.00 21.49  ? 93   ALA A CA  1 
ATOM   683  C  C   . ALA A 1 93  ? 12.206  0.025   6.369   1.00 29.93  ? 93   ALA A C   1 
ATOM   684  O  O   . ALA A 1 93  ? 12.857  0.377   5.390   1.00 21.76  ? 93   ALA A O   1 
ATOM   685  C  CB  . ALA A 1 93  ? 10.797  1.614   7.703   1.00 23.90  ? 93   ALA A CB  1 
ATOM   686  N  N   . ALA A 1 94  ? 12.688  -0.837  7.245   1.00 21.30  ? 94   ALA A N   1 
ATOM   687  C  CA  . ALA A 1 94  ? 14.052  -1.358  7.108   1.00 23.00  ? 94   ALA A CA  1 
ATOM   688  C  C   . ALA A 1 94  ? 14.223  -2.100  5.766   1.00 28.06  ? 94   ALA A C   1 
ATOM   689  O  O   . ALA A 1 94  ? 15.233  -1.912  5.036   1.00 22.08  ? 94   ALA A O   1 
ATOM   690  C  CB  . ALA A 1 94  ? 14.346  -2.315  8.312   1.00 20.10  ? 94   ALA A CB  1 
ATOM   691  N  N   . ASN A 1 95  ? 13.247  -2.954  5.453   1.00 20.45  ? 95   ASN A N   1 
ATOM   692  C  CA  . ASN A 1 95  ? 13.326  -3.729  4.204   1.00 17.90  ? 95   ASN A CA  1 
ATOM   693  C  C   . ASN A 1 95  ? 13.282  -2.864  2.967   1.00 25.77  ? 95   ASN A C   1 
ATOM   694  O  O   . ASN A 1 95  ? 14.032  -3.129  2.008   1.00 21.19  ? 95   ASN A O   1 
ATOM   695  C  CB  . ASN A 1 95  ? 12.213  -4.793  4.147   1.00 18.77  ? 95   ASN A CB  1 
ATOM   696  C  CG  . ASN A 1 95  ? 12.404  -5.872  5.200   1.00 35.34  ? 95   ASN A CG  1 
ATOM   697  O  OD1 . ASN A 1 95  ? 11.466  -6.569  5.594   1.00 27.06  ? 95   ASN A OD1 1 
ATOM   698  N  ND2 . ASN A 1 95  ? 13.624  -5.984  5.694   1.00 38.34  ? 95   ASN A ND2 1 
ATOM   699  N  N   . HIS A 1 96  ? 12.408  -1.843  2.954   1.00 19.07  ? 96   HIS A N   1 
ATOM   700  C  CA  . HIS A 1 96  ? 12.322  -0.992  1.754   1.00 19.50  ? 96   HIS A CA  1 
ATOM   701  C  C   . HIS A 1 96  ? 13.485  -0.033  1.611   1.00 18.69  ? 96   HIS A C   1 
ATOM   702  O  O   . HIS A 1 96  ? 13.972  0.198   0.499   1.00 22.87  ? 96   HIS A O   1 
ATOM   703  C  CB  . HIS A 1 96  ? 10.920  -0.289  1.689   1.00 17.43  ? 96   HIS A CB  1 
ATOM   704  C  CG  . HIS A 1 96  ? 9.808   -1.231  1.331   1.00 19.17  ? 96   HIS A CG  1 
ATOM   705  N  ND1 . HIS A 1 96  ? 9.316   -2.208  2.181   1.00 19.04  ? 96   HIS A ND1 1 
ATOM   706  C  CD2 . HIS A 1 96  ? 9.122   -1.361  0.159   1.00 18.74  ? 96   HIS A CD2 1 
ATOM   707  C  CE1 . HIS A 1 96  ? 8.382   -2.908  1.536   1.00 20.57  ? 96   HIS A CE1 1 
ATOM   708  N  NE2 . HIS A 1 96  ? 8.255   -2.405  0.319   1.00 18.54  ? 96   HIS A NE2 1 
ATOM   709  N  N   . LYS A 1 97  ? 13.956  0.526   2.737   1.00 18.44  ? 97   LYS A N   1 
ATOM   710  C  CA  . LYS A 1 97  ? 15.134  1.398   2.696   1.00 23.65  ? 97   LYS A CA  1 
ATOM   711  C  C   . LYS A 1 97  ? 16.345  0.674   2.075   1.00 22.52  ? 97   LYS A C   1 
ATOM   712  O  O   . LYS A 1 97  ? 17.143  1.221   1.309   1.00 19.64  ? 97   LYS A O   1 
ATOM   713  C  CB  . LYS A 1 97  ? 15.617  1.662   4.128   1.00 23.45  ? 97   LYS A CB  1 
ATOM   714  C  CG  . LYS A 1 97  ? 16.566  2.876   4.091   1.00 29.66  ? 97   LYS A CG  1 
ATOM   715  C  CD  . LYS A 1 97  ? 16.496  3.455   2.635   1.00 100.00 ? 97   LYS A CD  1 
ATOM   716  C  CE  . LYS A 1 97  ? 16.248  4.950   2.412   1.00 100.00 ? 97   LYS A CE  1 
ATOM   717  N  NZ  . LYS A 1 97  ? 16.484  5.304   0.927   1.00 60.11  ? 97   LYS A NZ  1 
ATOM   718  N  N   . ALA A 1 98  ? 16.464  -0.586  2.458   1.00 31.57  ? 98   ALA A N   1 
ATOM   719  C  CA  . ALA A 1 98  ? 17.579  -1.361  1.973   1.00 27.16  ? 98   ALA A CA  1 
ATOM   720  C  C   . ALA A 1 98  ? 17.592  -1.495  0.460   1.00 35.31  ? 98   ALA A C   1 
ATOM   721  O  O   . ALA A 1 98  ? 18.601  -1.883  -0.104  1.00 27.28  ? 98   ALA A O   1 
ATOM   722  C  CB  . ALA A 1 98  ? 17.554  -2.697  2.640   1.00 26.61  ? 98   ALA A CB  1 
ATOM   723  N  N   . ARG A 1 99  ? 16.476  -1.170  -0.193  1.00 24.12  ? 99   ARG A N   1 
ATOM   724  C  CA  . ARG A 1 99  ? 16.366  -1.279  -1.641  1.00 21.19  ? 99   ARG A CA  1 
ATOM   725  C  C   . ARG A 1 99  ? 16.574  0.069   -2.253  1.00 27.38  ? 99   ARG A C   1 
ATOM   726  O  O   . ARG A 1 99  ? 16.353  0.228   -3.444  1.00 25.26  ? 99   ARG A O   1 
ATOM   727  C  CB  . ARG A 1 99  ? 14.973  -1.774  -2.062  1.00 32.13  ? 99   ARG A CB  1 
ATOM   728  C  CG  . ARG A 1 99  ? 14.702  -3.188  -1.681  1.00 23.64  ? 99   ARG A CG  1 
ATOM   729  C  CD  . ARG A 1 99  ? 13.226  -3.533  -1.640  1.00 27.19  ? 99   ARG A CD  1 
ATOM   730  N  NE  . ARG A 1 99  ? 13.145  -4.914  -1.201  1.00 29.51  ? 99   ARG A NE  1 
ATOM   731  C  CZ  . ARG A 1 99  ? 12.266  -5.400  -0.351  1.00 26.35  ? 99   ARG A CZ  1 
ATOM   732  N  NH1 . ARG A 1 99  ? 11.326  -4.603  0.179   1.00 24.06  ? 99   ARG A NH1 1 
ATOM   733  N  NH2 . ARG A 1 99  ? 12.369  -6.682  -0.053  1.00 33.27  ? 99   ARG A NH2 1 
ATOM   734  N  N   . GLY A 1 100 ? 16.951  1.057   -1.451  1.00 20.19  ? 100  GLY A N   1 
ATOM   735  C  CA  . GLY A 1 100 ? 17.185  2.369   -2.030  1.00 16.95  ? 100  GLY A CA  1 
ATOM   736  C  C   . GLY A 1 100 ? 15.819  3.065   -2.326  1.00 29.27  ? 100  GLY A C   1 
ATOM   737  O  O   . GLY A 1 100 ? 15.742  3.972   -3.164  1.00 35.46  ? 100  GLY A O   1 
ATOM   738  N  N   . ILE A 1 101 ? 14.738  2.653   -1.686  1.00 22.74  ? 101  ILE A N   1 
ATOM   739  C  CA  . ILE A 1 101 ? 13.420  3.301   -1.962  1.00 19.11  ? 101  ILE A CA  1 
ATOM   740  C  C   . ILE A 1 101 ? 13.274  4.485   -0.971  1.00 29.25  ? 101  ILE A C   1 
ATOM   741  O  O   . ILE A 1 101 ? 13.668  4.363   0.199   1.00 27.39  ? 101  ILE A O   1 
ATOM   742  C  CB  . ILE A 1 101 ? 12.278  2.299   -1.756  1.00 22.57  ? 101  ILE A CB  1 
ATOM   743  C  CG1 . ILE A 1 101 ? 12.218  1.270   -2.906  1.00 22.21  ? 101  ILE A CG1 1 
ATOM   744  C  CG2 . ILE A 1 101 ? 10.916  2.984   -1.627  1.00 21.65  ? 101  ILE A CG2 1 
ATOM   745  C  CD1 . ILE A 1 101 ? 11.438  0.025   -2.464  1.00 24.52  ? 101  ILE A CD1 1 
ATOM   746  N  N   . SER A 1 102 ? 12.836  5.639   -1.459  1.00 24.13  ? 102  SER A N   1 
ATOM   747  C  CA  . SER A 1 102 ? 12.720  6.864   -0.657  1.00 30.31  ? 102  SER A CA  1 
ATOM   748  C  C   . SER A 1 102 ? 11.404  7.013   0.118   1.00 34.67  ? 102  SER A C   1 
ATOM   749  O  O   . SER A 1 102 ? 10.395  6.368   -0.197  1.00 20.20  ? 102  SER A O   1 
ATOM   750  C  CB  . SER A 1 102 ? 13.008  8.089   -1.536  1.00 21.91  ? 102  SER A CB  1 
ATOM   751  O  OG  . SER A 1 102 ? 11.899  8.419   -2.371  1.00 26.75  ? 102  SER A OG  1 
ATOM   752  N  N   . ALA A 1 103 ? 11.409  7.827   1.173   1.00 22.44  ? 103  ALA A N   1 
ATOM   753  C  CA  . ALA A 1 103 ? 10.160  8.049   1.888   1.00 22.73  ? 103  ALA A CA  1 
ATOM   754  C  C   . ALA A 1 103 ? 9.091   8.640   0.915   1.00 16.07  ? 103  ALA A C   1 
ATOM   755  O  O   . ALA A 1 103 ? 7.897   8.291   1.002   1.00 22.56  ? 103  ALA A O   1 
ATOM   756  C  CB  . ALA A 1 103 ? 10.384  9.002   3.077   1.00 26.60  ? 103  ALA A CB  1 
ATOM   757  N  N   . GLY A 1 104 ? 9.542   9.479   -0.016  1.00 18.04  ? 104  GLY A N   1 
ATOM   758  C  CA  . GLY A 1 104 ? 8.661   10.122  -1.000  1.00 25.21  ? 104  GLY A CA  1 
ATOM   759  C  C   . GLY A 1 104 ? 7.942   9.087   -1.861  1.00 44.97  ? 104  GLY A C   1 
ATOM   760  O  O   . GLY A 1 104 ? 6.753   9.215   -2.158  1.00 23.95  ? 104  GLY A O   1 
ATOM   761  N  N   . GLN A 1 105 ? 8.649   8.028   -2.243  1.00 27.11  ? 105  GLN A N   1 
ATOM   762  C  CA  . GLN A 1 105 ? 7.987   6.991   -3.021  1.00 23.49  ? 105  GLN A CA  1 
ATOM   763  C  C   . GLN A 1 105 ? 6.937   6.227   -2.223  1.00 20.07  ? 105  GLN A C   1 
ATOM   764  O  O   . GLN A 1 105 ? 5.931   5.793   -2.773  1.00 26.24  ? 105  GLN A O   1 
ATOM   765  C  CB  . GLN A 1 105 ? 9.017   6.028   -3.608  1.00 18.08  ? 105  GLN A CB  1 
ATOM   766  C  CG  . GLN A 1 105 ? 9.894   6.710   -4.686  1.00 19.84  ? 105  GLN A CG  1 
ATOM   767  C  CD  . GLN A 1 105 ? 11.127  5.886   -5.162  1.00 47.86  ? 105  GLN A CD  1 
ATOM   768  O  OE1 . GLN A 1 105 ? 11.440  5.838   -6.361  1.00 29.64  ? 105  GLN A OE1 1 
ATOM   769  N  NE2 . GLN A 1 105 ? 11.827  5.265   -4.229  1.00 21.41  ? 105  GLN A NE2 1 
ATOM   770  N  N   . LEU A 1 106 ? 7.191   5.974   -0.941  1.00 21.17  ? 106  LEU A N   1 
ATOM   771  C  CA  . LEU A 1 106 ? 6.211   5.242   -0.133  1.00 24.39  ? 106  LEU A CA  1 
ATOM   772  C  C   . LEU A 1 106 ? 4.919   6.075   -0.071  1.00 30.82  ? 106  LEU A C   1 
ATOM   773  O  O   . LEU A 1 106 ? 3.792   5.572   -0.119  1.00 23.44  ? 106  LEU A O   1 
ATOM   774  C  CB  . LEU A 1 106 ? 6.771   5.008   1.276   1.00 22.82  ? 106  LEU A CB  1 
ATOM   775  C  CG  . LEU A 1 106 ? 7.989   4.050   1.265   1.00 25.76  ? 106  LEU A CG  1 
ATOM   776  C  CD1 . LEU A 1 106 ? 8.524   3.733   2.682   1.00 28.16  ? 106  LEU A CD1 1 
ATOM   777  C  CD2 . LEU A 1 106 ? 7.604   2.737   0.591   1.00 32.90  ? 106  LEU A CD2 1 
ATOM   778  N  N   . GLU A 1 107 ? 5.141   7.365   0.090   1.00 26.93  ? 107  GLU A N   1 
ATOM   779  C  CA  . GLU A 1 107 ? 4.088   8.315   0.199   1.00 25.30  ? 107  GLU A CA  1 
ATOM   780  C  C   . GLU A 1 107 ? 3.256   8.320   -1.109  1.00 23.33  ? 107  GLU A C   1 
ATOM   781  O  O   . GLU A 1 107 ? 2.018   8.376   -1.082  1.00 23.41  ? 107  GLU A O   1 
ATOM   782  C  CB  . GLU A 1 107 ? 4.776   9.655   0.414   1.00 26.76  ? 107  GLU A CB  1 
ATOM   783  C  CG  . GLU A 1 107 ? 3.851   10.749  0.787   1.00 47.99  ? 107  GLU A CG  1 
ATOM   784  C  CD  . GLU A 1 107 ? 4.426   11.615  1.875   1.00 100.00 ? 107  GLU A CD  1 
ATOM   785  O  OE1 . GLU A 1 107 ? 5.669   11.650  2.041   1.00 87.37  ? 107  GLU A OE1 1 
ATOM   786  O  OE2 . GLU A 1 107 ? 3.618   12.237  2.584   1.00 97.62  ? 107  GLU A OE2 1 
ATOM   787  N  N   . ALA A 1 108 ? 3.922   8.196   -2.241  1.00 23.91  ? 108  ALA A N   1 
ATOM   788  C  CA  . ALA A 1 108 ? 3.199   8.183   -3.517  1.00 26.46  ? 108  ALA A CA  1 
ATOM   789  C  C   . ALA A 1 108 ? 2.266   6.989   -3.547  1.00 22.01  ? 108  ALA A C   1 
ATOM   790  O  O   . ALA A 1 108 ? 1.143   7.064   -4.047  1.00 25.37  ? 108  ALA A O   1 
ATOM   791  C  CB  . ALA A 1 108 ? 4.180   8.147   -4.721  1.00 30.23  ? 108  ALA A CB  1 
ATOM   792  N  N   . ALA A 1 109 ? 2.735   5.853   -3.036  1.00 22.00  ? 109  ALA A N   1 
ATOM   793  C  CA  . ALA A 1 109 ? 1.913   4.634   -3.010  1.00 26.31  ? 109  ALA A CA  1 
ATOM   794  C  C   . ALA A 1 109 ? 0.679   4.821   -2.138  1.00 26.07  ? 109  ALA A C   1 
ATOM   795  O  O   . ALA A 1 109 ? -0.414  4.368   -2.496  1.00 16.99  ? 109  ALA A O   1 
ATOM   796  C  CB  . ALA A 1 109 ? 2.717   3.351   -2.526  1.00 22.06  ? 109  ALA A CB  1 
ATOM   797  N  N   . PHE A 1 110 ? 0.835   5.423   -0.960  1.00 19.08  ? 110  PHE A N   1 
ATOM   798  C  CA  . PHE A 1 110 ? -0.365  5.612   -0.148  1.00 21.95  ? 110  PHE A CA  1 
ATOM   799  C  C   . PHE A 1 110 ? -1.380  6.572   -0.843  1.00 16.17  ? 110  PHE A C   1 
ATOM   800  O  O   . PHE A 1 110 ? -2.604  6.369   -0.743  1.00 26.02  ? 110  PHE A O   1 
ATOM   801  C  CB  . PHE A 1 110 ? 0.025   6.190   1.193   1.00 19.48  ? 110  PHE A CB  1 
ATOM   802  C  CG  . PHE A 1 110 ? 0.497   5.150   2.185   1.00 17.00  ? 110  PHE A CG  1 
ATOM   803  C  CD1 . PHE A 1 110 ? -0.366  4.178   2.646   1.00 21.21  ? 110  PHE A CD1 1 
ATOM   804  C  CD2 . PHE A 1 110 ? 1.780   5.230   2.730   1.00 21.42  ? 110  PHE A CD2 1 
ATOM   805  C  CE1 . PHE A 1 110 ? 0.044   3.258   3.608   1.00 29.43  ? 110  PHE A CE1 1 
ATOM   806  C  CE2 . PHE A 1 110 ? 2.185   4.321   3.700   1.00 19.16  ? 110  PHE A CE2 1 
ATOM   807  C  CZ  . PHE A 1 110 ? 1.332   3.317   4.112   1.00 22.70  ? 110  PHE A CZ  1 
ATOM   808  N  N   . LYS A 1 111 ? -0.863  7.574   -1.549  1.00 17.55  ? 111  LYS A N   1 
ATOM   809  C  CA  . LYS A 1 111 ? -1.753  8.474   -2.254  1.00 21.96  ? 111  LYS A CA  1 
ATOM   810  C  C   . LYS A 1 111 ? -2.554  7.688   -3.316  1.00 33.81  ? 111  LYS A C   1 
ATOM   811  O  O   . LYS A 1 111 ? -3.755  7.857   -3.431  1.00 20.60  ? 111  LYS A O   1 
ATOM   812  C  CB  . LYS A 1 111 ? -0.944  9.566   -2.934  1.00 24.52  ? 111  LYS A CB  1 
ATOM   813  C  CG  . LYS A 1 111 ? -1.715  10.830  -3.291  1.00 100.00 ? 111  LYS A CG  1 
ATOM   814  C  CD  . LYS A 1 111 ? -0.884  12.107  -3.057  1.00 100.00 ? 111  LYS A CD  1 
ATOM   815  C  CE  . LYS A 1 111 ? -0.624  12.405  -1.559  1.00 100.00 ? 111  LYS A CE  1 
ATOM   816  N  NZ  . LYS A 1 111 ? -0.330  13.851  -1.201  1.00 100.00 ? 111  LYS A NZ  1 
ATOM   817  N  N   . VAL A 1 112 ? -1.893  6.910   -4.171  1.00 22.34  ? 112  VAL A N   1 
ATOM   818  C  CA  . VAL A 1 112 ? -2.623  6.164   -5.191  1.00 21.20  ? 112  VAL A CA  1 
ATOM   819  C  C   . VAL A 1 112 ? -3.640  5.231   -4.515  1.00 19.90  ? 112  VAL A C   1 
ATOM   820  O  O   . VAL A 1 112 ? -4.786  5.134   -4.928  1.00 20.10  ? 112  VAL A O   1 
ATOM   821  C  CB  . VAL A 1 112 ? -1.654  5.356   -6.069  1.00 25.87  ? 112  VAL A CB  1 
ATOM   822  C  CG1 . VAL A 1 112 ? -2.410  4.325   -6.942  1.00 22.33  ? 112  VAL A CG1 1 
ATOM   823  C  CG2 . VAL A 1 112 ? -0.721  6.313   -6.823  1.00 21.25  ? 112  VAL A CG2 1 
ATOM   824  N  N   . LEU A 1 113 ? -3.253  4.559   -3.439  1.00 16.42  ? 113  LEU A N   1 
ATOM   825  C  CA  . LEU A 1 113 ? -4.174  3.682   -2.778  1.00 10.70  ? 113  LEU A CA  1 
ATOM   826  C  C   . LEU A 1 113 ? -5.413  4.443   -2.215  1.00 24.37  ? 113  LEU A C   1 
ATOM   827  O  O   . LEU A 1 113 ? -6.523  3.914   -2.183  1.00 17.20  ? 113  LEU A O   1 
ATOM   828  C  CB  . LEU A 1 113 ? -3.459  2.987   -1.621  1.00 13.63  ? 113  LEU A CB  1 
ATOM   829  C  CG  . LEU A 1 113 ? -4.291  2.116   -0.685  1.00 20.55  ? 113  LEU A CG  1 
ATOM   830  C  CD1 . LEU A 1 113 ? -4.905  0.829   -1.324  1.00 24.62  ? 113  LEU A CD1 1 
ATOM   831  C  CD2 . LEU A 1 113 ? -3.436  1.705   0.508   1.00 16.57  ? 113  LEU A CD2 1 
ATOM   832  N  N   . SER A 1 114 ? -5.229  5.647   -1.678  1.00 20.18  ? 114  SER A N   1 
ATOM   833  C  CA  . SER A 1 114 ? -6.386  6.356   -1.098  1.00 22.91  ? 114  SER A CA  1 
ATOM   834  C  C   . SER A 1 114 ? -7.415  6.652   -2.226  1.00 16.87  ? 114  SER A C   1 
ATOM   835  O  O   . SER A 1 114 ? -8.617  6.391   -2.050  1.00 22.31  ? 114  SER A O   1 
ATOM   836  C  CB  . SER A 1 114 ? -5.924  7.658   -0.430  1.00 22.10  ? 114  SER A CB  1 
ATOM   837  O  OG  . SER A 1 114 ? -5.293  8.500   -1.374  1.00 55.89  ? 114  SER A OG  1 
ATOM   838  N  N   . GLY A 1 115 ? -6.931  7.077   -3.383  1.00 17.33  ? 115  GLY A N   1 
ATOM   839  C  CA  . GLY A 1 115 ? -7.791  7.289   -4.550  1.00 18.50  ? 115  GLY A CA  1 
ATOM   840  C  C   . GLY A 1 115 ? -8.484  6.003   -5.026  1.00 32.49  ? 115  GLY A C   1 
ATOM   841  O  O   . GLY A 1 115 ? -9.665  6.014   -5.434  1.00 18.93  ? 115  GLY A O   1 
ATOM   842  N  N   . PHE A 1 116 ? -7.732  4.909   -5.053  1.00 22.43  ? 116  PHE A N   1 
ATOM   843  C  CA  . PHE A 1 116 ? -8.240  3.617   -5.540  1.00 18.78  ? 116  PHE A CA  1 
ATOM   844  C  C   . PHE A 1 116 ? -9.359  3.066   -4.669  1.00 25.52  ? 116  PHE A C   1 
ATOM   845  O  O   . PHE A 1 116 ? -10.247 2.369   -5.182  1.00 21.86  ? 116  PHE A O   1 
ATOM   846  C  CB  . PHE A 1 116 ? -7.063  2.583   -5.596  1.00 18.81  ? 116  PHE A CB  1 
ATOM   847  C  CG  . PHE A 1 116 ? -7.381  1.221   -6.209  1.00 15.31  ? 116  PHE A CG  1 
ATOM   848  C  CD1 . PHE A 1 116 ? -7.877  0.181   -5.412  1.00 19.75  ? 116  PHE A CD1 1 
ATOM   849  C  CD2 . PHE A 1 116 ? -7.043  0.937   -7.527  1.00 32.49  ? 116  PHE A CD2 1 
ATOM   850  C  CE1 . PHE A 1 116 ? -7.997  -1.101  -5.927  1.00 22.10  ? 116  PHE A CE1 1 
ATOM   851  C  CE2 . PHE A 1 116 ? -7.197  -0.323  -8.036  1.00 28.04  ? 116  PHE A CE2 1 
ATOM   852  C  CZ  . PHE A 1 116 ? -7.673  -1.341  -7.227  1.00 27.97  ? 116  PHE A CZ  1 
ATOM   853  N  N   . MET A 1 117 ? -9.305  3.336   -3.363  1.00 12.46  ? 117  MET A N   1 
ATOM   854  C  CA  . MET A 1 117 ? -10.251 2.796   -2.419  1.00 14.23  ? 117  MET A CA  1 
ATOM   855  C  C   . MET A 1 117 ? -11.674 3.406   -2.540  1.00 9.42   ? 117  MET A C   1 
ATOM   856  O  O   . MET A 1 117 ? -12.639 2.851   -2.006  1.00 15.48  ? 117  MET A O   1 
ATOM   857  C  CB  . MET A 1 117 ? -9.676  2.908   -0.989  1.00 21.42  ? 117  MET A CB  1 
ATOM   858  C  CG  . MET A 1 117 ? -8.488  1.910   -0.710  1.00 22.06  ? 117  MET A CG  1 
ATOM   859  S  SD  . MET A 1 117 ? -9.006  0.200   -0.981  1.00 18.97  ? 117  MET A SD  1 
ATOM   860  C  CE  . MET A 1 117 ? -10.189 -0.103  0.129   1.00 10.85  ? 117  MET A CE  1 
ATOM   861  N  N   . LYS A 1 118 ? -11.777 4.460   -3.338  1.00 14.28  ? 118  LYS A N   1 
ATOM   862  C  CA  . LYS A 1 118 ? -13.108 5.083   -3.512  1.00 22.45  ? 118  LYS A CA  1 
ATOM   863  C  C   . LYS A 1 118 ? -14.057 4.078   -4.136  1.00 26.12  ? 118  LYS A C   1 
ATOM   864  O  O   . LYS A 1 118 ? -15.219 4.062   -3.814  1.00 18.56  ? 118  LYS A O   1 
ATOM   865  C  CB  . LYS A 1 118 ? -13.034 6.346   -4.378  1.00 15.94  ? 118  LYS A CB  1 
ATOM   866  C  CG  . LYS A 1 118 ? -12.292 7.504   -3.703  1.00 37.11  ? 118  LYS A CG  1 
ATOM   867  C  CD  . LYS A 1 118 ? -12.652 8.892   -4.235  1.00 41.08  ? 118  LYS A CD  1 
ATOM   868  C  CE  . LYS A 1 118 ? -11.903 9.173   -5.518  1.00 52.17  ? 118  LYS A CE  1 
ATOM   869  N  NZ  . LYS A 1 118 ? -10.805 10.163  -5.339  1.00 100.00 ? 118  LYS A NZ  1 
ATOM   870  N  N   . SER A 1 119 ? -13.527 3.175   -4.959  1.00 22.91  ? 119  SER A N   1 
ATOM   871  C  CA  . SER A 1 119 ? -14.309 2.115   -5.578  1.00 19.99  ? 119  SER A CA  1 
ATOM   872  C  C   . SER A 1 119 ? -14.905 1.117   -4.629  1.00 23.76  ? 119  SER A C   1 
ATOM   873  O  O   . SER A 1 119 ? -15.808 0.398   -5.026  1.00 22.38  ? 119  SER A O   1 
ATOM   874  C  CB  . SER A 1 119 ? -13.415 1.361   -6.567  1.00 21.26  ? 119  SER A CB  1 
ATOM   875  O  OG  . SER A 1 119 ? -13.170 2.284   -7.579  1.00 22.73  ? 119  SER A OG  1 
ATOM   876  N  N   . TYR A 1 120 ? -14.335 0.988   -3.430  1.00 13.75  ? 120  TYR A N   1 
ATOM   877  C  CA  . TYR A 1 120 ? -14.805 0.037   -2.457  1.00 13.57  ? 120  TYR A CA  1 
ATOM   878  C  C   . TYR A 1 120 ? -15.544 0.727   -1.283  1.00 18.07  ? 120  TYR A C   1 
ATOM   879  O  O   . TYR A 1 120 ? -15.735 0.115   -0.231  1.00 24.37  ? 120  TYR A O   1 
ATOM   880  C  CB  . TYR A 1 120 ? -13.587 -0.808  -1.951  1.00 15.70  ? 120  TYR A CB  1 
ATOM   881  C  CG  . TYR A 1 120 ? -13.079 -1.637  -3.107  1.00 19.12  ? 120  TYR A CG  1 
ATOM   882  C  CD1 . TYR A 1 120 ? -13.808 -2.780  -3.517  1.00 19.17  ? 120  TYR A CD1 1 
ATOM   883  C  CD2 . TYR A 1 120 ? -12.091 -1.131  -3.944  1.00 18.51  ? 120  TYR A CD2 1 
ATOM   884  C  CE1 . TYR A 1 120 ? -13.455 -3.487  -4.647  1.00 20.57  ? 120  TYR A CE1 1 
ATOM   885  C  CE2 . TYR A 1 120 ? -11.732 -1.836  -5.103  1.00 26.19  ? 120  TYR A CE2 1 
ATOM   886  C  CZ  . TYR A 1 120 ? -12.462 -2.987  -5.454  1.00 25.64  ? 120  TYR A CZ  1 
ATOM   887  O  OH  . TYR A 1 120 ? -12.136 -3.663  -6.607  1.00 22.96  ? 120  TYR A OH  1 
ATOM   888  N  N   . GLY A 1 121 ? -16.034 1.948   -1.530  1.00 24.05  ? 121  GLY A N   1 
ATOM   889  C  CA  . GLY A 1 121 ? -16.783 2.750   -0.548  1.00 19.31  ? 121  GLY A CA  1 
ATOM   890  C  C   . GLY A 1 121 ? -15.833 3.539   0.401   1.00 19.75  ? 121  GLY A C   1 
ATOM   891  O  O   . GLY A 1 121 ? -16.275 4.079   1.433   1.00 24.46  ? 121  GLY A O   1 
ATOM   892  N  N   . GLY A 1 122 ? -14.546 3.576   0.070   1.00 15.48  ? 122  GLY A N   1 
ATOM   893  C  CA  . GLY A 1 122 ? -13.580 4.269   0.908   1.00 17.99  ? 122  GLY A CA  1 
ATOM   894  C  C   . GLY A 1 122 ? -13.747 5.785   0.789   1.00 30.62  ? 122  GLY A C   1 
ATOM   895  O  O   . GLY A 1 122 ? -13.972 6.346   -0.290  1.00 15.29  ? 122  GLY A O   1 
ATOM   896  N  N   . ASP A 1 123 ? -13.637 6.456   1.933   1.00 19.64  ? 123  ASP A N   1 
ATOM   897  C  CA  . ASP A 1 123 ? -13.603 7.907   2.006   1.00 18.93  ? 123  ASP A CA  1 
ATOM   898  C  C   . ASP A 1 123 ? -12.132 8.295   1.832   1.00 14.19  ? 123  ASP A C   1 
ATOM   899  O  O   . ASP A 1 123 ? -11.247 7.958   2.672   1.00 21.19  ? 123  ASP A O   1 
ATOM   900  C  CB  . ASP A 1 123 ? -14.122 8.292   3.421   1.00 21.75  ? 123  ASP A CB  1 
ATOM   901  C  CG  . ASP A 1 123 ? -13.890 9.786   3.772   1.00 14.19  ? 123  ASP A CG  1 
ATOM   902  O  OD1 . ASP A 1 123 ? -13.494 10.603  2.940   1.00 23.37  ? 123  ASP A OD1 1 
ATOM   903  O  OD2 . ASP A 1 123 ? -14.129 10.120  4.931   1.00 25.75  ? 123  ASP A OD2 1 
ATOM   904  N  N   . GLU A 1 124 ? -11.840 9.059   0.796   1.00 10.63  ? 124  GLU A N   1 
ATOM   905  C  CA  . GLU A 1 124 ? -10.467 9.389   0.497   1.00 22.40  ? 124  GLU A CA  1 
ATOM   906  C  C   . GLU A 1 124 ? -9.811  10.147  1.640   1.00 38.09  ? 124  GLU A C   1 
ATOM   907  O  O   . GLU A 1 124 ? -8.605  9.996   1.878   1.00 18.96  ? 124  GLU A O   1 
ATOM   908  C  CB  . GLU A 1 124 ? -10.396 10.156  -0.817  1.00 20.26  ? 124  GLU A CB  1 
ATOM   909  C  CG  . GLU A 1 124 ? -9.033  10.526  -1.260  1.00 24.67  ? 124  GLU A CG  1 
ATOM   910  C  CD  . GLU A 1 124 ? -9.000  10.979  -2.711  1.00 43.89  ? 124  GLU A CD  1 
ATOM   911  O  OE1 . GLU A 1 124 ? -10.011 11.568  -3.178  1.00 44.69  ? 124  GLU A OE1 1 
ATOM   912  O  OE2 . GLU A 1 124 ? -7.954  10.773  -3.366  1.00 47.42  ? 124  GLU A OE2 1 
ATOM   913  N  N   . GLY A 1 125 ? -10.610 10.934  2.354   1.00 21.09  ? 125  GLY A N   1 
ATOM   914  C  CA  . GLY A 1 125 ? -10.054 11.705  3.468   1.00 22.91  ? 125  GLY A CA  1 
ATOM   915  C  C   . GLY A 1 125 ? -9.667  10.734  4.614   1.00 23.92  ? 125  GLY A C   1 
ATOM   916  O  O   . GLY A 1 125 ? -8.627  10.965  5.264   1.00 18.53  ? 125  GLY A O   1 
ATOM   917  N  N   . ALA A 1 126 ? -10.474 9.690   4.845   1.00 17.67  ? 126  ALA A N   1 
ATOM   918  C  CA  . ALA A 1 126 ? -10.155 8.687   5.862   1.00 17.80  ? 126  ALA A CA  1 
ATOM   919  C  C   . ALA A 1 126 ? -8.864  7.911   5.508   1.00 34.75  ? 126  ALA A C   1 
ATOM   920  O  O   . ALA A 1 126 ? -8.008  7.745   6.371   1.00 18.82  ? 126  ALA A O   1 
ATOM   921  C  CB  . ALA A 1 126 ? -11.291 7.736   6.184   1.00 16.79  ? 126  ALA A CB  1 
ATOM   922  N  N   . TRP A 1 127 ? -8.705  7.519   4.245   1.00 17.10  ? 127  TRP A N   1 
ATOM   923  C  CA  . TRP A 1 127 ? -7.498  6.833   3.736   1.00 19.97  ? 127  TRP A CA  1 
ATOM   924  C  C   . TRP A 1 127 ? -6.241  7.731   3.856   1.00 31.38  ? 127  TRP A C   1 
ATOM   925  O  O   . TRP A 1 127 ? -5.158  7.259   4.263   1.00 23.90  ? 127  TRP A O   1 
ATOM   926  C  CB  . TRP A 1 127 ? -7.684  6.163   2.328   1.00 16.93  ? 127  TRP A CB  1 
ATOM   927  C  CG  . TRP A 1 127 ? -8.438  4.809   2.437   1.00 21.53  ? 127  TRP A CG  1 
ATOM   928  C  CD1 . TRP A 1 127 ? -9.804  4.616   2.408   1.00 20.01  ? 127  TRP A CD1 1 
ATOM   929  C  CD2 . TRP A 1 127 ? -7.878  3.517   2.825   1.00 17.66  ? 127  TRP A CD2 1 
ATOM   930  N  NE1 . TRP A 1 127 ? -10.125 3.300   2.752   1.00 22.90  ? 127  TRP A NE1 1 
ATOM   931  C  CE2 . TRP A 1 127 ? -8.955  2.614   2.997   1.00 15.72  ? 127  TRP A CE2 1 
ATOM   932  C  CE3 . TRP A 1 127 ? -6.568  3.045   2.988   1.00 22.16  ? 127  TRP A CE3 1 
ATOM   933  C  CZ2 . TRP A 1 127 ? -8.774  1.261   3.300   1.00 18.55  ? 127  TRP A CZ2 1 
ATOM   934  C  CZ3 . TRP A 1 127 ? -6.382  1.681   3.240   1.00 24.56  ? 127  TRP A CZ3 1 
ATOM   935  C  CH2 . TRP A 1 127 ? -7.475  0.825   3.447   1.00 24.86  ? 127  TRP A CH2 1 
ATOM   936  N  N   . THR A 1 128 ? -6.384  9.026   3.561   1.00 25.67  ? 128  THR A N   1 
ATOM   937  C  CA  . THR A 1 128 ? -5.295  10.012  3.666   1.00 21.08  ? 128  THR A CA  1 
ATOM   938  C  C   . THR A 1 128 ? -4.836  10.223  5.123   1.00 20.06  ? 128  THR A C   1 
ATOM   939  O  O   . THR A 1 128 ? -3.646  10.336  5.382   1.00 23.02  ? 128  THR A O   1 
ATOM   940  C  CB  . THR A 1 128 ? -5.682  11.332  2.973   1.00 25.82  ? 128  THR A CB  1 
ATOM   941  O  OG1 . THR A 1 128 ? -6.013  11.042  1.607   1.00 35.57  ? 128  THR A OG1 1 
ATOM   942  C  CG2 . THR A 1 128 ? -4.525  12.281  2.941   1.00 35.68  ? 128  THR A CG2 1 
ATOM   943  N  N   . ALA A 1 129 ? -5.766  10.165  6.063   1.00 17.82  ? 129  ALA A N   1 
ATOM   944  C  CA  . ALA A 1 129 ? -5.455  10.328  7.492   1.00 21.18  ? 129  ALA A CA  1 
ATOM   945  C  C   . ALA A 1 129 ? -4.673  9.132   7.984   1.00 36.32  ? 129  ALA A C   1 
ATOM   946  O  O   . ALA A 1 129 ? -3.727  9.276   8.775   1.00 24.64  ? 129  ALA A O   1 
ATOM   947  C  CB  . ALA A 1 129 ? -6.736  10.412  8.334   1.00 18.84  ? 129  ALA A CB  1 
ATOM   948  N  N   . VAL A 1 130 ? -5.118  7.942   7.576   1.00 21.37  ? 130  VAL A N   1 
ATOM   949  C  CA  . VAL A 1 130 ? -4.472  6.690   8.001   1.00 21.11  ? 130  VAL A CA  1 
ATOM   950  C  C   . VAL A 1 130 ? -3.018  6.707   7.495   1.00 20.03  ? 130  VAL A C   1 
ATOM   951  O  O   . VAL A 1 130 ? -2.039  6.414   8.227   1.00 23.34  ? 130  VAL A O   1 
ATOM   952  C  CB  . VAL A 1 130 ? -5.257  5.413   7.553   1.00 27.34  ? 130  VAL A CB  1 
ATOM   953  C  CG1 . VAL A 1 130 ? -4.409  4.209   7.745   1.00 29.65  ? 130  VAL A CG1 1 
ATOM   954  C  CG2 . VAL A 1 130 ? -6.462  5.181   8.455   1.00 28.34  ? 130  VAL A CG2 1 
ATOM   955  N  N   . ALA A 1 131 ? -2.876  7.178   6.260   1.00 17.69  ? 131  ALA A N   1 
ATOM   956  C  CA  . ALA A 1 131 ? -1.577  7.213   5.625   1.00 19.01  ? 131  ALA A CA  1 
ATOM   957  C  C   . ALA A 1 131 ? -0.677  8.197   6.367   1.00 28.36  ? 131  ALA A C   1 
ATOM   958  O  O   . ALA A 1 131 ? 0.524   7.939   6.579   1.00 21.10  ? 131  ALA A O   1 
ATOM   959  C  CB  . ALA A 1 131 ? -1.675  7.568   4.144   1.00 19.61  ? 131  ALA A CB  1 
ATOM   960  N  N   . GLY A 1 132 ? -1.257  9.314   6.786   1.00 23.11  ? 132  GLY A N   1 
ATOM   961  C  CA  . GLY A 1 132 ? -0.464  10.303  7.520   1.00 20.04  ? 132  GLY A CA  1 
ATOM   962  C  C   . GLY A 1 132 ? -0.019  9.672   8.871   1.00 16.68  ? 132  GLY A C   1 
ATOM   963  O  O   . GLY A 1 132 ? 1.116   9.912   9.298   1.00 24.77  ? 132  GLY A O   1 
ATOM   964  N  N   . ALA A 1 133 ? -0.890  8.934   9.573   1.00 16.44  ? 133  ALA A N   1 
ATOM   965  C  CA  . ALA A 1 133 ? -0.425  8.372   10.832  1.00 25.70  ? 133  ALA A CA  1 
ATOM   966  C  C   . ALA A 1 133 ? 0.678   7.334   10.597  1.00 42.31  ? 133  ALA A C   1 
ATOM   967  O  O   . ALA A 1 133 ? 1.658   7.290   11.333  1.00 22.26  ? 133  ALA A O   1 
ATOM   968  C  CB  . ALA A 1 133 ? -1.530  7.735   11.566  1.00 19.17  ? 133  ALA A CB  1 
ATOM   969  N  N   . LEU A 1 134 ? 0.502   6.449   9.615   1.00 23.68  ? 134  LEU A N   1 
ATOM   970  C  CA  . LEU A 1 134 ? 1.555   5.460   9.317   1.00 22.78  ? 134  LEU A CA  1 
ATOM   971  C  C   . LEU A 1 134 ? 2.911   6.088   8.927   1.00 31.58  ? 134  LEU A C   1 
ATOM   972  O  O   . LEU A 1 134 ? 3.987   5.668   9.439   1.00 21.63  ? 134  LEU A O   1 
ATOM   973  C  CB  . LEU A 1 134 ? 1.068   4.410   8.302   1.00 19.54  ? 134  LEU A CB  1 
ATOM   974  C  CG  . LEU A 1 134 ? -0.059  3.477   8.755   1.00 25.42  ? 134  LEU A CG  1 
ATOM   975  C  CD1 . LEU A 1 134 ? -0.617  2.598   7.591   1.00 21.98  ? 134  LEU A CD1 1 
ATOM   976  C  CD2 . LEU A 1 134 ? 0.302   2.578   9.924   1.00 25.52  ? 134  LEU A CD2 1 
ATOM   977  N  N   . MET A 1 135 ? 2.866   7.085   8.031   1.00 16.15  ? 135  MET A N   1 
ATOM   978  C  CA  . MET A 1 135 ? 4.063   7.749   7.565   1.00 23.28  ? 135  MET A CA  1 
ATOM   979  C  C   . MET A 1 135 ? 4.818   8.419   8.728   1.00 29.84  ? 135  MET A C   1 
ATOM   980  O  O   . MET A 1 135 ? 6.038   8.561   8.698   1.00 22.39  ? 135  MET A O   1 
ATOM   981  C  CB  . MET A 1 135 ? 3.832   8.757   6.434   1.00 26.66  ? 135  MET A CB  1 
ATOM   982  C  CG  . MET A 1 135 ? 3.519   8.177   5.058   1.00 25.35  ? 135  MET A CG  1 
ATOM   983  S  SD  . MET A 1 135 ? 4.875   7.082   4.441   1.00 26.33  ? 135  MET A SD  1 
ATOM   984  C  CE  . MET A 1 135 ? 6.206   8.175   4.374   1.00 22.38  ? 135  MET A CE  1 
ATOM   985  N  N   . GLY A 1 136 ? 4.089   8.808   9.757   1.00 24.63  ? 136  GLY A N   1 
ATOM   986  C  CA  . GLY A 1 136 ? 4.717   9.425   10.899  1.00 37.36  ? 136  GLY A CA  1 
ATOM   987  C  C   . GLY A 1 136 ? 5.522   8.381   11.659  1.00 35.91  ? 136  GLY A C   1 
ATOM   988  O  O   . GLY A 1 136 ? 6.457   8.746   12.371  1.00 31.61  ? 136  GLY A O   1 
ATOM   989  N  N   . GLU A 1 137 ? 5.143   7.111   11.570  1.00 20.28  ? 137  GLU A N   1 
ATOM   990  C  CA  . GLU A 1 137 ? 5.922   6.062   12.223  1.00 23.25  ? 137  GLU A CA  1 
ATOM   991  C  C   . GLU A 1 137 ? 7.033   5.562   11.294  1.00 30.76  ? 137  GLU A C   1 
ATOM   992  O  O   . GLU A 1 137 ? 8.064   5.170   11.754  1.00 29.53  ? 137  GLU A O   1 
ATOM   993  C  CB  . GLU A 1 137 ? 5.097   4.883   12.727  1.00 17.47  ? 137  GLU A CB  1 
ATOM   994  C  CG  . GLU A 1 137 ? 4.225   5.127   13.889  1.00 27.49  ? 137  GLU A CG  1 
ATOM   995  C  CD  . GLU A 1 137 ? 2.992   4.296   13.816  1.00 9.64   ? 137  GLU A CD  1 
ATOM   996  O  OE1 . GLU A 1 137 ? 2.201   4.498   12.879  1.00 95.56  ? 137  GLU A OE1 1 
ATOM   997  O  OE2 . GLU A 1 137 ? 2.672   3.679   14.817  1.00 33.77  ? 137  GLU A OE2 1 
ATOM   998  N  N   . ILE A 1 138 ? 6.885   5.654   9.984   1.00 22.55  ? 138  ILE A N   1 
ATOM   999  C  CA  . ILE A 1 138 ? 7.879   5.152   9.046   1.00 20.00  ? 138  ILE A CA  1 
ATOM   1000 C  C   . ILE A 1 138 ? 9.034   6.079   8.735   1.00 31.50  ? 138  ILE A C   1 
ATOM   1001 O  O   . ILE A 1 138 ? 10.181  5.664   8.624   1.00 25.23  ? 138  ILE A O   1 
ATOM   1002 C  CB  . ILE A 1 138 ? 7.146   4.856   7.700   1.00 24.30  ? 138  ILE A CB  1 
ATOM   1003 C  CG1 . ILE A 1 138 ? 6.211   3.668   7.882   1.00 25.99  ? 138  ILE A CG1 1 
ATOM   1004 C  CG2 . ILE A 1 138 ? 8.067   4.748   6.457   1.00 22.86  ? 138  ILE A CG2 1 
ATOM   1005 C  CD1 . ILE A 1 138 ? 5.171   3.544   6.768   1.00 27.25  ? 138  ILE A CD1 1 
ATOM   1006 N  N   . GLU A 1 139 ? 8.700   7.339   8.514   1.00 25.10  ? 139  GLU A N   1 
ATOM   1007 C  CA  . GLU A 1 139 ? 9.636   8.339   8.063   1.00 35.41  ? 139  GLU A CA  1 
ATOM   1008 C  C   . GLU A 1 139 ? 10.874  8.367   8.952   1.00 55.68  ? 139  GLU A C   1 
ATOM   1009 O  O   . GLU A 1 139 ? 12.006  8.443   8.456   1.00 43.89  ? 139  GLU A O   1 
ATOM   1010 C  CB  . GLU A 1 139 ? 8.959   9.730   7.992   1.00 38.45  ? 139  GLU A CB  1 
ATOM   1011 C  CG  . GLU A 1 139 ? 9.428   10.707  6.901   1.00 40.83  ? 139  GLU A CG  1 
ATOM   1012 C  CD  . GLU A 1 139 ? 8.335   11.732  6.489   1.00 100.00 ? 139  GLU A CD  1 
ATOM   1013 O  OE1 . GLU A 1 139 ? 7.658   12.279  7.386   1.00 89.63  ? 139  GLU A OE1 1 
ATOM   1014 O  OE2 . GLU A 1 139 ? 8.115   12.005  5.278   1.00 90.56  ? 139  GLU A OE2 1 
ATOM   1015 N  N   . PRO A 1 140 ? 10.677  8.317   10.265  1.00 35.28  ? 140  PRO A N   1 
ATOM   1016 C  CA  . PRO A 1 140 ? 11.846  8.406   11.141  1.00 42.33  ? 140  PRO A CA  1 
ATOM   1017 C  C   . PRO A 1 140 ? 12.816  7.247   10.894  1.00 52.83  ? 140  PRO A C   1 
ATOM   1018 O  O   . PRO A 1 140 ? 13.939  7.244   11.379  1.00 53.90  ? 140  PRO A O   1 
ATOM   1019 C  CB  . PRO A 1 140 ? 11.257  8.281   12.554  1.00 35.44  ? 140  PRO A CB  1 
ATOM   1020 C  CG  . PRO A 1 140 ? 9.834   8.570   12.429  1.00 38.69  ? 140  PRO A CG  1 
ATOM   1021 C  CD  . PRO A 1 140 ? 9.429   8.158   11.026  1.00 32.20  ? 140  PRO A CD  1 
ATOM   1022 N  N   . ASP A 1 141 ? 12.397  6.217   10.178  1.00 42.34  ? 141  ASP A N   1 
ATOM   1023 C  CA  . ASP A 1 141 ? 13.302  5.087   9.961   1.00 30.37  ? 141  ASP A CA  1 
ATOM   1024 C  C   . ASP A 1 141 ? 13.826  5.016   8.534   1.00 32.65  ? 141  ASP A C   1 
ATOM   1025 O  O   . ASP A 1 141 ? 14.410  3.997   8.172   1.00 49.39  ? 141  ASP A O   1 
ATOM   1026 C  CB  . ASP A 1 141 ? 12.563  3.772   10.230  1.00 38.88  ? 141  ASP A CB  1 
ATOM   1027 C  CG  . ASP A 1 141 ? 12.051  3.652   11.645  1.00 64.81  ? 141  ASP A CG  1 
ATOM   1028 O  OD1 . ASP A 1 141 ? 12.841  3.735   12.607  1.00 49.61  ? 141  ASP A OD1 1 
ATOM   1029 O  OD2 . ASP A 1 141 ? 10.842  3.413   11.788  1.00 52.02  ? 141  ASP A OD2 1 
ATOM   1030 N  N   . MET A 1 142 ? 13.501  6.009   7.706   1.00 33.56  ? 142  MET A N   1 
ATOM   1031 C  CA  . MET A 1 142 ? 13.887  6.057   6.288   1.00 40.88  ? 142  MET A CA  1 
ATOM   1032 C  C   . MET A 1 142 ? 14.959  7.129   6.097   1.00 71.13  ? 142  MET A C   1 
ATOM   1033 O  O   . MET A 1 142 ? 16.148  6.863   6.187   1.00 51.24  ? 142  MET A O   1 
ATOM   1034 C  CB  . MET A 1 142 ? 12.721  6.475   5.384   1.00 37.98  ? 142  MET A CB  1 
ATOM   1035 C  CG  . MET A 1 142 ? 11.502  5.617   5.353   1.00 29.19  ? 142  MET A CG  1 
ATOM   1036 S  SD  . MET A 1 142 ? 11.933  4.038   4.661   1.00 35.32  ? 142  MET A SD  1 
ATOM   1037 C  CE  . MET A 1 142 ? 12.400  4.505   2.957   1.00 22.37  ? 142  MET A CE  1 
ATOM   1038 O  OXT . MET A 1 142 ? 17.424  6.249   8.734   1.00 100.00 ? 142  MET A OXT 1 
HETATM 1039 C  CHA . HEM B 2 .   ? 8.180   -6.131  -1.121  1.00 18.13  ? 143  HEM A CHA 1 
HETATM 1040 C  CHB . HEM B 2 .   ? 4.444   -3.956  1.095   1.00 20.32  ? 143  HEM A CHB 1 
HETATM 1041 C  CHC . HEM B 2 .   ? 5.663   0.025   -1.118  1.00 22.10  ? 143  HEM A CHC 1 
HETATM 1042 C  CHD . HEM B 2 .   ? 9.022   -2.180  -3.686  1.00 28.07  ? 143  HEM A CHD 1 
HETATM 1043 C  C1A . HEM B 2 .   ? 7.233   -5.662  -0.228  1.00 22.81  ? 143  HEM A C1A 1 
HETATM 1044 C  C2A . HEM B 2 .   ? 6.862   -6.654  0.756   1.00 22.32  ? 143  HEM A C2A 1 
HETATM 1045 C  C3A . HEM B 2 .   ? 5.802   -6.093  1.378   1.00 21.59  ? 143  HEM A C3A 1 
HETATM 1046 C  C4A . HEM B 2 .   ? 5.531   -4.786  0.799   1.00 20.91  ? 143  HEM A C4A 1 
HETATM 1047 C  CMA . HEM B 2 .   ? 4.964   -6.819  2.443   1.00 12.22  ? 143  HEM A CMA 1 
HETATM 1048 C  CAA . HEM B 2 .   ? 7.331   -8.149  0.896   1.00 18.83  ? 143  HEM A CAA 1 
HETATM 1049 C  CBA . HEM B 2 .   ? 8.120   -8.125  2.226   1.00 23.28  ? 143  HEM A CBA 1 
HETATM 1050 C  CGA . HEM B 2 .   ? 9.506   -7.558  2.014   1.00 28.66  ? 143  HEM A CGA 1 
HETATM 1051 O  O1A . HEM B 2 .   ? 10.443  -8.220  1.492   1.00 32.63  ? 143  HEM A O1A 1 
HETATM 1052 O  O2A . HEM B 2 .   ? 9.743   -6.370  2.255   1.00 25.58  ? 143  HEM A O2A 1 
HETATM 1053 C  C1B . HEM B 2 .   ? 4.428   -2.666  0.562   1.00 13.32  ? 143  HEM A C1B 1 
HETATM 1054 C  C2B . HEM B 2 .   ? 3.431   -1.656  0.942   1.00 14.56  ? 143  HEM A C2B 1 
HETATM 1055 C  C3B . HEM B 2 .   ? 3.820   -0.459  0.517   1.00 25.44  ? 143  HEM A C3B 1 
HETATM 1056 C  C4B . HEM B 2 .   ? 4.855   -0.834  -0.426  1.00 17.84  ? 143  HEM A C4B 1 
HETATM 1057 C  CMB . HEM B 2 .   ? 2.333   -2.215  1.853   1.00 12.82  ? 143  HEM A CMB 1 
HETATM 1058 C  CAB . HEM B 2 .   ? 3.187   0.953   0.669   1.00 21.78  ? 143  HEM A CAB 1 
HETATM 1059 C  CBB . HEM B 2 .   ? 1.942   1.081   1.101   1.00 36.25  ? 143  HEM A CBB 1 
HETATM 1060 C  C1C . HEM B 2 .   ? 6.622   -0.459  -1.979  1.00 17.18  ? 143  HEM A C1C 1 
HETATM 1061 C  C2C . HEM B 2 .   ? 7.099   0.611   -2.816  1.00 21.83  ? 143  HEM A C2C 1 
HETATM 1062 C  C3C . HEM B 2 .   ? 7.974   0.000   -3.618  1.00 21.47  ? 143  HEM A C3C 1 
HETATM 1063 C  C4C . HEM B 2 .   ? 8.023   -1.379  -3.179  1.00 20.32  ? 143  HEM A C4C 1 
HETATM 1064 C  CMC . HEM B 2 .   ? 6.523   1.998   -3.176  1.00 19.51  ? 143  HEM A CMC 1 
HETATM 1065 C  CAC . HEM B 2 .   ? 8.811   0.631   -4.769  1.00 14.15  ? 143  HEM A CAC 1 
HETATM 1066 C  CBC . HEM B 2 .   ? 9.385   1.855   -4.944  1.00 18.02  ? 143  HEM A CBC 1 
HETATM 1067 C  C1D . HEM B 2 .   ? 9.072   -3.444  -3.166  1.00 19.24  ? 143  HEM A C1D 1 
HETATM 1068 C  C2D . HEM B 2 .   ? 9.978   -4.468  -3.710  1.00 20.14  ? 143  HEM A C2D 1 
HETATM 1069 C  C3D . HEM B 2 .   ? 9.866   -5.554  -2.909  1.00 21.55  ? 143  HEM A C3D 1 
HETATM 1070 C  C4D . HEM B 2 .   ? 8.776   -5.258  -1.980  1.00 13.89  ? 143  HEM A C4D 1 
HETATM 1071 C  CMD . HEM B 2 .   ? 10.936  -4.012  -4.820  1.00 20.26  ? 143  HEM A CMD 1 
HETATM 1072 C  CAD . HEM B 2 .   ? 10.666  -6.864  -2.968  1.00 20.31  ? 143  HEM A CAD 1 
HETATM 1073 C  CBD . HEM B 2 .   ? 9.962   -7.675  -4.101  1.00 32.06  ? 143  HEM A CBD 1 
HETATM 1074 C  CGD . HEM B 2 .   ? 10.452  -9.090  -4.333  1.00 49.15  ? 143  HEM A CGD 1 
HETATM 1075 O  O1D . HEM B 2 .   ? 9.906   -10.027 -3.694  1.00 54.29  ? 143  HEM A O1D 1 
HETATM 1076 O  O2D . HEM B 2 .   ? 11.423  -9.268  -5.121  1.00 35.41  ? 143  HEM A O2D 1 
HETATM 1077 N  NA  . HEM B 2 .   ? 6.460   -4.466  -0.188  1.00 13.49  ? 143  HEM A NA  1 
HETATM 1078 N  NB  . HEM B 2 .   ? 5.362   -2.075  -0.205  1.00 17.56  ? 143  HEM A NB  1 
HETATM 1079 N  NC  . HEM B 2 .   ? 7.253   -1.733  -2.080  1.00 10.23  ? 143  HEM A NC  1 
HETATM 1080 N  ND  . HEM B 2 .   ? 8.331   -3.956  -2.130  1.00 19.24  ? 143  HEM A ND  1 
HETATM 1081 FE FE  . HEM B 2 .   ? 6.867   -3.089  -1.171  1.00 20.08  ? 143  HEM A FE  1 
HETATM 1082 S  S   . H2S C 3 .   ? 5.329   -3.801  -2.711  1.00 28.17  ? 1154 H2S A S   1 
HETATM 1083 O  O   . HOH D 4 .   ? 2.650   -9.674  3.631   1.00 18.80  ? 1002 HOH A O   1 
HETATM 1084 O  O   . HOH D 4 .   ? -14.986 8.873   7.513   1.00 27.75  ? 1003 HOH A O   1 
HETATM 1085 O  O   . HOH D 4 .   ? -2.609  2.700   21.379  1.00 25.25  ? 1004 HOH A O   1 
HETATM 1086 O  O   . HOH D 4 .   ? -16.158 9.575   14.921  1.00 26.67  ? 1005 HOH A O   1 
HETATM 1087 O  O   . HOH D 4 .   ? -13.313 -5.211  -8.204  1.00 27.73  ? 1006 HOH A O   1 
HETATM 1088 O  O   . HOH D 4 .   ? -10.675 -11.962 -5.038  1.00 20.78  ? 1007 HOH A O   1 
HETATM 1089 O  O   . HOH D 4 .   ? -11.268 -6.049  -10.145 1.00 32.23  ? 1008 HOH A O   1 
HETATM 1090 O  O   . HOH D 4 .   ? -12.483 11.832  6.614   1.00 26.52  ? 1009 HOH A O   1 
HETATM 1091 O  O   . HOH D 4 .   ? -6.196  2.223   22.559  1.00 36.48  ? 1010 HOH A O   1 
HETATM 1092 O  O   . HOH D 4 .   ? -5.450  0.034   -13.047 1.00 26.82  ? 1011 HOH A O   1 
HETATM 1093 O  O   . HOH D 4 .   ? -13.896 10.424  -0.900  1.00 30.96  ? 1012 HOH A O   1 
HETATM 1094 O  O   . HOH D 4 .   ? 6.091   -5.316  8.659   1.00 32.72  ? 1013 HOH A O   1 
HETATM 1095 O  O   . HOH D 4 .   ? -16.165 -6.688  -2.031  1.00 28.65  ? 1014 HOH A O   1 
HETATM 1096 O  O   . HOH D 4 .   ? 8.415   -0.177  -19.441 1.00 24.57  ? 1015 HOH A O   1 
HETATM 1097 O  O   . HOH D 4 .   ? -1.260  -11.594 -11.994 1.00 35.80  ? 1016 HOH A O   1 
HETATM 1098 O  O   . HOH D 4 .   ? -11.044 -5.108  7.341   1.00 36.55  ? 1018 HOH A O   1 
HETATM 1099 O  O   . HOH D 4 .   ? 8.316   -4.992  4.274   1.00 32.44  ? 1019 HOH A O   1 
HETATM 1100 O  O   . HOH D 4 .   ? 11.785  11.366  -0.313  1.00 34.45  ? 1020 HOH A O   1 
HETATM 1101 O  O   . HOH D 4 .   ? 10.949  -4.558  -15.757 1.00 43.04  ? 1021 HOH A O   1 
HETATM 1102 O  O   . HOH D 4 .   ? -14.123 10.502  17.568  1.00 41.14  ? 1022 HOH A O   1 
HETATM 1103 O  O   . HOH D 4 .   ? 7.690   8.686   -6.842  1.00 34.44  ? 1023 HOH A O   1 
HETATM 1104 O  O   . HOH D 4 .   ? 14.639  6.161   -4.943  1.00 32.64  ? 1024 HOH A O   1 
HETATM 1105 O  O   . HOH D 4 .   ? 14.006  9.401   2.009   1.00 34.51  ? 1025 HOH A O   1 
HETATM 1106 O  O   . HOH D 4 .   ? -7.719  13.732  5.667   1.00 40.59  ? 1026 HOH A O   1 
HETATM 1107 O  O   . HOH D 4 .   ? 2.898   11.556  8.311   1.00 44.34  ? 1027 HOH A O   1 
HETATM 1108 O  O   . HOH D 4 .   ? 8.534   -6.833  -22.139 1.00 37.75  ? 1028 HOH A O   1 
HETATM 1109 O  O   . HOH D 4 .   ? -11.057 5.767   -0.045  1.00 44.86  ? 1030 HOH A O   1 
HETATM 1110 O  O   . HOH D 4 .   ? -15.423 11.604  8.552   1.00 39.34  ? 1032 HOH A O   1 
HETATM 1111 O  O   . HOH D 4 .   ? 7.100   -6.924  12.225  1.00 48.42  ? 1033 HOH A O   1 
HETATM 1112 O  O   . HOH D 4 .   ? -17.593 -4.427  4.636   1.00 37.09  ? 1034 HOH A O   1 
HETATM 1113 O  O   . HOH D 4 .   ? 17.883  -1.122  6.010   1.00 36.86  ? 1035 HOH A O   1 
HETATM 1114 O  O   . HOH D 4 .   ? -3.319  11.474  10.523  1.00 35.95  ? 1039 HOH A O   1 
HETATM 1115 O  O   . HOH D 4 .   ? -2.843  9.601   1.185   1.00 85.71  ? 1040 HOH A O   1 
HETATM 1116 O  O   . HOH D 4 .   ? 0.650   -4.094  12.728  1.00 78.66  ? 1042 HOH A O   1 
HETATM 1117 O  O   . HOH D 4 .   ? -2.651  -11.874 1.728   1.00 53.13  ? 1044 HOH A O   1 
HETATM 1118 O  O   . HOH D 4 .   ? -14.424 6.952   8.114   1.00 100.00 ? 1045 HOH A O   1 
HETATM 1119 O  O   . HOH D 4 .   ? -13.843 3.160   15.068  1.00 41.17  ? 1046 HOH A O   1 
HETATM 1120 O  O   . HOH D 4 .   ? 7.704   -10.533 -16.255 1.00 45.16  ? 1047 HOH A O   1 
HETATM 1121 O  O   . HOH D 4 .   ? 12.457  -2.010  -14.906 1.00 64.06  ? 1048 HOH A O   1 
HETATM 1122 O  O   . HOH D 4 .   ? -5.575  6.286   -7.502  1.00 44.44  ? 1049 HOH A O   1 
HETATM 1123 O  O   . HOH D 4 .   ? 2.173   8.878   13.458  1.00 34.42  ? 1052 HOH A O   1 
HETATM 1124 O  O   . HOH D 4 .   ? 6.189   -9.864  -18.710 1.00 40.54  ? 1053 HOH A O   1 
HETATM 1125 O  O   . HOH D 4 .   ? -13.472 13.000  2.113   1.00 41.71  ? 1054 HOH A O   1 
HETATM 1126 O  O   . HOH D 4 .   ? 11.823  11.462  -3.300  1.00 39.92  ? 1056 HOH A O   1 
HETATM 1127 O  O   . HOH D 4 .   ? -7.736  -6.705  7.909   1.00 51.67  ? 1058 HOH A O   1 
HETATM 1128 O  O   . HOH D 4 .   ? -2.538  5.834   -12.074 1.00 45.75  ? 1060 HOH A O   1 
HETATM 1129 O  O   . HOH D 4 .   ? -1.961  -10.450 7.319   1.00 43.37  ? 1062 HOH A O   1 
HETATM 1130 O  O   . HOH D 4 .   ? 13.652  4.688   -9.090  1.00 55.40  ? 1063 HOH A O   1 
HETATM 1131 O  O   . HOH D 4 .   ? -18.533 -0.241  -3.569  1.00 45.96  ? 1064 HOH A O   1 
HETATM 1132 O  O   . HOH D 4 .   ? -9.129  13.517  11.229  1.00 39.26  ? 1065 HOH A O   1 
HETATM 1133 O  O   . HOH D 4 .   ? -0.278  -7.300  -7.949  1.00 87.38  ? 1066 HOH A O   1 
HETATM 1134 O  O   . HOH D 4 .   ? 6.137   -6.340  14.887  1.00 59.45  ? 1069 HOH A O   1 
HETATM 1135 O  O   . HOH D 4 .   ? -4.334  -11.930 -3.261  1.00 47.29  ? 1070 HOH A O   1 
HETATM 1136 O  O   . HOH D 4 .   ? -3.488  -12.764 -11.363 1.00 50.46  ? 1072 HOH A O   1 
HETATM 1137 O  O   . HOH D 4 .   ? -8.375  -2.020  14.280  1.00 54.54  ? 1073 HOH A O   1 
HETATM 1138 O  O   . HOH D 4 .   ? -3.997  -12.117 -8.834  1.00 48.74  ? 1074 HOH A O   1 
HETATM 1139 O  O   . HOH D 4 .   ? 3.866   -5.134  16.091  1.00 42.04  ? 1075 HOH A O   1 
HETATM 1140 O  O   . HOH D 4 .   ? -3.671  5.330   1.888   1.00 44.78  ? 1077 HOH A O   1 
HETATM 1141 O  O   . HOH D 4 .   ? -11.824 14.863  11.059  1.00 51.84  ? 1081 HOH A O   1 
HETATM 1142 O  O   . HOH D 4 .   ? -0.482  -6.762  20.769  1.00 60.53  ? 1084 HOH A O   1 
HETATM 1143 O  O   . HOH D 4 .   ? 15.398  -5.752  1.808   1.00 54.41  ? 1085 HOH A O   1 
HETATM 1144 O  O   . HOH D 4 .   ? -9.967  -4.955  10.474  1.00 43.44  ? 1089 HOH A O   1 
HETATM 1145 O  O   . HOH D 4 .   ? 7.445   -17.224 -13.419 1.00 62.26  ? 1092 HOH A O   1 
HETATM 1146 O  O   . HOH D 4 .   ? 11.760  8.008   -14.265 1.00 60.75  ? 1093 HOH A O   1 
HETATM 1147 O  O   . HOH D 4 .   ? -8.974  3.091   -10.010 1.00 68.01  ? 1095 HOH A O   1 
HETATM 1148 O  O   . HOH D 4 .   ? 7.251   -10.181 -2.404  1.00 42.92  ? 1096 HOH A O   1 
HETATM 1149 O  O   . HOH D 4 .   ? -11.215 -2.570  -8.458  1.00 59.28  ? 1100 HOH A O   1 
HETATM 1150 O  O   . HOH D 4 .   ? -2.395  -8.994  10.043  1.00 66.40  ? 1101 HOH A O   1 
HETATM 1151 O  O   . HOH D 4 .   ? 4.593   3.321   18.876  1.00 55.69  ? 1108 HOH A O   1 
HETATM 1152 O  O   . HOH D 4 .   ? 12.921  -5.879  -8.170  1.00 39.71  ? 1109 HOH A O   1 
HETATM 1153 O  O   . HOH D 4 .   ? -13.496 14.700  8.827   1.00 60.56  ? 1110 HOH A O   1 
HETATM 1154 O  O   . HOH D 4 .   ? 5.221   11.563  -2.819  1.00 59.07  ? 1112 HOH A O   1 
HETATM 1155 O  O   . HOH D 4 .   ? 13.785  0.824   10.774  1.00 64.73  ? 1114 HOH A O   1 
HETATM 1156 O  O   . HOH D 4 .   ? -6.694  -8.026  -12.656 1.00 39.53  ? 1116 HOH A O   1 
HETATM 1157 O  O   . HOH D 4 .   ? 0.800   9.187   -6.380  1.00 51.24  ? 1119 HOH A O   1 
HETATM 1158 O  O   . HOH D 4 .   ? -6.799  -1.895  16.871  1.00 44.28  ? 1121 HOH A O   1 
HETATM 1159 O  O   . HOH D 4 .   ? 9.819   -10.671 -0.212  1.00 53.06  ? 1122 HOH A O   1 
HETATM 1160 O  O   . HOH D 4 .   ? -12.110 3.260   4.160   1.00 100.00 ? 1123 HOH A O   1 
HETATM 1161 O  O   . HOH D 4 .   ? -8.088  -8.686  4.772   1.00 44.32  ? 1124 HOH A O   1 
HETATM 1162 O  O   . HOH D 4 .   ? -19.456 -1.930  7.768   1.00 46.63  ? 1126 HOH A O   1 
HETATM 1163 O  O   . HOH D 4 .   ? 10.629  -2.494  -13.566 1.00 51.87  ? 1128 HOH A O   1 
HETATM 1164 O  O   . HOH D 4 .   ? 15.020  -7.625  -2.148  1.00 53.10  ? 1131 HOH A O   1 
HETATM 1165 O  O   . HOH D 4 .   ? 7.790   7.176   15.512  1.00 67.87  ? 1133 HOH A O   1 
HETATM 1166 O  O   . HOH D 4 .   ? -11.149 5.562   -8.035  1.00 67.29  ? 1135 HOH A O   1 
HETATM 1167 O  O   . HOH D 4 .   ? -9.388  14.610  9.277   1.00 69.80  ? 1139 HOH A O   1 
HETATM 1168 O  O   . HOH D 4 .   ? 14.601  -2.989  -5.609  1.00 33.83  ? 1140 HOH A O   1 
HETATM 1169 O  O   . HOH D 4 .   ? 6.978   9.817   -9.735  1.00 43.75  ? 1141 HOH A O   1 
HETATM 1170 O  O   . HOH D 4 .   ? -11.299 14.788  4.932   1.00 53.34  ? 1142 HOH A O   1 
HETATM 1171 O  O   . HOH D 4 .   ? 14.907  -3.686  -16.746 1.00 66.79  ? 1143 HOH A O   1 
HETATM 1172 O  O   . HOH D 4 .   ? 10.246  -3.878  14.515  1.00 48.74  ? 1144 HOH A O   1 
HETATM 1173 O  O   . HOH D 4 .   ? -2.511  -14.494 1.528   1.00 50.42  ? 1145 HOH A O   1 
HETATM 1174 O  O   . HOH D 4 .   ? -11.394 -15.103 -4.281  1.00 39.18  ? 1146 HOH A O   1 
HETATM 1175 O  O   . HOH D 4 .   ? 14.676  -5.545  -4.784  1.00 46.93  ? 1148 HOH A O   1 
HETATM 1176 O  O   . HOH D 4 .   ? 0.115   -15.310 -17.973 1.00 58.17  ? 1149 HOH A O   1 
HETATM 1177 O  O   . HOH D 4 .   ? -8.484  -14.051 -4.204  1.00 62.34  ? 1151 HOH A O   1 
HETATM 1178 O  O   . HOH D 4 .   ? -2.363  5.978   20.874  1.00 50.07  ? 1152 HOH A O   1 
HETATM 1179 O  O   . HOH D 4 .   ? -13.067 -9.527  3.342   1.00 38.95  ? 1153 HOH A O   1 
# 
